data_5IS9
#
_entry.id   5IS9
#
_cell.length_a   74.888
_cell.length_b   98.374
_cell.length_c   206.937
_cell.angle_alpha   90.00
_cell.angle_beta   90.00
_cell.angle_gamma   90.00
#
_symmetry.space_group_name_H-M   'P 21 21 2'
#
loop_
_entity.id
_entity.type
_entity.pdbx_description
1 polymer 'Histone-arginine methyltransferase CARM1'
2 non-polymer '(2S)-2-amino-4-[(3-{4-[(2S)-2-amino-2-carboxyethyl]-1H-1,2,3-triazol-1-yl}propyl){[(2R,3S,4R,5R)-5-(6-amino-9H-purin-9-yl)-3,4-dihydroxytetrahydrofuran-2-yl]methyl}amino]butanoic acid (non-preferred name)'
3 non-polymer 1,2-ETHANEDIOL
4 non-polymer DI(HYDROXYETHYL)ETHER
5 non-polymer 1,2-DIMETHOXYETHANE
6 non-polymer 'TETRAETHYLENE GLYCOL'
7 non-polymer 1-METHOXY-2-(2-METHOXYETHOXY)ETHANE
8 water water
#
_entity_poly.entity_id   1
_entity_poly.type   'polypeptide(L)'
_entity_poly.pdbx_seq_one_letter_code
;GHMGHTLERSVFSERTEESSAVQYFQFYGYLSQQQNMMQDYVRTGTYQRAILQNHTDFKDKIVLDVGCGSGILSFFAAQA
GARKIYAVEASTMAQHAEVLVKSNNLTDRIVVIPGKVEEVSLPEQVDIIISEPMGYMLFNERMLESYLHAKKYLKPSGNM
FPTIGDVHLAPFTDEQLYMEQFTKANFWYQPSFHGVDLSALRGAAVDEYFRQPVVDTFDIRILMAKSVKYTVNFLEAKEG
DLHRIEIPFKFHMLHSGLVHGLAFWFDVAFIGSIMTVWLSTAPTEPLTHWYQVRCLFQSPLFAKAGDTLSGTCLLIANKR
QSYDISIVAQVDQTGSKSSNLLDLKNPFFRYTGTTPSPPPG
;
_entity_poly.pdbx_strand_id   A,B,C,D
#
loop_
_chem_comp.id
_chem_comp.type
_chem_comp.name
_chem_comp.formula
6D3 non-polymer '(2S)-2-amino-4-[(3-{4-[(2S)-2-amino-2-carboxyethyl]-1H-1,2,3-triazol-1-yl}propyl){[(2R,3S,4R,5R)-5-(6-amino-9H-purin-9-yl)-3,4-dihydroxytetrahydrofuran-2-yl]methyl}amino]butanoic acid (non-preferred name)' 'C22 H33 N11 O7'
DXE non-polymer 1,2-DIMETHOXYETHANE 'C4 H10 O2'
EDO non-polymer 1,2-ETHANEDIOL 'C2 H6 O2'
M2M non-polymer 1-METHOXY-2-(2-METHOXYETHOXY)ETHANE 'C6 H14 O3'
PEG non-polymer DI(HYDROXYETHYL)ETHER 'C4 H10 O3'
PG4 non-polymer 'TETRAETHYLENE GLYCOL' 'C8 H18 O5'
#
# COMPACT_ATOMS: atom_id res chain seq x y z
N SER A 10 15.70 -36.82 -23.49
CA SER A 10 14.27 -36.97 -23.19
C SER A 10 13.41 -36.56 -24.38
N VAL A 11 12.12 -36.87 -24.31
CA VAL A 11 11.18 -36.50 -25.36
C VAL A 11 11.11 -34.98 -25.47
N PHE A 12 11.16 -34.29 -24.34
CA PHE A 12 11.06 -32.84 -24.34
C PHE A 12 12.26 -32.21 -25.04
N SER A 13 13.46 -32.60 -24.64
CA SER A 13 14.67 -31.99 -25.20
C SER A 13 14.80 -32.27 -26.69
N GLU A 14 14.32 -33.42 -27.12
CA GLU A 14 14.38 -33.80 -28.54
C GLU A 14 13.51 -32.91 -29.44
N ARG A 15 12.43 -32.37 -28.89
CA ARG A 15 11.52 -31.55 -29.68
C ARG A 15 11.65 -30.05 -29.44
N THR A 16 12.59 -29.68 -28.56
CA THR A 16 12.73 -28.27 -28.14
C THR A 16 14.18 -27.79 -28.18
N GLU A 17 14.43 -26.70 -28.89
CA GLU A 17 15.73 -26.06 -28.86
C GLU A 17 16.00 -25.54 -27.47
N GLU A 18 17.18 -25.83 -26.94
CA GLU A 18 17.53 -25.46 -25.58
C GLU A 18 17.26 -23.98 -25.35
N SER A 19 17.62 -23.16 -26.31
CA SER A 19 17.42 -21.72 -26.22
C SER A 19 15.97 -21.36 -25.89
N SER A 20 15.03 -22.01 -26.57
CA SER A 20 13.61 -21.75 -26.35
C SER A 20 13.17 -22.22 -24.97
N ALA A 21 13.66 -23.40 -24.56
CA ALA A 21 13.30 -23.98 -23.27
C ALA A 21 13.74 -23.10 -22.10
N VAL A 22 14.97 -22.59 -22.17
CA VAL A 22 15.50 -21.73 -21.12
C VAL A 22 14.56 -20.52 -20.94
N GLN A 23 14.35 -19.79 -22.03
CA GLN A 23 13.47 -18.62 -22.02
C GLN A 23 12.08 -18.96 -21.49
N TYR A 24 11.56 -20.10 -21.93
CA TYR A 24 10.22 -20.54 -21.58
C TYR A 24 10.07 -20.74 -20.07
N PHE A 25 10.99 -21.48 -19.47
CA PHE A 25 10.86 -21.81 -18.05
C PHE A 25 11.33 -20.67 -17.15
N GLN A 26 12.17 -19.79 -17.66
CA GLN A 26 12.51 -18.58 -16.92
C GLN A 26 11.24 -17.73 -16.77
N PHE A 27 10.48 -17.65 -17.85
CA PHE A 27 9.24 -16.86 -17.86
C PHE A 27 8.29 -17.33 -16.76
N TYR A 28 8.10 -18.63 -16.64
CA TYR A 28 7.16 -19.17 -15.65
C TYR A 28 7.78 -19.25 -14.26
N GLY A 29 9.05 -18.90 -14.14
CA GLY A 29 9.70 -18.85 -12.85
C GLY A 29 9.35 -17.59 -12.07
N TYR A 30 8.69 -16.64 -12.73
CA TYR A 30 8.30 -15.39 -12.09
C TYR A 30 6.96 -15.52 -11.40
N LEU A 31 6.90 -15.08 -10.15
CA LEU A 31 5.66 -15.08 -9.39
C LEU A 31 4.63 -14.18 -10.05
N SER A 32 5.10 -13.10 -10.68
CA SER A 32 4.21 -12.15 -11.34
C SER A 32 3.49 -12.80 -12.52
N GLN A 33 4.15 -13.73 -13.20
CA GLN A 33 3.55 -14.41 -14.33
C GLN A 33 2.51 -15.43 -13.85
N GLN A 34 2.84 -16.13 -12.78
CA GLN A 34 1.88 -17.06 -12.17
C GLN A 34 0.67 -16.25 -11.72
N GLN A 35 0.95 -15.11 -11.09
CA GLN A 35 -0.06 -14.21 -10.59
C GLN A 35 -1.00 -13.76 -11.70
N ASN A 36 -0.45 -13.38 -12.84
CA ASN A 36 -1.26 -12.90 -13.95
C ASN A 36 -2.28 -13.97 -14.36
N MET A 37 -1.82 -15.21 -14.40
CA MET A 37 -2.68 -16.34 -14.74
C MET A 37 -3.68 -16.63 -13.62
N MET A 38 -3.21 -16.57 -12.38
CA MET A 38 -4.06 -16.86 -11.23
C MET A 38 -5.20 -15.84 -11.13
N GLN A 39 -4.93 -14.61 -11.54
CA GLN A 39 -5.91 -13.53 -11.45
C GLN A 39 -6.92 -13.53 -12.61
N ASP A 40 -6.70 -14.37 -13.62
CA ASP A 40 -7.70 -14.58 -14.66
C ASP A 40 -8.80 -15.42 -14.04
N TYR A 41 -9.86 -14.75 -13.56
CA TYR A 41 -10.88 -15.41 -12.75
C TYR A 41 -11.64 -16.49 -13.51
N VAL A 42 -11.88 -16.25 -14.80
CA VAL A 42 -12.55 -17.25 -15.63
C VAL A 42 -11.76 -18.55 -15.56
N ARG A 43 -10.47 -18.45 -15.83
CA ARG A 43 -9.59 -19.61 -15.85
C ARG A 43 -9.55 -20.31 -14.48
N THR A 44 -9.20 -19.56 -13.44
CA THR A 44 -9.01 -20.13 -12.11
C THR A 44 -10.32 -20.62 -11.50
N GLY A 45 -11.37 -19.82 -11.63
CA GLY A 45 -12.66 -20.19 -11.08
C GLY A 45 -13.28 -21.40 -11.73
N THR A 46 -13.18 -21.51 -13.05
CA THR A 46 -13.79 -22.62 -13.77
C THR A 46 -13.07 -23.92 -13.42
N TYR A 47 -11.75 -23.88 -13.29
CA TYR A 47 -10.98 -25.04 -12.87
C TYR A 47 -11.42 -25.48 -11.47
N GLN A 48 -11.58 -24.53 -10.56
CA GLN A 48 -12.01 -24.86 -9.21
C GLN A 48 -13.40 -25.48 -9.23
N ARG A 49 -14.32 -24.87 -9.96
CA ARG A 49 -15.67 -25.42 -10.07
C ARG A 49 -15.65 -26.82 -10.68
N ALA A 50 -14.86 -27.00 -11.74
CA ALA A 50 -14.80 -28.27 -12.44
C ALA A 50 -14.33 -29.40 -11.52
N ILE A 51 -13.36 -29.10 -10.66
CA ILE A 51 -12.77 -30.11 -9.79
C ILE A 51 -13.71 -30.39 -8.63
N LEU A 52 -14.18 -29.33 -7.99
CA LEU A 52 -14.99 -29.46 -6.78
C LEU A 52 -16.38 -30.03 -7.05
N GLN A 53 -16.99 -29.63 -8.16
CA GLN A 53 -18.32 -30.12 -8.51
C GLN A 53 -18.26 -31.57 -9.02
N ASN A 54 -17.07 -32.05 -9.35
CA ASN A 54 -16.85 -33.45 -9.69
C ASN A 54 -15.99 -34.13 -8.62
N HIS A 55 -16.32 -33.88 -7.36
CA HIS A 55 -15.53 -34.35 -6.24
C HIS A 55 -15.35 -35.88 -6.20
N THR A 56 -16.29 -36.62 -6.79
CA THR A 56 -16.18 -38.07 -6.81
C THR A 56 -15.03 -38.53 -7.69
N ASP A 57 -14.63 -37.67 -8.65
CA ASP A 57 -13.48 -37.98 -9.49
C ASP A 57 -12.16 -37.72 -8.77
N PHE A 58 -12.23 -37.18 -7.55
CA PHE A 58 -11.03 -36.82 -6.79
C PHE A 58 -10.97 -37.43 -5.39
N LYS A 59 -12.13 -37.62 -4.79
CA LYS A 59 -12.20 -38.13 -3.41
C LYS A 59 -11.35 -39.38 -3.25
N ASP A 60 -10.34 -39.30 -2.39
CA ASP A 60 -9.47 -40.42 -2.07
C ASP A 60 -8.75 -40.98 -3.30
N LYS A 61 -8.58 -40.15 -4.32
CA LYS A 61 -7.92 -40.57 -5.55
C LYS A 61 -6.47 -40.09 -5.58
N ILE A 62 -5.68 -40.71 -6.45
CA ILE A 62 -4.31 -40.25 -6.73
C ILE A 62 -4.33 -39.37 -7.97
N VAL A 63 -3.72 -38.19 -7.86
CA VAL A 63 -3.78 -37.16 -8.90
C VAL A 63 -2.38 -36.75 -9.35
N LEU A 64 -2.25 -36.45 -10.65
CA LEU A 64 -1.05 -35.84 -11.22
C LEU A 64 -1.40 -34.48 -11.78
N ASP A 65 -0.65 -33.47 -11.34
CA ASP A 65 -0.78 -32.10 -11.82
C ASP A 65 0.41 -31.77 -12.71
N VAL A 66 0.18 -31.71 -14.02
CA VAL A 66 1.27 -31.50 -14.98
C VAL A 66 1.53 -30.00 -15.13
N GLY A 67 2.69 -29.56 -14.67
CA GLY A 67 3.03 -28.15 -14.69
C GLY A 67 2.25 -27.37 -13.65
N CYS A 68 2.50 -27.68 -12.38
CA CYS A 68 1.66 -27.21 -11.29
C CYS A 68 1.80 -25.71 -11.03
N GLY A 69 2.88 -25.11 -11.53
CA GLY A 69 3.15 -23.71 -11.27
C GLY A 69 3.16 -23.41 -9.78
N SER A 70 2.27 -22.49 -9.37
CA SER A 70 2.16 -22.13 -7.96
C SER A 70 1.62 -23.30 -7.13
N GLY A 71 0.93 -24.21 -7.80
CA GLY A 71 0.36 -25.37 -7.14
C GLY A 71 -1.15 -25.25 -6.99
N ILE A 72 -1.72 -24.18 -7.52
CA ILE A 72 -3.11 -23.83 -7.29
C ILE A 72 -4.09 -24.96 -7.64
N LEU A 73 -3.87 -25.66 -8.76
CA LEU A 73 -4.79 -26.73 -9.17
C LEU A 73 -4.65 -27.95 -8.25
N SER A 74 -3.45 -28.17 -7.75
CA SER A 74 -3.23 -29.25 -6.79
C SER A 74 -3.99 -28.99 -5.49
N PHE A 75 -4.05 -27.73 -5.08
CA PHE A 75 -4.80 -27.39 -3.88
C PHE A 75 -6.29 -27.60 -4.10
N PHE A 76 -6.78 -27.27 -5.30
CA PHE A 76 -8.18 -27.55 -5.63
C PHE A 76 -8.44 -29.05 -5.54
N ALA A 77 -7.52 -29.85 -6.03
CA ALA A 77 -7.65 -31.31 -5.92
C ALA A 77 -7.68 -31.73 -4.45
N ALA A 78 -6.92 -31.04 -3.62
CA ALA A 78 -6.92 -31.32 -2.18
C ALA A 78 -8.26 -30.93 -1.56
N GLN A 79 -8.78 -29.78 -1.96
CA GLN A 79 -10.09 -29.34 -1.50
C GLN A 79 -11.18 -30.34 -1.87
N ALA A 80 -10.95 -31.07 -2.97
CA ALA A 80 -11.93 -32.04 -3.46
C ALA A 80 -11.76 -33.41 -2.79
N GLY A 81 -10.72 -33.55 -1.96
CA GLY A 81 -10.56 -34.76 -1.17
C GLY A 81 -9.54 -35.76 -1.68
N ALA A 82 -8.67 -35.32 -2.58
CA ALA A 82 -7.65 -36.20 -3.13
C ALA A 82 -6.75 -36.78 -2.05
N ARG A 83 -6.36 -38.04 -2.23
CA ARG A 83 -5.50 -38.76 -1.30
C ARG A 83 -4.04 -38.33 -1.42
N LYS A 84 -3.58 -38.20 -2.66
CA LYS A 84 -2.21 -37.80 -2.96
C LYS A 84 -2.15 -37.12 -4.31
N ILE A 85 -1.45 -36.00 -4.36
CA ILE A 85 -1.32 -35.24 -5.58
C ILE A 85 0.16 -35.14 -5.88
N TYR A 86 0.58 -35.62 -7.04
CA TYR A 86 1.95 -35.40 -7.50
C TYR A 86 1.97 -34.16 -8.38
N ALA A 87 2.64 -33.11 -7.91
CA ALA A 87 2.66 -31.83 -8.62
C ALA A 87 4.01 -31.58 -9.29
N VAL A 88 4.03 -31.69 -10.62
CA VAL A 88 5.26 -31.62 -11.39
C VAL A 88 5.44 -30.23 -12.00
N GLU A 89 6.63 -29.65 -11.83
CA GLU A 89 6.94 -28.31 -12.33
C GLU A 89 8.43 -28.18 -12.66
N ALA A 90 8.73 -27.68 -13.86
CA ALA A 90 10.11 -27.66 -14.36
C ALA A 90 10.83 -26.34 -14.07
N SER A 91 10.09 -25.24 -13.92
CA SER A 91 10.72 -23.95 -13.63
C SER A 91 11.04 -23.86 -12.14
N THR A 92 11.71 -22.78 -11.75
CA THR A 92 12.08 -22.58 -10.34
C THR A 92 10.85 -22.32 -9.48
N MET A 93 9.69 -22.14 -10.10
CA MET A 93 8.43 -21.99 -9.38
C MET A 93 8.15 -23.20 -8.49
N ALA A 94 8.78 -24.33 -8.79
CA ALA A 94 8.62 -25.54 -7.98
C ALA A 94 9.00 -25.26 -6.53
N GLN A 95 10.00 -24.41 -6.33
CA GLN A 95 10.45 -24.06 -4.99
C GLN A 95 9.37 -23.32 -4.21
N HIS A 96 8.65 -22.44 -4.90
CA HIS A 96 7.62 -21.65 -4.26
C HIS A 96 6.38 -22.50 -3.99
N ALA A 97 6.09 -23.42 -4.92
CA ALA A 97 5.00 -24.36 -4.73
C ALA A 97 5.23 -25.19 -3.47
N GLU A 98 6.47 -25.63 -3.29
CA GLU A 98 6.84 -26.43 -2.12
C GLU A 98 6.59 -25.63 -0.83
N VAL A 99 6.97 -24.36 -0.85
CA VAL A 99 6.75 -23.47 0.28
C VAL A 99 5.26 -23.42 0.62
N LEU A 100 4.41 -23.31 -0.40
CA LEU A 100 2.98 -23.20 -0.18
C LEU A 100 2.35 -24.49 0.36
N VAL A 101 2.85 -25.63 -0.09
CA VAL A 101 2.33 -26.91 0.37
C VAL A 101 2.58 -27.05 1.88
N LYS A 102 3.77 -26.64 2.31
CA LYS A 102 4.11 -26.70 3.73
C LYS A 102 3.30 -25.70 4.54
N SER A 103 3.24 -24.45 4.07
CA SER A 103 2.54 -23.39 4.79
C SER A 103 1.03 -23.67 4.85
N ASN A 104 0.53 -24.52 3.97
CA ASN A 104 -0.88 -24.90 3.96
C ASN A 104 -1.10 -26.28 4.60
N ASN A 105 -0.09 -26.78 5.30
CA ASN A 105 -0.17 -28.06 6.02
C ASN A 105 -0.71 -29.20 5.16
N LEU A 106 -0.16 -29.35 3.96
CA LEU A 106 -0.60 -30.38 3.03
C LEU A 106 0.56 -31.26 2.52
N THR A 107 1.65 -31.32 3.28
CA THR A 107 2.81 -32.11 2.86
C THR A 107 2.47 -33.59 2.80
N ASP A 108 1.48 -34.02 3.57
CA ASP A 108 1.12 -35.42 3.59
C ASP A 108 0.30 -35.84 2.37
N ARG A 109 -0.15 -34.87 1.57
CA ARG A 109 -0.98 -35.18 0.41
C ARG A 109 -0.46 -34.63 -0.91
N ILE A 110 0.20 -33.47 -0.88
CA ILE A 110 0.76 -32.91 -2.11
C ILE A 110 2.27 -33.08 -2.11
N VAL A 111 2.78 -33.71 -3.17
CA VAL A 111 4.21 -33.93 -3.34
C VAL A 111 4.70 -33.18 -4.57
N VAL A 112 5.48 -32.13 -4.36
CA VAL A 112 6.03 -31.36 -5.46
C VAL A 112 7.25 -32.10 -6.02
N ILE A 113 7.26 -32.29 -7.33
CA ILE A 113 8.35 -32.97 -8.00
C ILE A 113 8.97 -32.02 -9.03
N PRO A 114 10.12 -31.42 -8.71
CA PRO A 114 10.76 -30.50 -9.66
C PRO A 114 11.32 -31.24 -10.87
N GLY A 115 11.13 -30.67 -12.05
CA GLY A 115 11.63 -31.27 -13.28
C GLY A 115 10.57 -31.32 -14.37
N LYS A 116 10.98 -31.72 -15.56
CA LYS A 116 10.05 -31.85 -16.67
C LYS A 116 9.31 -33.17 -16.55
N VAL A 117 8.01 -33.17 -16.87
CA VAL A 117 7.18 -34.34 -16.70
C VAL A 117 7.71 -35.47 -17.59
N GLU A 118 8.45 -35.12 -18.65
CA GLU A 118 9.03 -36.11 -19.55
C GLU A 118 10.30 -36.74 -18.98
N GLU A 119 10.78 -36.20 -17.87
CA GLU A 119 12.10 -36.60 -17.36
C GLU A 119 12.03 -37.13 -15.92
N VAL A 120 11.07 -36.64 -15.14
CA VAL A 120 10.94 -37.06 -13.77
C VAL A 120 10.43 -38.49 -13.70
N SER A 121 10.50 -39.06 -12.51
CA SER A 121 9.92 -40.38 -12.26
C SER A 121 8.83 -40.24 -11.21
N LEU A 122 7.68 -40.83 -11.48
CA LEU A 122 6.59 -40.83 -10.51
C LEU A 122 6.60 -42.18 -9.80
N PRO A 123 6.31 -42.18 -8.49
CA PRO A 123 6.38 -43.44 -7.74
C PRO A 123 5.23 -44.42 -8.05
N GLU A 124 4.10 -43.92 -8.54
CA GLU A 124 2.94 -44.78 -8.81
C GLU A 124 2.06 -44.22 -9.91
N GLN A 125 1.13 -45.03 -10.41
CA GLN A 125 0.16 -44.58 -11.40
C GLN A 125 -0.93 -43.75 -10.72
N VAL A 126 -1.58 -42.88 -11.51
CA VAL A 126 -2.55 -41.95 -10.97
C VAL A 126 -3.93 -42.22 -11.56
N ASP A 127 -4.96 -41.76 -10.86
CA ASP A 127 -6.35 -41.96 -11.28
C ASP A 127 -6.79 -40.88 -12.26
N ILE A 128 -6.21 -39.69 -12.14
CA ILE A 128 -6.62 -38.57 -12.95
C ILE A 128 -5.48 -37.57 -13.12
N ILE A 129 -5.35 -37.01 -14.33
CA ILE A 129 -4.36 -35.98 -14.58
C ILE A 129 -5.10 -34.65 -14.72
N ILE A 130 -4.60 -33.63 -14.04
CA ILE A 130 -5.12 -32.29 -14.18
C ILE A 130 -4.02 -31.40 -14.73
N SER A 131 -4.39 -30.40 -15.51
CA SER A 131 -3.40 -29.51 -16.08
C SER A 131 -4.05 -28.33 -16.76
N GLU A 132 -3.24 -27.32 -17.02
CA GLU A 132 -3.64 -26.19 -17.84
C GLU A 132 -2.58 -25.99 -18.90
N PRO A 133 -2.61 -26.82 -19.94
CA PRO A 133 -1.60 -26.77 -20.99
C PRO A 133 -1.96 -25.92 -22.21
N MET A 134 -3.05 -25.18 -22.14
CA MET A 134 -3.54 -24.44 -23.31
C MET A 134 -2.78 -23.14 -23.52
N GLY A 135 -2.36 -22.90 -24.76
CA GLY A 135 -1.77 -21.63 -25.13
C GLY A 135 -2.67 -20.87 -26.09
N TYR A 136 -2.14 -19.80 -26.68
CA TYR A 136 -2.86 -19.09 -27.74
C TYR A 136 -3.34 -20.08 -28.79
N MET A 137 -4.58 -19.88 -29.23
CA MET A 137 -5.27 -20.76 -30.17
C MET A 137 -5.02 -22.22 -29.78
N LEU A 138 -5.02 -22.46 -28.48
CA LEU A 138 -4.88 -23.77 -27.85
C LEU A 138 -3.48 -24.36 -27.91
N PHE A 139 -2.89 -24.40 -29.11
CA PHE A 139 -1.69 -25.21 -29.32
C PHE A 139 -0.36 -24.52 -29.04
N ASN A 140 -0.36 -23.19 -28.93
CA ASN A 140 0.91 -22.48 -28.69
C ASN A 140 1.55 -22.98 -27.41
N GLU A 141 2.89 -23.00 -27.40
CA GLU A 141 3.73 -23.48 -26.29
C GLU A 141 3.96 -24.99 -26.33
N ARG A 142 3.12 -25.70 -27.07
CA ARG A 142 3.27 -27.15 -27.24
C ARG A 142 3.23 -27.91 -25.91
N MET A 143 2.56 -27.34 -24.92
CA MET A 143 2.47 -28.00 -23.62
C MET A 143 1.44 -29.13 -23.64
N LEU A 144 0.54 -29.11 -24.61
CA LEU A 144 -0.43 -30.21 -24.75
C LEU A 144 0.29 -31.54 -24.94
N GLU A 145 1.45 -31.52 -25.59
CA GLU A 145 2.20 -32.75 -25.80
C GLU A 145 2.76 -33.29 -24.48
N SER A 146 3.10 -32.40 -23.56
CA SER A 146 3.55 -32.79 -22.23
C SER A 146 2.40 -33.38 -21.42
N TYR A 147 1.22 -32.83 -21.63
CA TYR A 147 0.00 -33.28 -20.98
C TYR A 147 -0.34 -34.70 -21.43
N LEU A 148 -0.26 -34.93 -22.73
CA LEU A 148 -0.53 -36.22 -23.32
C LEU A 148 0.56 -37.21 -22.94
N HIS A 149 1.80 -36.73 -22.92
CA HIS A 149 2.92 -37.57 -22.54
C HIS A 149 2.72 -38.17 -21.16
N ALA A 150 2.12 -37.39 -20.26
CA ALA A 150 1.93 -37.79 -18.87
C ALA A 150 0.98 -38.98 -18.72
N LYS A 151 0.31 -39.34 -19.80
CA LYS A 151 -0.65 -40.45 -19.79
C LYS A 151 0.05 -41.79 -19.54
N LYS A 152 1.38 -41.80 -19.64
CA LYS A 152 2.15 -43.00 -19.30
C LYS A 152 2.01 -43.31 -17.81
N TYR A 153 1.60 -42.32 -17.02
CA TYR A 153 1.37 -42.52 -15.59
C TYR A 153 -0.10 -42.70 -15.26
N LEU A 154 -0.96 -42.70 -16.27
CA LEU A 154 -2.39 -42.78 -16.03
C LEU A 154 -2.89 -44.22 -16.07
N LYS A 155 -3.72 -44.60 -15.11
CA LYS A 155 -4.32 -45.93 -15.11
C LYS A 155 -5.24 -46.08 -16.31
N PRO A 156 -5.47 -47.33 -16.76
CA PRO A 156 -6.36 -47.58 -17.91
C PRO A 156 -7.74 -46.92 -17.83
N SER A 157 -8.29 -46.78 -16.63
CA SER A 157 -9.59 -46.13 -16.47
C SER A 157 -9.46 -44.67 -16.05
N GLY A 158 -8.25 -44.12 -16.13
CA GLY A 158 -8.02 -42.76 -15.67
C GLY A 158 -8.72 -41.70 -16.49
N ASN A 159 -8.88 -40.53 -15.90
CA ASN A 159 -9.56 -39.42 -16.57
C ASN A 159 -8.57 -38.29 -16.76
N MET A 160 -8.96 -37.30 -17.56
N MET A 160 -8.96 -37.29 -17.54
CA MET A 160 -8.11 -36.14 -17.84
CA MET A 160 -8.09 -36.14 -17.75
C MET A 160 -8.94 -34.88 -17.67
C MET A 160 -8.91 -34.86 -17.69
N PHE A 161 -8.40 -33.91 -16.92
CA PHE A 161 -9.06 -32.63 -16.70
C PHE A 161 -8.11 -31.52 -17.14
N PRO A 162 -8.36 -30.92 -18.31
CA PRO A 162 -9.49 -31.09 -19.23
C PRO A 162 -9.48 -32.40 -20.00
N THR A 163 -10.67 -32.78 -20.49
CA THR A 163 -10.86 -34.05 -21.19
C THR A 163 -10.76 -33.87 -22.70
N ILE A 164 -11.28 -32.76 -23.20
CA ILE A 164 -11.22 -32.47 -24.62
C ILE A 164 -10.94 -31.00 -24.86
N GLY A 165 -10.45 -30.69 -26.05
CA GLY A 165 -10.24 -29.32 -26.46
C GLY A 165 -10.80 -29.08 -27.85
N ASP A 166 -11.57 -28.00 -27.98
CA ASP A 166 -12.14 -27.60 -29.25
C ASP A 166 -11.49 -26.32 -29.73
N VAL A 167 -10.88 -26.35 -30.91
CA VAL A 167 -10.42 -25.13 -31.56
C VAL A 167 -11.46 -24.73 -32.60
N HIS A 168 -11.90 -23.49 -32.54
CA HIS A 168 -12.85 -22.96 -33.49
C HIS A 168 -12.17 -21.99 -34.44
N LEU A 169 -12.52 -22.05 -35.72
CA LEU A 169 -12.03 -21.08 -36.68
C LEU A 169 -13.23 -20.51 -37.41
N ALA A 170 -13.18 -19.23 -37.74
CA ALA A 170 -14.26 -18.59 -38.48
C ALA A 170 -13.71 -17.42 -39.29
N PRO A 171 -14.25 -17.23 -40.51
CA PRO A 171 -13.79 -16.09 -41.31
C PRO A 171 -14.30 -14.75 -40.80
N PHE A 172 -13.48 -13.71 -40.89
CA PHE A 172 -13.87 -12.41 -40.40
C PHE A 172 -13.59 -11.32 -41.42
N THR A 173 -14.29 -10.19 -41.25
CA THR A 173 -14.01 -9.00 -42.02
C THR A 173 -13.61 -7.91 -41.03
N ASP A 174 -12.48 -7.28 -41.28
CA ASP A 174 -11.99 -6.19 -40.46
C ASP A 174 -11.06 -5.31 -41.29
N GLU A 175 -11.66 -4.39 -42.04
CA GLU A 175 -10.92 -3.57 -42.99
C GLU A 175 -9.81 -2.77 -42.30
N GLN A 176 -10.10 -2.27 -41.11
CA GLN A 176 -9.15 -1.45 -40.37
C GLN A 176 -7.92 -2.26 -39.94
N LEU A 177 -8.12 -3.49 -39.50
CA LEU A 177 -6.99 -4.34 -39.12
C LEU A 177 -6.10 -4.59 -40.32
N TYR A 178 -6.73 -4.90 -41.46
CA TYR A 178 -5.98 -5.20 -42.67
C TYR A 178 -5.14 -3.99 -43.11
N MET A 179 -5.78 -2.83 -43.22
N MET A 179 -5.77 -2.83 -43.24
CA MET A 179 -5.12 -1.61 -43.69
CA MET A 179 -5.10 -1.61 -43.69
C MET A 179 -4.00 -1.16 -42.74
C MET A 179 -3.96 -1.22 -42.75
N GLU A 180 -4.17 -1.47 -41.45
CA GLU A 180 -3.18 -1.12 -40.43
C GLU A 180 -1.78 -1.68 -40.76
N GLN A 181 -1.75 -2.85 -41.39
CA GLN A 181 -0.50 -3.51 -41.70
C GLN A 181 0.30 -2.67 -42.71
N PHE A 182 -0.40 -2.11 -43.67
CA PHE A 182 0.26 -1.31 -44.70
C PHE A 182 0.63 0.07 -44.17
N THR A 183 -0.19 0.61 -43.28
CA THR A 183 0.12 1.89 -42.68
C THR A 183 1.46 1.79 -41.95
N LYS A 184 1.66 0.70 -41.21
CA LYS A 184 2.91 0.50 -40.50
C LYS A 184 4.08 0.22 -41.43
N ALA A 185 3.87 -0.65 -42.42
CA ALA A 185 4.93 -1.01 -43.34
C ALA A 185 5.32 0.15 -44.25
N ASN A 186 4.38 1.06 -44.51
CA ASN A 186 4.65 2.15 -45.45
C ASN A 186 5.62 3.17 -44.86
N PHE A 187 6.02 2.96 -43.61
CA PHE A 187 7.13 3.73 -43.06
C PHE A 187 8.34 3.60 -43.96
N TRP A 188 8.55 2.40 -44.51
CA TRP A 188 9.74 2.17 -45.31
C TRP A 188 9.58 2.69 -46.74
N TYR A 189 8.39 3.14 -47.10
CA TYR A 189 8.18 3.59 -48.47
C TYR A 189 8.37 5.11 -48.56
N GLN A 190 9.62 5.54 -48.40
CA GLN A 190 9.95 6.95 -48.50
C GLN A 190 11.35 7.01 -49.11
N PRO A 191 11.56 7.96 -50.03
CA PRO A 191 12.83 8.03 -50.77
C PRO A 191 13.97 8.73 -50.06
N SER A 192 13.71 9.40 -48.95
CA SER A 192 14.77 10.12 -48.25
C SER A 192 14.51 10.28 -46.76
N PHE A 193 14.57 9.17 -46.04
CA PHE A 193 14.53 9.20 -44.60
C PHE A 193 15.93 9.61 -44.12
N HIS A 194 16.07 10.87 -43.71
CA HIS A 194 17.38 11.40 -43.35
C HIS A 194 18.38 11.16 -44.49
N GLY A 195 17.91 11.30 -45.72
CA GLY A 195 18.76 11.15 -46.89
C GLY A 195 18.87 9.73 -47.42
N VAL A 196 18.18 8.79 -46.79
CA VAL A 196 18.26 7.39 -47.20
C VAL A 196 16.94 6.93 -47.82
N ASP A 197 17.03 6.28 -48.97
CA ASP A 197 15.87 5.70 -49.62
C ASP A 197 15.59 4.33 -49.03
N LEU A 198 14.49 4.21 -48.31
CA LEU A 198 14.17 2.98 -47.58
C LEU A 198 13.24 2.04 -48.35
N SER A 199 12.72 2.52 -49.48
CA SER A 199 11.60 1.86 -50.15
C SER A 199 11.85 0.39 -50.48
N ALA A 200 13.10 0.00 -50.67
CA ALA A 200 13.43 -1.37 -51.08
C ALA A 200 13.02 -2.41 -50.03
N LEU A 201 12.84 -1.98 -48.79
CA LEU A 201 12.50 -2.90 -47.71
C LEU A 201 11.02 -2.93 -47.40
N ARG A 202 10.22 -2.18 -48.16
CA ARG A 202 8.80 -2.08 -47.86
C ARG A 202 8.13 -3.45 -47.98
N GLY A 203 8.49 -4.20 -49.02
CA GLY A 203 7.97 -5.53 -49.22
C GLY A 203 8.24 -6.46 -48.07
N ALA A 204 9.49 -6.47 -47.60
CA ALA A 204 9.89 -7.30 -46.48
C ALA A 204 9.17 -6.91 -45.18
N ALA A 205 8.95 -5.61 -45.00
CA ALA A 205 8.24 -5.12 -43.83
C ALA A 205 6.79 -5.61 -43.83
N VAL A 206 6.11 -5.47 -44.95
CA VAL A 206 4.75 -5.98 -45.10
C VAL A 206 4.68 -7.46 -44.76
N ASP A 207 5.59 -8.24 -45.34
N ASP A 207 5.59 -8.24 -45.33
CA ASP A 207 5.64 -9.68 -45.11
CA ASP A 207 5.62 -9.68 -45.10
C ASP A 207 5.78 -9.99 -43.63
C ASP A 207 5.75 -9.97 -43.61
N GLU A 208 6.64 -9.24 -42.95
CA GLU A 208 6.90 -9.45 -41.55
C GLU A 208 5.63 -9.22 -40.73
N TYR A 209 4.90 -8.15 -41.03
CA TYR A 209 3.69 -7.86 -40.26
C TYR A 209 2.61 -8.94 -40.49
N PHE A 210 2.48 -9.44 -41.71
CA PHE A 210 1.42 -10.42 -41.98
C PHE A 210 1.75 -11.79 -41.41
N ARG A 211 3.01 -12.04 -41.09
CA ARG A 211 3.42 -13.31 -40.48
C ARG A 211 3.04 -13.40 -39.01
N GLN A 212 2.62 -12.28 -38.42
CA GLN A 212 2.27 -12.27 -37.01
C GLN A 212 0.77 -12.53 -36.77
N PRO A 213 0.44 -13.61 -36.06
CA PRO A 213 -0.97 -13.69 -35.67
C PRO A 213 -1.32 -12.55 -34.70
N VAL A 214 -2.55 -12.04 -34.78
CA VAL A 214 -2.97 -10.89 -33.99
C VAL A 214 -3.76 -11.32 -32.76
N VAL A 215 -3.19 -11.05 -31.60
CA VAL A 215 -3.84 -11.35 -30.34
C VAL A 215 -4.59 -10.13 -29.83
N ASP A 216 -5.91 -10.25 -29.82
CA ASP A 216 -6.78 -9.29 -29.14
C ASP A 216 -8.20 -9.81 -29.27
N THR A 217 -9.17 -9.00 -28.87
CA THR A 217 -10.56 -9.40 -28.96
C THR A 217 -11.26 -8.56 -30.01
N PHE A 218 -12.53 -8.89 -30.28
CA PHE A 218 -13.28 -8.22 -31.33
C PHE A 218 -14.79 -8.41 -31.15
N ASP A 219 -15.55 -7.59 -31.85
CA ASP A 219 -17.00 -7.70 -31.86
C ASP A 219 -17.40 -8.90 -32.71
N ILE A 220 -18.30 -9.74 -32.19
CA ILE A 220 -18.67 -10.97 -32.89
C ILE A 220 -19.32 -10.69 -34.24
N ARG A 221 -19.75 -9.46 -34.47
CA ARG A 221 -20.41 -9.12 -35.72
C ARG A 221 -19.45 -9.10 -36.91
N ILE A 222 -18.14 -9.16 -36.65
CA ILE A 222 -17.18 -9.23 -37.75
C ILE A 222 -17.10 -10.65 -38.31
N LEU A 223 -17.72 -11.62 -37.63
CA LEU A 223 -17.67 -13.00 -38.07
C LEU A 223 -18.67 -13.21 -39.20
N MET A 224 -18.25 -13.90 -40.25
N MET A 224 -18.24 -13.91 -40.24
CA MET A 224 -19.02 -13.98 -41.49
CA MET A 224 -18.99 -13.98 -41.49
C MET A 224 -19.58 -15.36 -41.76
C MET A 224 -19.62 -15.35 -41.73
N ALA A 225 -19.33 -16.31 -40.86
CA ALA A 225 -19.87 -17.66 -40.98
C ALA A 225 -19.77 -18.37 -39.66
N LYS A 226 -20.60 -19.40 -39.48
CA LYS A 226 -20.53 -20.22 -38.29
C LYS A 226 -19.17 -20.86 -38.25
N SER A 227 -18.61 -21.00 -37.05
CA SER A 227 -17.26 -21.52 -36.91
C SER A 227 -17.17 -22.99 -37.27
N VAL A 228 -15.99 -23.40 -37.71
CA VAL A 228 -15.67 -24.80 -37.88
C VAL A 228 -14.87 -25.24 -36.67
N LYS A 229 -15.12 -26.46 -36.21
CA LYS A 229 -14.55 -26.96 -34.97
C LYS A 229 -13.59 -28.13 -35.21
N TYR A 230 -12.46 -28.11 -34.50
CA TYR A 230 -11.51 -29.22 -34.54
C TYR A 230 -11.28 -29.69 -33.12
N THR A 231 -11.56 -30.97 -32.87
CA THR A 231 -11.56 -31.49 -31.50
C THR A 231 -10.36 -32.38 -31.23
N VAL A 232 -9.71 -32.13 -30.09
CA VAL A 232 -8.66 -33.00 -29.60
C VAL A 232 -9.20 -33.71 -28.38
N ASN A 233 -9.27 -35.03 -28.44
CA ASN A 233 -9.66 -35.85 -27.30
C ASN A 233 -8.41 -36.26 -26.54
N PHE A 234 -8.20 -35.67 -25.37
CA PHE A 234 -6.97 -35.89 -24.62
C PHE A 234 -6.89 -37.32 -24.06
N LEU A 235 -8.03 -37.98 -23.95
CA LEU A 235 -8.03 -39.38 -23.53
C LEU A 235 -7.49 -40.29 -24.64
N GLU A 236 -7.69 -39.88 -25.88
CA GLU A 236 -7.32 -40.73 -27.03
C GLU A 236 -6.07 -40.27 -27.78
N ALA A 237 -5.79 -38.98 -27.79
CA ALA A 237 -4.71 -38.45 -28.64
C ALA A 237 -3.33 -38.89 -28.18
N LYS A 238 -2.42 -38.99 -29.14
CA LYS A 238 -1.02 -39.29 -28.88
C LYS A 238 -0.23 -38.01 -29.09
N GLU A 239 0.94 -37.91 -28.44
CA GLU A 239 1.83 -36.76 -28.61
C GLU A 239 2.03 -36.40 -30.09
N GLY A 240 2.32 -37.43 -30.88
CA GLY A 240 2.64 -37.26 -32.29
C GLY A 240 1.51 -36.68 -33.11
N ASP A 241 0.28 -36.81 -32.60
CA ASP A 241 -0.91 -36.31 -33.31
C ASP A 241 -0.86 -34.78 -33.41
N LEU A 242 -0.10 -34.15 -32.53
CA LEU A 242 -0.07 -32.68 -32.48
C LEU A 242 1.14 -32.07 -33.22
N HIS A 243 1.94 -32.90 -33.88
CA HIS A 243 3.08 -32.41 -34.65
C HIS A 243 2.64 -31.80 -35.96
N ARG A 244 1.59 -32.38 -36.53
CA ARG A 244 1.00 -31.90 -37.76
C ARG A 244 -0.51 -31.90 -37.60
N ILE A 245 -1.10 -30.71 -37.51
CA ILE A 245 -2.53 -30.59 -37.30
C ILE A 245 -3.17 -30.01 -38.56
N GLU A 246 -3.96 -30.83 -39.26
CA GLU A 246 -4.61 -30.37 -40.48
C GLU A 246 -6.09 -30.12 -40.21
N ILE A 247 -6.50 -28.87 -40.37
CA ILE A 247 -7.88 -28.48 -40.12
C ILE A 247 -8.52 -28.05 -41.44
N PRO A 248 -9.19 -28.97 -42.14
CA PRO A 248 -9.91 -28.55 -43.33
C PRO A 248 -11.15 -27.76 -42.94
N PHE A 249 -11.59 -26.84 -43.80
CA PHE A 249 -12.79 -26.07 -43.49
C PHE A 249 -13.60 -25.79 -44.74
N LYS A 250 -14.91 -25.69 -44.53
CA LYS A 250 -15.81 -25.27 -45.57
C LYS A 250 -16.83 -24.37 -44.90
N PHE A 251 -16.66 -23.06 -45.08
CA PHE A 251 -17.55 -22.10 -44.44
C PHE A 251 -18.69 -21.74 -45.38
N HIS A 252 -19.89 -21.66 -44.83
CA HIS A 252 -21.05 -21.20 -45.57
C HIS A 252 -21.33 -19.74 -45.19
N MET A 253 -21.03 -18.83 -46.10
CA MET A 253 -21.05 -17.40 -45.76
C MET A 253 -22.45 -16.90 -45.40
N LEU A 254 -22.57 -16.33 -44.21
CA LEU A 254 -23.83 -15.80 -43.72
C LEU A 254 -24.00 -14.34 -44.17
N HIS A 255 -22.87 -13.69 -44.44
CA HIS A 255 -22.91 -12.28 -44.85
C HIS A 255 -22.06 -12.08 -46.10
N SER A 256 -22.38 -11.04 -46.85
CA SER A 256 -21.59 -10.68 -48.02
C SER A 256 -20.52 -9.69 -47.58
N GLY A 257 -19.34 -9.77 -48.19
CA GLY A 257 -18.26 -8.85 -47.90
C GLY A 257 -16.88 -9.41 -48.14
N LEU A 258 -15.87 -8.65 -47.76
CA LEU A 258 -14.48 -9.06 -47.90
C LEU A 258 -14.01 -9.83 -46.68
N VAL A 259 -13.45 -11.01 -46.89
CA VAL A 259 -12.87 -11.82 -45.82
C VAL A 259 -11.39 -11.48 -45.70
N HIS A 260 -10.99 -10.99 -44.54
CA HIS A 260 -9.61 -10.55 -44.34
C HIS A 260 -8.75 -11.61 -43.66
N GLY A 261 -9.39 -12.67 -43.18
CA GLY A 261 -8.66 -13.76 -42.55
C GLY A 261 -9.52 -14.68 -41.69
N LEU A 262 -8.85 -15.47 -40.85
CA LEU A 262 -9.55 -16.40 -39.97
C LEU A 262 -9.32 -16.03 -38.51
N ALA A 263 -10.40 -16.07 -37.73
CA ALA A 263 -10.33 -15.85 -36.30
C ALA A 263 -10.31 -17.20 -35.58
N PHE A 264 -9.55 -17.28 -34.52
CA PHE A 264 -9.39 -18.51 -33.75
C PHE A 264 -9.77 -18.31 -32.29
N TRP A 265 -10.38 -19.33 -31.70
CA TRP A 265 -10.53 -19.40 -30.26
C TRP A 265 -10.71 -20.86 -29.87
N PHE A 266 -10.79 -21.15 -28.58
CA PHE A 266 -10.91 -22.54 -28.15
C PHE A 266 -11.73 -22.70 -26.87
N ASP A 267 -12.26 -23.91 -26.70
CA ASP A 267 -12.96 -24.34 -25.50
C ASP A 267 -12.31 -25.61 -24.97
N VAL A 268 -12.34 -25.82 -23.67
CA VAL A 268 -12.01 -27.14 -23.13
C VAL A 268 -13.16 -27.60 -22.25
N ALA A 269 -13.35 -28.91 -22.17
CA ALA A 269 -14.42 -29.48 -21.34
C ALA A 269 -13.83 -30.44 -20.32
N PHE A 270 -14.31 -30.32 -19.08
CA PHE A 270 -13.97 -31.25 -18.02
C PHE A 270 -15.11 -32.24 -17.87
N ILE A 271 -14.95 -33.42 -18.44
CA ILE A 271 -16.02 -34.41 -18.48
C ILE A 271 -15.89 -35.29 -17.25
N GLY A 272 -16.60 -34.92 -16.18
CA GLY A 272 -16.54 -35.65 -14.93
C GLY A 272 -17.69 -36.61 -14.73
N SER A 273 -17.65 -37.34 -13.63
CA SER A 273 -18.69 -38.33 -13.33
C SER A 273 -20.00 -37.67 -12.93
N ILE A 274 -19.93 -36.46 -12.38
CA ILE A 274 -21.12 -35.76 -11.91
C ILE A 274 -21.62 -34.79 -12.98
N MET A 275 -20.71 -34.09 -13.64
CA MET A 275 -21.12 -33.15 -14.67
C MET A 275 -19.96 -32.73 -15.57
N THR A 276 -20.32 -32.17 -16.73
CA THR A 276 -19.34 -31.59 -17.63
C THR A 276 -19.31 -30.08 -17.47
N VAL A 277 -18.10 -29.55 -17.26
CA VAL A 277 -17.90 -28.13 -17.10
C VAL A 277 -17.05 -27.61 -18.27
N TRP A 278 -17.46 -26.49 -18.83
CA TRP A 278 -16.77 -25.90 -19.97
C TRP A 278 -15.98 -24.65 -19.60
N LEU A 279 -14.79 -24.52 -20.16
CA LEU A 279 -14.03 -23.28 -20.11
C LEU A 279 -13.87 -22.77 -21.55
N SER A 280 -14.47 -21.62 -21.85
CA SER A 280 -14.51 -21.10 -23.21
C SER A 280 -13.82 -19.74 -23.34
N THR A 281 -13.08 -19.57 -24.43
CA THR A 281 -12.43 -18.30 -24.73
C THR A 281 -13.07 -17.68 -25.97
N ALA A 282 -14.32 -18.05 -26.24
CA ALA A 282 -15.05 -17.53 -27.39
C ALA A 282 -15.29 -16.03 -27.24
N PRO A 283 -15.42 -15.31 -28.38
CA PRO A 283 -15.65 -13.86 -28.34
C PRO A 283 -17.02 -13.49 -27.79
N THR A 284 -17.89 -14.48 -27.66
CA THR A 284 -19.19 -14.31 -27.04
C THR A 284 -19.12 -14.43 -25.52
N GLU A 285 -17.95 -14.78 -25.00
CA GLU A 285 -17.78 -15.01 -23.57
C GLU A 285 -16.88 -13.95 -22.95
N PRO A 286 -16.93 -13.82 -21.61
CA PRO A 286 -16.03 -12.91 -20.91
C PRO A 286 -14.58 -13.16 -21.26
N LEU A 287 -13.82 -12.09 -21.37
CA LEU A 287 -12.44 -12.15 -21.83
C LEU A 287 -11.49 -12.86 -20.86
N THR A 288 -10.56 -13.61 -21.43
CA THR A 288 -9.48 -14.25 -20.68
C THR A 288 -8.14 -13.72 -21.19
N HIS A 289 -7.05 -14.15 -20.57
N HIS A 289 -7.04 -14.12 -20.58
CA HIS A 289 -5.72 -13.72 -20.98
CA HIS A 289 -5.73 -13.66 -21.02
C HIS A 289 -5.30 -14.38 -22.29
C HIS A 289 -5.30 -14.38 -22.30
N TRP A 290 -6.14 -15.28 -22.79
CA TRP A 290 -5.91 -15.91 -24.09
C TRP A 290 -6.50 -15.04 -25.21
N TYR A 291 -7.43 -14.15 -24.85
CA TYR A 291 -8.13 -13.31 -25.82
C TYR A 291 -8.63 -14.17 -26.97
N GLN A 292 -8.47 -13.70 -28.20
CA GLN A 292 -8.66 -14.50 -29.38
C GLN A 292 -7.50 -14.25 -30.34
N VAL A 293 -7.40 -15.03 -31.40
CA VAL A 293 -6.30 -14.88 -32.34
C VAL A 293 -6.84 -14.78 -33.76
N ARG A 294 -6.29 -13.82 -34.51
CA ARG A 294 -6.67 -13.66 -35.90
C ARG A 294 -5.47 -13.74 -36.81
N CYS A 295 -5.63 -14.53 -37.86
CA CYS A 295 -4.63 -14.66 -38.90
C CYS A 295 -5.15 -14.04 -40.19
N LEU A 296 -4.44 -13.04 -40.69
CA LEU A 296 -4.85 -12.35 -41.91
C LEU A 296 -4.48 -13.13 -43.16
N PHE A 297 -5.31 -13.02 -44.18
CA PHE A 297 -4.95 -13.40 -45.55
C PHE A 297 -4.11 -12.27 -46.14
N GLN A 298 -3.16 -12.64 -47.00
CA GLN A 298 -2.32 -11.65 -47.66
C GLN A 298 -3.18 -10.77 -48.58
N SER A 299 -4.22 -11.39 -49.13
CA SER A 299 -5.16 -10.66 -49.97
C SER A 299 -6.58 -11.04 -49.57
N PRO A 300 -7.42 -10.05 -49.31
CA PRO A 300 -8.78 -10.43 -48.91
C PRO A 300 -9.54 -11.13 -50.03
N LEU A 301 -10.50 -11.96 -49.63
CA LEU A 301 -11.35 -12.67 -50.56
C LEU A 301 -12.77 -12.15 -50.49
N PHE A 302 -13.33 -11.81 -51.64
CA PHE A 302 -14.72 -11.38 -51.67
C PHE A 302 -15.64 -12.58 -51.75
N ALA A 303 -16.67 -12.57 -50.91
CA ALA A 303 -17.69 -13.60 -50.97
C ALA A 303 -19.03 -12.96 -50.69
N LYS A 304 -20.05 -13.46 -51.36
CA LYS A 304 -21.41 -13.01 -51.11
C LYS A 304 -22.13 -14.07 -50.28
N ALA A 305 -23.15 -13.65 -49.55
CA ALA A 305 -23.90 -14.58 -48.71
C ALA A 305 -24.38 -15.76 -49.55
N GLY A 306 -24.19 -16.96 -49.01
CA GLY A 306 -24.55 -18.18 -49.72
C GLY A 306 -23.37 -18.86 -50.39
N ASP A 307 -22.29 -18.12 -50.62
CA ASP A 307 -21.06 -18.71 -51.16
C ASP A 307 -20.41 -19.62 -50.11
N THR A 308 -19.48 -20.44 -50.57
CA THR A 308 -18.71 -21.29 -49.66
C THR A 308 -17.23 -20.93 -49.74
N LEU A 309 -16.62 -20.75 -48.57
CA LEU A 309 -15.20 -20.51 -48.46
C LEU A 309 -14.53 -21.77 -47.94
N SER A 310 -13.75 -22.43 -48.79
CA SER A 310 -13.17 -23.71 -48.43
C SER A 310 -11.65 -23.67 -48.50
N GLY A 311 -11.00 -24.52 -47.72
CA GLY A 311 -9.56 -24.57 -47.68
C GLY A 311 -9.03 -25.33 -46.49
N THR A 312 -7.78 -25.02 -46.13
CA THR A 312 -7.09 -25.76 -45.08
C THR A 312 -6.25 -24.85 -44.21
N CYS A 313 -6.33 -25.11 -42.91
CA CYS A 313 -5.40 -24.53 -41.94
C CYS A 313 -4.48 -25.63 -41.44
N LEU A 314 -3.19 -25.53 -41.79
CA LEU A 314 -2.21 -26.54 -41.44
C LEU A 314 -1.24 -26.00 -40.39
N LEU A 315 -1.22 -26.65 -39.22
CA LEU A 315 -0.36 -26.24 -38.13
C LEU A 315 0.82 -27.22 -38.05
N ILE A 316 2.03 -26.70 -38.21
CA ILE A 316 3.23 -27.53 -38.17
C ILE A 316 4.09 -27.14 -36.97
N ALA A 317 4.28 -28.08 -36.06
CA ALA A 317 5.06 -27.83 -34.84
C ALA A 317 6.52 -27.58 -35.16
N ASN A 318 7.10 -26.59 -34.48
CA ASN A 318 8.53 -26.30 -34.61
C ASN A 318 9.21 -26.44 -33.26
N LYS A 319 10.55 -26.41 -33.25
CA LYS A 319 11.30 -26.59 -32.01
C LYS A 319 11.37 -25.36 -31.12
N ARG A 320 10.65 -24.31 -31.49
CA ARG A 320 10.58 -23.12 -30.64
C ARG A 320 9.29 -23.16 -29.82
N GLN A 321 8.80 -24.37 -29.57
CA GLN A 321 7.60 -24.59 -28.75
C GLN A 321 6.37 -23.89 -29.31
N SER A 322 6.29 -23.82 -30.64
CA SER A 322 5.16 -23.18 -31.27
C SER A 322 4.84 -23.86 -32.60
N TYR A 323 4.13 -23.15 -33.47
CA TYR A 323 3.70 -23.70 -34.74
C TYR A 323 3.93 -22.73 -35.89
N ASP A 324 4.26 -23.30 -37.04
CA ASP A 324 4.19 -22.58 -38.31
C ASP A 324 2.76 -22.77 -38.83
N ILE A 325 2.08 -21.68 -39.13
CA ILE A 325 0.68 -21.73 -39.55
C ILE A 325 0.60 -21.50 -41.05
N SER A 326 0.04 -22.47 -41.77
CA SER A 326 -0.23 -22.31 -43.19
C SER A 326 -1.75 -22.31 -43.44
N ILE A 327 -2.25 -21.21 -43.99
CA ILE A 327 -3.67 -21.09 -44.32
C ILE A 327 -3.86 -20.85 -45.82
N VAL A 328 -4.68 -21.67 -46.45
CA VAL A 328 -5.06 -21.48 -47.84
C VAL A 328 -6.58 -21.53 -47.95
N ALA A 329 -7.15 -20.55 -48.62
CA ALA A 329 -8.60 -20.47 -48.76
C ALA A 329 -8.99 -19.99 -50.15
N GLN A 330 -10.16 -20.43 -50.60
CA GLN A 330 -10.68 -20.01 -51.90
C GLN A 330 -12.21 -19.95 -51.85
N VAL A 331 -12.75 -18.95 -52.52
CA VAL A 331 -14.19 -18.84 -52.71
C VAL A 331 -14.57 -19.76 -53.86
N ASP A 332 -15.29 -20.84 -53.55
CA ASP A 332 -15.57 -21.89 -54.53
C ASP A 332 -16.32 -21.34 -55.75
N GLN A 333 -17.25 -20.43 -55.52
CA GLN A 333 -18.10 -19.94 -56.60
C GLN A 333 -17.33 -19.05 -57.58
N THR A 334 -16.19 -18.50 -57.16
CA THR A 334 -15.44 -17.58 -58.01
C THR A 334 -14.03 -18.08 -58.32
N GLY A 335 -13.50 -18.96 -57.48
CA GLY A 335 -12.14 -19.45 -57.63
C GLY A 335 -11.08 -18.48 -57.12
N SER A 336 -11.54 -17.41 -56.47
CA SER A 336 -10.63 -16.43 -55.88
C SER A 336 -9.89 -17.06 -54.70
N LYS A 337 -8.57 -17.00 -54.73
CA LYS A 337 -7.73 -17.76 -53.80
C LYS A 337 -6.77 -16.88 -53.02
N SER A 338 -6.61 -17.19 -51.73
CA SER A 338 -5.61 -16.52 -50.91
C SER A 338 -4.94 -17.47 -49.92
N SER A 339 -3.72 -17.11 -49.53
CA SER A 339 -2.94 -17.90 -48.60
C SER A 339 -2.17 -17.02 -47.63
N ASN A 340 -1.71 -17.58 -46.51
CA ASN A 340 -0.75 -16.87 -45.67
C ASN A 340 0.05 -17.88 -44.87
N LEU A 341 1.27 -17.48 -44.52
CA LEU A 341 2.14 -18.26 -43.66
C LEU A 341 2.43 -17.44 -42.42
N LEU A 342 2.08 -17.97 -41.25
CA LEU A 342 2.24 -17.21 -40.02
C LEU A 342 3.12 -17.94 -39.01
N ASP A 343 3.78 -17.15 -38.17
CA ASP A 343 4.65 -17.67 -37.13
C ASP A 343 4.00 -17.42 -35.76
N LEU A 344 3.41 -18.47 -35.19
CA LEU A 344 2.65 -18.33 -33.96
C LEU A 344 3.51 -17.98 -32.75
N LYS A 345 4.82 -18.22 -32.83
CA LYS A 345 5.73 -17.90 -31.72
C LYS A 345 5.77 -16.40 -31.44
N ASN A 346 5.67 -15.59 -32.49
CA ASN A 346 5.82 -14.13 -32.36
C ASN A 346 4.53 -13.41 -32.75
N PRO A 347 3.51 -13.52 -31.90
CA PRO A 347 2.25 -12.86 -32.24
C PRO A 347 2.35 -11.36 -31.99
N PHE A 348 1.43 -10.61 -32.57
CA PHE A 348 1.37 -9.18 -32.33
C PHE A 348 0.29 -8.97 -31.29
N PHE A 349 0.68 -8.49 -30.11
CA PHE A 349 -0.31 -8.21 -29.06
C PHE A 349 -0.89 -6.82 -29.31
N ARG A 350 -2.13 -6.80 -29.76
CA ARG A 350 -2.76 -5.59 -30.25
C ARG A 350 -3.75 -5.02 -29.24
N TYR A 351 -4.21 -5.86 -28.31
CA TYR A 351 -5.25 -5.48 -27.36
C TYR A 351 -4.93 -4.18 -26.61
N THR A 352 -5.91 -3.29 -26.57
CA THR A 352 -5.77 -2.02 -25.88
C THR A 352 -6.78 -1.91 -24.75
N SER B 10 35.00 -17.34 -28.74
CA SER B 10 35.16 -15.90 -28.91
C SER B 10 34.90 -15.17 -27.60
N VAL B 11 35.28 -13.90 -27.55
CA VAL B 11 35.07 -13.07 -26.36
C VAL B 11 33.57 -12.94 -26.07
N PHE B 12 32.76 -12.82 -27.11
CA PHE B 12 31.33 -12.66 -26.94
C PHE B 12 30.70 -13.91 -26.31
N SER B 13 30.97 -15.07 -26.91
CA SER B 13 30.37 -16.32 -26.45
C SER B 13 30.83 -16.68 -25.04
N GLU B 14 32.05 -16.31 -24.68
CA GLU B 14 32.60 -16.61 -23.36
C GLU B 14 31.86 -15.84 -22.28
N ARG B 15 31.33 -14.67 -22.61
CA ARG B 15 30.64 -13.84 -21.62
C ARG B 15 29.12 -13.90 -21.77
N THR B 16 28.62 -14.70 -22.71
CA THR B 16 27.20 -14.70 -23.02
C THR B 16 26.57 -16.10 -23.06
N GLU B 17 25.49 -16.25 -22.30
CA GLU B 17 24.65 -17.43 -22.36
C GLU B 17 24.02 -17.52 -23.75
N GLU B 18 24.17 -18.67 -24.41
CA GLU B 18 23.68 -18.84 -25.77
C GLU B 18 22.19 -18.48 -25.84
N SER B 19 21.44 -18.94 -24.85
CA SER B 19 20.00 -18.64 -24.78
C SER B 19 19.73 -17.15 -24.89
N SER B 20 20.54 -16.35 -24.19
CA SER B 20 20.38 -14.91 -24.20
C SER B 20 20.71 -14.34 -25.57
N ALA B 21 21.80 -14.83 -26.18
CA ALA B 21 22.25 -14.34 -27.48
C ALA B 21 21.24 -14.60 -28.60
N VAL B 22 20.68 -15.81 -28.64
CA VAL B 22 19.69 -16.16 -29.65
C VAL B 22 18.53 -15.17 -29.61
N GLN B 23 17.92 -15.03 -28.43
CA GLN B 23 16.82 -14.11 -28.20
C GLN B 23 17.20 -12.68 -28.56
N TYR B 24 18.40 -12.27 -28.14
CA TYR B 24 18.87 -10.92 -28.34
C TYR B 24 18.94 -10.55 -29.82
N PHE B 25 19.57 -11.41 -30.62
CA PHE B 25 19.77 -11.11 -32.03
C PHE B 25 18.53 -11.37 -32.87
N GLN B 26 17.66 -12.25 -32.38
CA GLN B 26 16.37 -12.44 -33.02
C GLN B 26 15.53 -11.17 -32.89
N PHE B 27 15.57 -10.54 -31.72
CA PHE B 27 14.85 -9.30 -31.45
C PHE B 27 15.22 -8.20 -32.44
N TYR B 28 16.51 -8.03 -32.69
CA TYR B 28 16.98 -6.97 -33.58
C TYR B 28 16.90 -7.36 -35.06
N GLY B 29 16.47 -8.59 -35.32
CA GLY B 29 16.24 -9.04 -36.68
C GLY B 29 14.92 -8.57 -37.26
N TYR B 30 14.05 -7.99 -36.43
CA TYR B 30 12.75 -7.52 -36.90
C TYR B 30 12.80 -6.10 -37.41
N LEU B 31 12.23 -5.89 -38.58
CA LEU B 31 12.15 -4.57 -39.17
C LEU B 31 11.31 -3.61 -38.32
N SER B 32 10.31 -4.15 -37.63
CA SER B 32 9.44 -3.32 -36.79
C SER B 32 10.24 -2.69 -35.66
N GLN B 33 11.27 -3.39 -35.19
CA GLN B 33 12.13 -2.88 -34.13
C GLN B 33 13.06 -1.79 -34.66
N GLN B 34 13.58 -2.00 -35.87
CA GLN B 34 14.39 -0.97 -36.52
C GLN B 34 13.57 0.30 -36.75
N GLN B 35 12.34 0.13 -37.20
CA GLN B 35 11.45 1.27 -37.42
C GLN B 35 11.29 2.07 -36.12
N ASN B 36 11.06 1.37 -35.02
CA ASN B 36 10.86 2.01 -33.72
C ASN B 36 12.06 2.87 -33.33
N MET B 37 13.26 2.35 -33.55
CA MET B 37 14.47 3.08 -33.23
C MET B 37 14.67 4.25 -34.19
N MET B 38 14.43 4.00 -35.47
CA MET B 38 14.61 5.02 -36.48
C MET B 38 13.64 6.18 -36.28
N GLN B 39 12.47 5.90 -35.74
CA GLN B 39 11.47 6.94 -35.55
C GLN B 39 11.70 7.77 -34.27
N ASP B 40 12.68 7.39 -33.46
CA ASP B 40 13.14 8.27 -32.38
C ASP B 40 13.93 9.40 -33.03
N TYR B 41 13.27 10.51 -33.32
CA TYR B 41 13.90 11.58 -34.08
C TYR B 41 15.07 12.23 -33.33
N VAL B 42 14.97 12.33 -32.01
CA VAL B 42 16.06 12.87 -31.20
C VAL B 42 17.31 12.04 -31.46
N ARG B 43 17.18 10.73 -31.30
CA ARG B 43 18.28 9.81 -31.51
C ARG B 43 18.84 9.89 -32.93
N THR B 44 17.97 9.71 -33.91
CA THR B 44 18.40 9.61 -35.31
C THR B 44 18.94 10.94 -35.81
N GLY B 45 18.26 12.03 -35.47
CA GLY B 45 18.67 13.36 -35.86
C GLY B 45 19.97 13.81 -35.21
N THR B 46 20.15 13.47 -33.94
CA THR B 46 21.35 13.87 -33.22
C THR B 46 22.57 13.11 -33.76
N TYR B 47 22.39 11.83 -34.04
CA TYR B 47 23.46 11.05 -34.64
C TYR B 47 23.87 11.63 -36.00
N GLN B 48 22.89 11.99 -36.81
CA GLN B 48 23.19 12.57 -38.11
C GLN B 48 23.91 13.91 -37.95
N ARG B 49 23.42 14.74 -37.03
CA ARG B 49 24.06 16.03 -36.76
C ARG B 49 25.51 15.84 -36.30
N ALA B 50 25.74 14.89 -35.40
CA ALA B 50 27.08 14.64 -34.87
C ALA B 50 28.06 14.25 -35.99
N ILE B 51 27.58 13.43 -36.93
CA ILE B 51 28.43 12.92 -38.01
C ILE B 51 28.65 13.98 -39.09
N LEU B 52 27.57 14.61 -39.56
CA LEU B 52 27.67 15.56 -40.65
C LEU B 52 28.34 16.87 -40.22
N GLN B 53 28.09 17.32 -39.00
CA GLN B 53 28.71 18.56 -38.54
C GLN B 53 30.20 18.35 -38.28
N ASN B 54 30.61 17.09 -38.17
CA ASN B 54 32.01 16.73 -38.07
C ASN B 54 32.46 15.95 -39.30
N HIS B 55 32.02 16.39 -40.47
CA HIS B 55 32.26 15.63 -41.70
C HIS B 55 33.75 15.42 -41.96
N THR B 56 34.58 16.34 -41.46
CA THR B 56 36.01 16.24 -41.67
C THR B 56 36.62 15.04 -40.95
N ASP B 57 35.94 14.56 -39.92
CA ASP B 57 36.39 13.36 -39.21
C ASP B 57 36.04 12.09 -40.00
N PHE B 58 35.33 12.24 -41.12
CA PHE B 58 34.88 11.09 -41.90
C PHE B 58 35.37 11.18 -43.35
N LYS B 59 35.51 12.40 -43.87
CA LYS B 59 35.87 12.61 -45.26
C LYS B 59 37.13 11.80 -45.65
N ASP B 60 36.97 10.88 -46.60
CA ASP B 60 38.05 10.04 -47.11
C ASP B 60 38.66 9.16 -46.03
N LYS B 61 37.89 8.87 -44.99
CA LYS B 61 38.37 8.05 -43.88
C LYS B 61 37.82 6.62 -43.97
N ILE B 62 38.44 5.70 -43.25
CA ILE B 62 37.95 4.34 -43.14
C ILE B 62 37.11 4.25 -41.86
N VAL B 63 35.90 3.68 -41.96
CA VAL B 63 34.96 3.69 -40.85
C VAL B 63 34.51 2.27 -40.48
N LEU B 64 34.31 2.05 -39.18
CA LEU B 64 33.68 0.82 -38.69
C LEU B 64 32.40 1.16 -37.94
N ASP B 65 31.30 0.53 -38.36
CA ASP B 65 30.01 0.69 -37.71
C ASP B 65 29.66 -0.60 -36.94
N VAL B 66 29.74 -0.53 -35.62
CA VAL B 66 29.54 -1.70 -34.79
C VAL B 66 28.05 -1.89 -34.52
N GLY B 67 27.49 -2.96 -35.08
CA GLY B 67 26.07 -3.24 -34.94
C GLY B 67 25.25 -2.30 -35.78
N CYS B 68 25.43 -2.38 -37.10
CA CYS B 68 24.90 -1.38 -38.02
C CYS B 68 23.39 -1.46 -38.17
N GLY B 69 22.82 -2.59 -37.77
CA GLY B 69 21.40 -2.81 -37.93
C GLY B 69 20.99 -2.60 -39.37
N SER B 70 20.05 -1.69 -39.59
CA SER B 70 19.54 -1.32 -40.91
C SER B 70 20.61 -0.63 -41.75
N GLY B 71 21.60 -0.04 -41.08
CA GLY B 71 22.70 0.62 -41.75
C GLY B 71 22.72 2.13 -41.70
N ILE B 72 21.75 2.72 -40.99
CA ILE B 72 21.52 4.16 -41.04
C ILE B 72 22.78 4.97 -40.69
N LEU B 73 23.54 4.54 -39.69
CA LEU B 73 24.72 5.29 -39.29
C LEU B 73 25.81 5.16 -40.34
N SER B 74 25.85 4.02 -41.01
CA SER B 74 26.80 3.84 -42.10
C SER B 74 26.45 4.78 -43.25
N PHE B 75 25.16 5.00 -43.47
CA PHE B 75 24.72 5.94 -44.50
C PHE B 75 25.09 7.38 -44.16
N PHE B 76 24.97 7.76 -42.89
CA PHE B 76 25.41 9.07 -42.46
C PHE B 76 26.91 9.26 -42.70
N ALA B 77 27.70 8.24 -42.38
CA ALA B 77 29.13 8.27 -42.61
C ALA B 77 29.44 8.44 -44.10
N ALA B 78 28.63 7.80 -44.95
CA ALA B 78 28.80 7.93 -46.39
C ALA B 78 28.44 9.34 -46.86
N GLN B 79 27.36 9.88 -46.29
CA GLN B 79 26.96 11.26 -46.60
C GLN B 79 28.08 12.23 -46.24
N ALA B 80 28.86 11.88 -45.22
CA ALA B 80 29.92 12.73 -44.71
C ALA B 80 31.21 12.58 -45.50
N GLY B 81 31.22 11.62 -46.44
CA GLY B 81 32.33 11.47 -47.36
C GLY B 81 33.32 10.36 -47.05
N ALA B 82 32.94 9.43 -46.16
CA ALA B 82 33.83 8.33 -45.82
C ALA B 82 34.23 7.55 -47.08
N ARG B 83 35.49 7.13 -47.13
CA ARG B 83 35.99 6.41 -48.29
C ARG B 83 35.49 4.96 -48.26
N LYS B 84 35.46 4.36 -47.07
CA LYS B 84 34.99 3.00 -46.92
C LYS B 84 34.43 2.75 -45.52
N ILE B 85 33.26 2.14 -45.47
CA ILE B 85 32.58 1.85 -44.22
C ILE B 85 32.36 0.35 -44.09
N TYR B 86 32.93 -0.24 -43.04
CA TYR B 86 32.65 -1.63 -42.73
C TYR B 86 31.53 -1.69 -41.71
N ALA B 87 30.39 -2.24 -42.13
CA ALA B 87 29.21 -2.27 -41.30
C ALA B 87 28.96 -3.67 -40.78
N VAL B 88 29.24 -3.87 -39.48
CA VAL B 88 29.16 -5.19 -38.87
C VAL B 88 27.83 -5.37 -38.13
N GLU B 89 27.16 -6.49 -38.40
CA GLU B 89 25.87 -6.79 -37.78
C GLU B 89 25.70 -8.31 -37.67
N ALA B 90 25.29 -8.77 -36.50
CA ALA B 90 25.23 -10.20 -36.23
C ALA B 90 23.83 -10.79 -36.48
N SER B 91 22.81 -9.95 -36.44
CA SER B 91 21.44 -10.42 -36.67
C SER B 91 21.15 -10.55 -38.16
N THR B 92 19.99 -11.08 -38.49
CA THR B 92 19.58 -11.23 -39.89
C THR B 92 19.29 -9.89 -40.55
N MET B 93 19.25 -8.83 -39.76
CA MET B 93 19.07 -7.48 -40.30
C MET B 93 20.20 -7.12 -41.26
N ALA B 94 21.33 -7.81 -41.15
CA ALA B 94 22.46 -7.58 -42.05
C ALA B 94 22.04 -7.75 -43.50
N GLN B 95 21.12 -8.69 -43.74
CA GLN B 95 20.62 -8.98 -45.08
C GLN B 95 19.89 -7.77 -45.65
N HIS B 96 19.10 -7.10 -44.79
CA HIS B 96 18.30 -5.96 -45.21
C HIS B 96 19.17 -4.71 -45.42
N ALA B 97 20.20 -4.57 -44.60
CA ALA B 97 21.15 -3.49 -44.77
C ALA B 97 21.79 -3.59 -46.16
N GLU B 98 22.17 -4.80 -46.57
CA GLU B 98 22.76 -5.01 -47.90
C GLU B 98 21.80 -4.55 -48.99
N VAL B 99 20.52 -4.88 -48.82
CA VAL B 99 19.50 -4.47 -49.76
C VAL B 99 19.52 -2.95 -49.90
N LEU B 100 19.58 -2.24 -48.78
CA LEU B 100 19.55 -0.78 -48.82
C LEU B 100 20.82 -0.19 -49.42
N VAL B 101 21.96 -0.83 -49.17
CA VAL B 101 23.23 -0.35 -49.72
C VAL B 101 23.17 -0.39 -51.23
N LYS B 102 22.64 -1.49 -51.78
CA LYS B 102 22.49 -1.62 -53.22
C LYS B 102 21.47 -0.62 -53.78
N SER B 103 20.27 -0.59 -53.21
CA SER B 103 19.21 0.28 -53.72
C SER B 103 19.56 1.76 -53.59
N ASN B 104 20.51 2.09 -52.71
CA ASN B 104 20.98 3.46 -52.57
C ASN B 104 22.31 3.70 -53.29
N ASN B 105 22.70 2.76 -54.15
CA ASN B 105 23.91 2.89 -54.99
C ASN B 105 25.16 3.26 -54.19
N LEU B 106 25.41 2.54 -53.10
CA LEU B 106 26.56 2.81 -52.25
C LEU B 106 27.41 1.55 -52.04
N THR B 107 27.32 0.61 -52.99
CA THR B 107 28.03 -0.66 -52.91
C THR B 107 29.54 -0.46 -52.93
N ASP B 108 29.98 0.65 -53.50
CA ASP B 108 31.40 0.94 -53.60
C ASP B 108 31.99 1.49 -52.29
N ARG B 109 31.14 1.85 -51.34
CA ARG B 109 31.65 2.43 -50.09
C ARG B 109 31.18 1.74 -48.81
N ILE B 110 29.97 1.20 -48.78
CA ILE B 110 29.50 0.52 -47.59
C ILE B 110 29.57 -0.98 -47.80
N VAL B 111 30.32 -1.65 -46.93
CA VAL B 111 30.50 -3.08 -47.00
C VAL B 111 29.93 -3.72 -45.75
N VAL B 112 28.84 -4.46 -45.91
CA VAL B 112 28.25 -5.19 -44.80
C VAL B 112 29.05 -6.46 -44.54
N ILE B 113 29.40 -6.67 -43.27
CA ILE B 113 30.12 -7.86 -42.86
C ILE B 113 29.28 -8.57 -41.81
N PRO B 114 28.58 -9.64 -42.20
CA PRO B 114 27.72 -10.35 -41.24
C PRO B 114 28.51 -11.07 -40.16
N GLY B 115 28.04 -10.98 -38.92
CA GLY B 115 28.69 -11.65 -37.81
C GLY B 115 28.89 -10.73 -36.62
N LYS B 116 29.37 -11.31 -35.53
CA LYS B 116 29.64 -10.54 -34.31
C LYS B 116 30.99 -9.86 -34.47
N VAL B 117 31.10 -8.63 -33.96
CA VAL B 117 32.31 -7.84 -34.15
C VAL B 117 33.48 -8.55 -33.48
N GLU B 118 33.18 -9.41 -32.51
CA GLU B 118 34.21 -10.18 -31.81
C GLU B 118 34.69 -11.38 -32.62
N GLU B 119 34.00 -11.68 -33.72
CA GLU B 119 34.24 -12.91 -34.46
C GLU B 119 34.61 -12.67 -35.92
N VAL B 120 34.14 -11.58 -36.50
CA VAL B 120 34.41 -11.30 -37.90
C VAL B 120 35.88 -10.90 -38.10
N SER B 121 36.30 -10.85 -39.35
CA SER B 121 37.61 -10.33 -39.71
C SER B 121 37.45 -9.11 -40.62
N LEU B 122 38.09 -8.00 -40.26
CA LEU B 122 38.07 -6.81 -41.10
C LEU B 122 39.34 -6.72 -41.92
N PRO B 123 39.24 -6.20 -43.15
CA PRO B 123 40.43 -6.17 -44.02
C PRO B 123 41.50 -5.17 -43.58
N GLU B 124 41.11 -4.14 -42.86
CA GLU B 124 42.06 -3.09 -42.49
C GLU B 124 41.68 -2.41 -41.19
N GLN B 125 42.62 -1.65 -40.64
CA GLN B 125 42.38 -0.85 -39.46
C GLN B 125 41.58 0.37 -39.88
N VAL B 126 40.84 0.97 -38.95
CA VAL B 126 39.93 2.07 -39.27
C VAL B 126 40.34 3.35 -38.55
N ASP B 127 39.87 4.48 -39.09
CA ASP B 127 40.15 5.78 -38.53
C ASP B 127 39.19 6.14 -37.41
N ILE B 128 37.97 5.61 -37.50
CA ILE B 128 36.94 5.98 -36.55
C ILE B 128 35.89 4.86 -36.44
N ILE B 129 35.42 4.61 -35.23
CA ILE B 129 34.36 3.65 -34.99
C ILE B 129 33.09 4.41 -34.64
N ILE B 130 31.98 4.06 -35.29
CA ILE B 130 30.69 4.63 -34.93
C ILE B 130 29.78 3.51 -34.44
N SER B 131 28.90 3.84 -33.50
CA SER B 131 27.99 2.83 -32.98
C SER B 131 26.91 3.45 -32.09
N GLU B 132 25.90 2.66 -31.80
CA GLU B 132 24.87 3.02 -30.85
C GLU B 132 24.75 1.87 -29.86
N PRO B 133 25.71 1.75 -28.94
CA PRO B 133 25.78 0.61 -28.02
C PRO B 133 25.08 0.85 -26.70
N MET B 134 24.34 1.95 -26.58
CA MET B 134 23.72 2.31 -25.31
C MET B 134 22.40 1.58 -25.12
N GLY B 135 22.22 0.99 -23.93
CA GLY B 135 20.94 0.42 -23.58
C GLY B 135 20.32 1.23 -22.47
N TYR B 136 19.24 0.72 -21.91
CA TYR B 136 18.61 1.34 -20.75
C TYR B 136 19.67 1.56 -19.68
N MET B 137 19.59 2.70 -19.01
CA MET B 137 20.57 3.02 -17.98
C MET B 137 22.00 2.86 -18.52
N LEU B 138 22.13 3.12 -19.82
CA LEU B 138 23.40 3.07 -20.55
C LEU B 138 23.95 1.64 -20.72
N PHE B 139 24.08 0.89 -19.63
CA PHE B 139 24.87 -0.34 -19.64
C PHE B 139 24.11 -1.61 -20.05
N ASN B 140 22.78 -1.57 -20.08
CA ASN B 140 22.03 -2.77 -20.42
C ASN B 140 22.43 -3.26 -21.81
N GLU B 141 22.41 -4.58 -21.99
CA GLU B 141 22.76 -5.30 -23.22
C GLU B 141 24.25 -5.59 -23.33
N ARG B 142 25.07 -4.87 -22.57
CA ARG B 142 26.51 -5.10 -22.56
C ARG B 142 27.10 -4.90 -23.96
N MET B 143 26.45 -4.08 -24.77
CA MET B 143 26.96 -3.81 -26.11
C MET B 143 28.15 -2.84 -26.08
N LEU B 144 28.29 -2.09 -24.99
CA LEU B 144 29.45 -1.22 -24.84
C LEU B 144 30.75 -2.01 -24.89
N GLU B 145 30.71 -3.26 -24.40
CA GLU B 145 31.90 -4.10 -24.40
C GLU B 145 32.28 -4.51 -25.80
N SER B 146 31.28 -4.70 -26.66
CA SER B 146 31.52 -5.02 -28.06
C SER B 146 32.12 -3.80 -28.75
N TYR B 147 31.66 -2.63 -28.32
CA TYR B 147 32.13 -1.35 -28.85
C TYR B 147 33.60 -1.15 -28.52
N LEU B 148 33.97 -1.39 -27.27
CA LEU B 148 35.34 -1.22 -26.81
C LEU B 148 36.21 -2.31 -27.41
N HIS B 149 35.67 -3.53 -27.50
CA HIS B 149 36.39 -4.65 -28.10
C HIS B 149 36.86 -4.32 -29.52
N ALA B 150 36.02 -3.60 -30.26
CA ALA B 150 36.28 -3.28 -31.66
C ALA B 150 37.47 -2.33 -31.82
N LYS B 151 37.95 -1.76 -30.72
CA LYS B 151 39.07 -0.83 -30.75
C LYS B 151 40.34 -1.55 -31.23
N LYS B 152 40.31 -2.88 -31.26
CA LYS B 152 41.42 -3.64 -31.81
C LYS B 152 41.60 -3.37 -33.31
N TYR B 153 40.58 -2.81 -33.95
CA TYR B 153 40.65 -2.43 -35.36
C TYR B 153 40.90 -0.92 -35.52
N LEU B 154 41.03 -0.20 -34.42
CA LEU B 154 41.17 1.25 -34.49
C LEU B 154 42.63 1.70 -34.53
N LYS B 155 42.94 2.61 -35.46
CA LYS B 155 44.28 3.18 -35.54
C LYS B 155 44.59 3.97 -34.29
N PRO B 156 45.90 4.10 -33.95
CA PRO B 156 46.32 4.91 -32.80
C PRO B 156 45.75 6.32 -32.79
N SER B 157 45.70 6.96 -33.96
CA SER B 157 45.14 8.31 -34.04
C SER B 157 43.61 8.32 -34.16
N GLY B 158 42.99 7.15 -34.02
CA GLY B 158 41.56 7.01 -34.22
C GLY B 158 40.64 7.66 -33.20
N ASN B 159 39.38 7.85 -33.62
CA ASN B 159 38.36 8.44 -32.75
C ASN B 159 37.19 7.47 -32.56
N MET B 160 36.31 7.80 -31.61
N MET B 160 36.32 7.78 -31.61
CA MET B 160 35.14 6.99 -31.31
CA MET B 160 35.13 6.97 -31.38
C MET B 160 33.90 7.87 -31.23
C MET B 160 33.90 7.84 -31.21
N PHE B 161 32.84 7.47 -31.94
CA PHE B 161 31.58 8.20 -31.94
C PHE B 161 30.45 7.27 -31.51
N PRO B 162 29.93 7.43 -30.28
CA PRO B 162 30.23 8.46 -29.28
C PRO B 162 31.60 8.29 -28.64
N THR B 163 32.12 9.37 -28.06
CA THR B 163 33.45 9.39 -27.48
C THR B 163 33.43 9.11 -25.98
N ILE B 164 32.41 9.65 -25.30
CA ILE B 164 32.24 9.42 -23.86
C ILE B 164 30.78 9.20 -23.50
N GLY B 165 30.54 8.61 -22.34
CA GLY B 165 29.19 8.44 -21.81
C GLY B 165 29.11 8.86 -20.35
N ASP B 166 28.11 9.66 -20.01
CA ASP B 166 27.87 10.08 -18.63
C ASP B 166 26.61 9.42 -18.11
N VAL B 167 26.75 8.70 -16.99
CA VAL B 167 25.59 8.18 -16.29
C VAL B 167 25.25 9.11 -15.14
N HIS B 168 24.00 9.54 -15.08
CA HIS B 168 23.52 10.40 -14.01
C HIS B 168 22.59 9.64 -13.09
N LEU B 169 22.77 9.83 -11.79
CA LEU B 169 21.85 9.26 -10.82
C LEU B 169 21.44 10.34 -9.82
N ALA B 170 20.19 10.28 -9.40
CA ALA B 170 19.65 11.25 -8.44
C ALA B 170 18.52 10.62 -7.65
N PRO B 171 18.38 11.00 -6.36
CA PRO B 171 17.29 10.49 -5.53
C PRO B 171 15.96 11.12 -5.90
N PHE B 172 14.88 10.34 -5.85
CA PHE B 172 13.57 10.83 -6.21
C PHE B 172 12.51 10.45 -5.17
N THR B 173 11.41 11.19 -5.17
CA THR B 173 10.26 10.85 -4.36
C THR B 173 9.07 10.61 -5.27
N ASP B 174 8.43 9.46 -5.12
CA ASP B 174 7.24 9.14 -5.91
C ASP B 174 6.38 8.08 -5.22
N GLU B 175 5.50 8.53 -4.32
CA GLU B 175 4.65 7.64 -3.55
C GLU B 175 3.80 6.74 -4.44
N GLN B 176 3.26 7.30 -5.53
CA GLN B 176 2.37 6.56 -6.40
C GLN B 176 3.06 5.37 -7.06
N LEU B 177 4.29 5.57 -7.56
CA LEU B 177 5.04 4.48 -8.16
C LEU B 177 5.33 3.39 -7.14
N TYR B 178 5.75 3.82 -5.95
CA TYR B 178 6.08 2.88 -4.90
C TYR B 178 4.89 2.01 -4.54
N MET B 179 3.76 2.65 -4.27
CA MET B 179 2.56 1.93 -3.87
C MET B 179 2.06 1.05 -5.02
N GLU B 180 2.26 1.51 -6.25
CA GLU B 180 1.83 0.74 -7.41
C GLU B 180 2.54 -0.63 -7.46
N GLN B 181 3.85 -0.64 -7.23
CA GLN B 181 4.63 -1.88 -7.21
C GLN B 181 4.34 -2.71 -5.96
N PHE B 182 4.15 -2.04 -4.83
CA PHE B 182 3.93 -2.74 -3.58
C PHE B 182 2.56 -3.42 -3.61
N THR B 183 1.60 -2.78 -4.27
CA THR B 183 0.26 -3.34 -4.43
C THR B 183 0.32 -4.65 -5.22
N LYS B 184 1.15 -4.70 -6.25
CA LYS B 184 1.28 -5.90 -7.07
C LYS B 184 1.82 -7.06 -6.26
N ALA B 185 2.84 -6.79 -5.45
CA ALA B 185 3.47 -7.81 -4.63
C ALA B 185 2.52 -8.32 -3.56
N ASN B 186 1.59 -7.47 -3.13
CA ASN B 186 0.69 -7.81 -2.04
C ASN B 186 -0.37 -8.84 -2.43
N PHE B 187 -0.42 -9.21 -3.69
CA PHE B 187 -1.25 -10.32 -4.13
C PHE B 187 -0.88 -11.55 -3.31
N TRP B 188 0.42 -11.68 -3.06
CA TRP B 188 1.00 -12.84 -2.36
C TRP B 188 0.86 -12.73 -0.85
N TYR B 189 0.13 -11.71 -0.42
CA TYR B 189 -0.18 -11.48 0.99
C TYR B 189 -1.47 -12.18 1.39
N GLN B 190 -2.29 -12.53 0.41
CA GLN B 190 -3.59 -13.14 0.68
C GLN B 190 -3.52 -14.43 1.49
N PRO B 191 -4.34 -14.53 2.55
CA PRO B 191 -4.36 -15.76 3.36
C PRO B 191 -5.33 -16.80 2.80
N SER B 192 -6.18 -16.42 1.86
CA SER B 192 -7.17 -17.35 1.33
C SER B 192 -7.60 -17.02 -0.09
N PHE B 193 -6.67 -17.13 -1.04
CA PHE B 193 -6.98 -17.00 -2.46
C PHE B 193 -7.62 -18.29 -2.96
N HIS B 194 -8.93 -18.24 -3.21
CA HIS B 194 -9.70 -19.43 -3.52
C HIS B 194 -9.46 -20.51 -2.47
N GLY B 195 -9.31 -20.07 -1.22
CA GLY B 195 -9.10 -20.98 -0.12
C GLY B 195 -7.65 -21.34 0.16
N VAL B 196 -6.73 -20.77 -0.61
CA VAL B 196 -5.32 -21.10 -0.50
C VAL B 196 -4.55 -19.96 0.15
N ASP B 197 -3.71 -20.30 1.12
CA ASP B 197 -2.88 -19.32 1.82
C ASP B 197 -1.58 -19.05 1.07
N LEU B 198 -1.44 -17.84 0.54
CA LEU B 198 -0.27 -17.49 -0.26
C LEU B 198 0.78 -16.69 0.54
N SER B 199 0.42 -16.27 1.75
CA SER B 199 1.20 -15.26 2.49
C SER B 199 2.67 -15.64 2.67
N ALA B 200 2.95 -16.94 2.71
CA ALA B 200 4.31 -17.42 2.95
C ALA B 200 5.27 -16.94 1.86
N LEU B 201 4.73 -16.60 0.69
CA LEU B 201 5.54 -16.16 -0.45
C LEU B 201 5.60 -14.63 -0.58
N ARG B 202 5.00 -13.92 0.36
CA ARG B 202 4.89 -12.46 0.25
C ARG B 202 6.27 -11.82 0.17
N GLY B 203 7.19 -12.29 1.00
CA GLY B 203 8.57 -11.81 0.97
C GLY B 203 9.21 -12.01 -0.39
N ALA B 204 9.05 -13.20 -0.94
CA ALA B 204 9.63 -13.53 -2.24
C ALA B 204 9.02 -12.67 -3.35
N ALA B 205 7.73 -12.37 -3.23
CA ALA B 205 7.05 -11.53 -4.21
C ALA B 205 7.57 -10.09 -4.20
N VAL B 206 7.63 -9.47 -3.02
CA VAL B 206 8.15 -8.11 -2.89
C VAL B 206 9.54 -8.06 -3.48
N ASP B 207 10.36 -9.04 -3.11
CA ASP B 207 11.71 -9.14 -3.61
C ASP B 207 11.73 -9.16 -5.14
N GLU B 208 10.82 -9.93 -5.74
CA GLU B 208 10.79 -10.08 -7.19
C GLU B 208 10.39 -8.79 -7.90
N TYR B 209 9.34 -8.13 -7.43
CA TYR B 209 8.85 -6.91 -8.06
C TYR B 209 9.83 -5.75 -7.94
N PHE B 210 10.44 -5.61 -6.77
CA PHE B 210 11.33 -4.50 -6.51
C PHE B 210 12.68 -4.72 -7.18
N ARG B 211 12.88 -5.94 -7.67
CA ARG B 211 14.06 -6.29 -8.45
C ARG B 211 13.98 -5.68 -9.86
N GLN B 212 12.81 -5.20 -10.24
CA GLN B 212 12.59 -4.66 -11.58
C GLN B 212 12.84 -3.16 -11.65
N PRO B 213 13.84 -2.74 -12.44
CA PRO B 213 13.92 -1.29 -12.66
C PRO B 213 12.71 -0.80 -13.44
N VAL B 214 12.27 0.43 -13.17
CA VAL B 214 11.09 0.98 -13.82
C VAL B 214 11.51 1.90 -14.96
N VAL B 215 11.18 1.51 -16.19
CA VAL B 215 11.49 2.34 -17.35
C VAL B 215 10.28 3.18 -17.72
N ASP B 216 10.41 4.50 -17.55
CA ASP B 216 9.41 5.46 -18.00
C ASP B 216 9.98 6.84 -17.76
N THR B 217 9.16 7.87 -17.97
CA THR B 217 9.62 9.23 -17.73
C THR B 217 8.89 9.82 -16.53
N PHE B 218 9.31 11.00 -16.10
CA PHE B 218 8.76 11.62 -14.92
C PHE B 218 9.04 13.12 -14.89
N ASP B 219 8.31 13.84 -14.03
CA ASP B 219 8.53 15.26 -13.82
C ASP B 219 9.78 15.48 -12.99
N ILE B 220 10.62 16.42 -13.42
CA ILE B 220 11.90 16.67 -12.77
C ILE B 220 11.74 17.13 -11.32
N ARG B 221 10.53 17.56 -10.95
CA ARG B 221 10.30 18.04 -9.59
C ARG B 221 10.29 16.91 -8.57
N ILE B 222 10.26 15.66 -9.01
CA ILE B 222 10.31 14.55 -8.07
C ILE B 222 11.76 14.33 -7.61
N LEU B 223 12.71 14.99 -8.26
CA LEU B 223 14.11 14.84 -7.89
C LEU B 223 14.46 15.69 -6.68
N MET B 224 15.22 15.11 -5.75
CA MET B 224 15.43 15.71 -4.43
C MET B 224 16.87 16.17 -4.20
N ALA B 225 17.73 16.01 -5.19
CA ALA B 225 19.11 16.46 -5.07
C ALA B 225 19.77 16.55 -6.44
N LYS B 226 20.84 17.33 -6.53
CA LYS B 226 21.57 17.46 -7.77
C LYS B 226 22.15 16.10 -8.14
N SER B 227 22.16 15.76 -9.42
CA SER B 227 22.61 14.44 -9.83
C SER B 227 24.11 14.23 -9.61
N VAL B 228 24.50 12.97 -9.40
CA VAL B 228 25.89 12.56 -9.39
C VAL B 228 26.23 11.96 -10.75
N LYS B 229 27.43 12.26 -11.24
CA LYS B 229 27.81 11.84 -12.58
C LYS B 229 28.94 10.82 -12.58
N TYR B 230 28.79 9.79 -13.41
CA TYR B 230 29.82 8.78 -13.60
C TYR B 230 30.15 8.69 -15.08
N THR B 231 31.41 8.94 -15.41
CA THR B 231 31.82 9.06 -16.81
C THR B 231 32.63 7.87 -17.29
N VAL B 232 32.27 7.36 -18.46
CA VAL B 232 33.07 6.34 -19.13
C VAL B 232 33.67 6.95 -20.39
N ASN B 233 35.00 6.95 -20.48
CA ASN B 233 35.69 7.41 -21.67
C ASN B 233 35.97 6.24 -22.60
N PHE B 234 35.24 6.19 -23.71
CA PHE B 234 35.30 5.05 -24.62
C PHE B 234 36.65 4.96 -25.35
N LEU B 235 37.36 6.08 -25.44
CA LEU B 235 38.69 6.07 -26.04
C LEU B 235 39.72 5.41 -25.14
N GLU B 236 39.50 5.49 -23.83
CA GLU B 236 40.48 5.02 -22.84
C GLU B 236 40.12 3.68 -22.22
N ALA B 237 38.82 3.39 -22.12
CA ALA B 237 38.36 2.21 -21.39
C ALA B 237 38.67 0.89 -22.13
N LYS B 238 38.85 -0.16 -21.34
CA LYS B 238 39.01 -1.52 -21.87
C LYS B 238 37.75 -2.32 -21.57
N GLU B 239 37.51 -3.37 -22.36
CA GLU B 239 36.34 -4.23 -22.14
C GLU B 239 36.16 -4.60 -20.68
N GLY B 240 37.26 -5.01 -20.05
CA GLY B 240 37.24 -5.49 -18.68
C GLY B 240 36.78 -4.48 -17.66
N ASP B 241 36.86 -3.20 -18.00
CA ASP B 241 36.46 -2.15 -17.07
C ASP B 241 34.96 -2.22 -16.77
N LEU B 242 34.19 -2.83 -17.67
CA LEU B 242 32.73 -2.84 -17.54
C LEU B 242 32.17 -4.11 -16.92
N HIS B 243 33.05 -4.99 -16.44
CA HIS B 243 32.57 -6.20 -15.78
C HIS B 243 32.07 -5.86 -14.39
N ARG B 244 32.72 -4.89 -13.75
CA ARG B 244 32.31 -4.46 -12.42
C ARG B 244 32.37 -2.93 -12.35
N ILE B 245 31.20 -2.31 -12.28
CA ILE B 245 31.10 -0.85 -12.27
C ILE B 245 30.63 -0.39 -10.90
N GLU B 246 31.51 0.30 -10.17
CA GLU B 246 31.19 0.81 -8.84
C GLU B 246 31.00 2.32 -8.88
N ILE B 247 29.78 2.77 -8.55
CA ILE B 247 29.45 4.18 -8.59
C ILE B 247 29.11 4.70 -7.19
N PRO B 248 30.09 5.29 -6.49
CA PRO B 248 29.80 5.91 -5.21
C PRO B 248 29.05 7.22 -5.39
N PHE B 249 28.23 7.58 -4.41
CA PHE B 249 27.50 8.85 -4.47
C PHE B 249 27.33 9.46 -3.09
N LYS B 250 27.27 10.79 -3.07
CA LYS B 250 26.91 11.56 -1.89
C LYS B 250 26.03 12.71 -2.34
N PHE B 251 24.74 12.61 -2.07
CA PHE B 251 23.79 13.64 -2.46
C PHE B 251 23.58 14.61 -1.32
N HIS B 252 23.54 15.89 -1.64
N HIS B 252 23.54 15.90 -1.64
CA HIS B 252 23.15 16.89 -0.65
CA HIS B 252 23.16 16.92 -0.67
C HIS B 252 21.69 17.23 -0.88
C HIS B 252 21.68 17.23 -0.88
N MET B 253 20.84 16.74 0.02
CA MET B 253 19.39 16.81 -0.16
C MET B 253 18.90 18.24 -0.20
N LEU B 254 18.22 18.59 -1.29
CA LEU B 254 17.68 19.94 -1.48
C LEU B 254 16.26 20.06 -0.91
N HIS B 255 15.57 18.93 -0.79
CA HIS B 255 14.21 18.91 -0.28
C HIS B 255 14.05 17.84 0.82
N SER B 256 13.07 18.06 1.69
CA SER B 256 12.73 17.08 2.72
C SER B 256 11.63 16.15 2.21
N GLY B 257 11.68 14.89 2.62
CA GLY B 257 10.64 13.96 2.25
C GLY B 257 11.13 12.53 2.18
N LEU B 258 10.27 11.66 1.67
CA LEU B 258 10.64 10.26 1.52
C LEU B 258 11.38 10.03 0.22
N VAL B 259 12.54 9.39 0.31
CA VAL B 259 13.30 9.00 -0.86
C VAL B 259 12.90 7.56 -1.20
N HIS B 260 12.29 7.39 -2.38
CA HIS B 260 11.77 6.09 -2.79
C HIS B 260 12.75 5.33 -3.68
N GLY B 261 13.82 5.99 -4.09
CA GLY B 261 14.85 5.34 -4.87
C GLY B 261 15.77 6.28 -5.62
N LEU B 262 16.50 5.73 -6.58
CA LEU B 262 17.42 6.51 -7.40
C LEU B 262 16.93 6.51 -8.84
N ALA B 263 16.97 7.68 -9.47
CA ALA B 263 16.62 7.81 -10.88
C ALA B 263 17.89 7.83 -11.70
N PHE B 264 17.86 7.19 -12.87
CA PHE B 264 19.03 7.10 -13.72
C PHE B 264 18.74 7.63 -15.13
N TRP B 265 19.73 8.26 -15.74
CA TRP B 265 19.70 8.59 -17.16
C TRP B 265 21.13 8.78 -17.66
N PHE B 266 21.30 9.00 -18.96
CA PHE B 266 22.64 9.14 -19.48
C PHE B 266 22.75 10.11 -20.66
N ASP B 267 23.95 10.65 -20.83
CA ASP B 267 24.30 11.46 -21.98
C ASP B 267 25.52 10.83 -22.65
N VAL B 268 25.62 10.96 -23.97
CA VAL B 268 26.86 10.63 -24.67
C VAL B 268 27.28 11.85 -25.47
N ALA B 269 28.58 12.00 -25.66
CA ALA B 269 29.13 13.11 -26.41
C ALA B 269 29.92 12.59 -27.60
N PHE B 270 29.67 13.19 -28.76
CA PHE B 270 30.44 12.92 -29.95
C PHE B 270 31.47 14.03 -30.08
N ILE B 271 32.69 13.75 -29.65
CA ILE B 271 33.74 14.77 -29.60
C ILE B 271 34.51 14.76 -30.91
N GLY B 272 34.06 15.60 -31.83
CA GLY B 272 34.67 15.66 -33.15
C GLY B 272 35.66 16.79 -33.25
N SER B 273 36.29 16.90 -34.41
CA SER B 273 37.28 17.94 -34.65
C SER B 273 36.65 19.31 -34.81
N ILE B 274 35.40 19.35 -35.28
CA ILE B 274 34.74 20.62 -35.54
C ILE B 274 33.91 21.05 -34.35
N MET B 275 33.22 20.12 -33.73
CA MET B 275 32.40 20.44 -32.56
C MET B 275 32.02 19.20 -31.77
N THR B 276 31.62 19.41 -30.53
CA THR B 276 31.14 18.33 -29.70
C THR B 276 29.61 18.35 -29.71
N VAL B 277 29.02 17.21 -30.05
CA VAL B 277 27.57 17.08 -30.10
C VAL B 277 27.12 16.12 -29.00
N TRP B 278 26.11 16.55 -28.25
CA TRP B 278 25.61 15.77 -27.13
C TRP B 278 24.27 15.13 -27.45
N LEU B 279 24.12 13.87 -27.05
CA LEU B 279 22.85 13.18 -27.09
C LEU B 279 22.45 12.87 -25.65
N SER B 280 21.35 13.46 -25.19
CA SER B 280 20.95 13.36 -23.80
C SER B 280 19.60 12.66 -23.63
N THR B 281 19.51 11.82 -22.60
CA THR B 281 18.26 11.18 -22.25
C THR B 281 17.77 11.70 -20.89
N ALA B 282 18.24 12.88 -20.51
CA ALA B 282 17.85 13.49 -19.25
C ALA B 282 16.37 13.87 -19.25
N PRO B 283 15.74 13.87 -18.06
CA PRO B 283 14.32 14.21 -17.97
C PRO B 283 14.05 15.69 -18.25
N THR B 284 15.11 16.49 -18.33
CA THR B 284 14.99 17.89 -18.71
C THR B 284 14.99 18.06 -20.23
N GLU B 285 15.23 16.97 -20.95
CA GLU B 285 15.34 17.02 -22.40
C GLU B 285 14.20 16.26 -23.07
N PRO B 286 13.97 16.51 -24.37
CA PRO B 286 12.94 15.77 -25.10
C PRO B 286 13.10 14.26 -24.96
N LEU B 287 11.99 13.56 -24.83
CA LEU B 287 12.01 12.12 -24.55
C LEU B 287 12.58 11.30 -25.69
N THR B 288 13.34 10.27 -25.33
CA THR B 288 13.87 9.30 -26.30
C THR B 288 13.31 7.92 -25.99
N HIS B 289 13.63 6.93 -26.83
CA HIS B 289 13.13 5.58 -26.60
C HIS B 289 13.86 4.93 -25.41
N TRP B 290 14.86 5.61 -24.89
CA TRP B 290 15.57 5.15 -23.69
C TRP B 290 14.83 5.58 -22.44
N TYR B 291 13.97 6.59 -22.58
CA TYR B 291 13.23 7.14 -21.45
C TYR B 291 14.19 7.44 -20.29
N GLN B 292 13.78 7.10 -19.08
CA GLN B 292 14.69 7.12 -17.94
C GLN B 292 14.47 5.83 -17.16
N VAL B 293 15.32 5.59 -16.16
CA VAL B 293 15.23 4.38 -15.36
C VAL B 293 15.24 4.72 -13.88
N ARG B 294 14.35 4.10 -13.13
CA ARG B 294 14.29 4.30 -11.69
C ARG B 294 14.39 2.98 -10.95
N CYS B 295 15.26 2.94 -9.95
CA CYS B 295 15.39 1.77 -9.09
C CYS B 295 14.80 2.11 -7.72
N LEU B 296 13.75 1.39 -7.35
CA LEU B 296 13.05 1.62 -6.09
C LEU B 296 13.74 0.96 -4.90
N PHE B 297 13.66 1.62 -3.75
CA PHE B 297 13.97 0.99 -2.48
C PHE B 297 12.76 0.18 -2.03
N GLN B 298 12.98 -0.95 -1.36
CA GLN B 298 11.87 -1.73 -0.85
C GLN B 298 11.16 -0.95 0.26
N SER B 299 11.92 -0.12 0.97
CA SER B 299 11.34 0.79 1.95
C SER B 299 11.99 2.16 1.79
N PRO B 300 11.17 3.21 1.66
CA PRO B 300 11.74 4.55 1.44
C PRO B 300 12.54 5.05 2.63
N LEU B 301 13.46 5.98 2.35
CA LEU B 301 14.27 6.59 3.40
C LEU B 301 13.81 8.03 3.59
N PHE B 302 13.55 8.42 4.82
CA PHE B 302 13.20 9.80 5.09
C PHE B 302 14.47 10.62 5.28
N ALA B 303 14.50 11.79 4.65
CA ALA B 303 15.61 12.71 4.81
C ALA B 303 15.13 14.15 4.83
N LYS B 304 15.83 14.99 5.58
CA LYS B 304 15.54 16.42 5.60
C LYS B 304 16.48 17.18 4.67
N ALA B 305 16.03 18.35 4.20
CA ALA B 305 16.87 19.19 3.38
C ALA B 305 18.16 19.48 4.14
N GLY B 306 19.30 19.37 3.47
CA GLY B 306 20.58 19.60 4.10
C GLY B 306 21.27 18.31 4.52
N ASP B 307 20.50 17.24 4.65
CA ASP B 307 21.05 15.92 4.95
C ASP B 307 21.90 15.43 3.79
N THR B 308 22.70 14.41 4.04
CA THR B 308 23.46 13.78 2.97
C THR B 308 23.05 12.31 2.82
N LEU B 309 22.79 11.95 1.58
CA LEU B 309 22.47 10.58 1.21
C LEU B 309 23.68 9.98 0.52
N SER B 310 24.32 9.00 1.16
CA SER B 310 25.55 8.41 0.64
C SER B 310 25.39 6.92 0.44
N GLY B 311 26.20 6.37 -0.45
CA GLY B 311 26.17 4.95 -0.71
C GLY B 311 26.83 4.57 -2.01
N THR B 312 26.46 3.41 -2.51
CA THR B 312 27.10 2.86 -3.69
C THR B 312 26.10 2.18 -4.62
N CYS B 313 26.26 2.44 -5.91
CA CYS B 313 25.56 1.68 -6.92
C CYS B 313 26.59 0.80 -7.62
N LEU B 314 26.45 -0.50 -7.43
CA LEU B 314 27.39 -1.48 -7.96
C LEU B 314 26.76 -2.32 -9.05
N LEU B 315 27.31 -2.28 -10.26
CA LEU B 315 26.78 -3.09 -11.34
C LEU B 315 27.74 -4.25 -11.64
N ILE B 316 27.23 -5.47 -11.56
CA ILE B 316 28.02 -6.66 -11.85
C ILE B 316 27.46 -7.30 -13.11
N ALA B 317 28.29 -7.39 -14.14
CA ALA B 317 27.86 -7.95 -15.41
C ALA B 317 27.57 -9.44 -15.28
N ASN B 318 26.47 -9.89 -15.90
CA ASN B 318 26.12 -11.31 -15.90
C ASN B 318 26.09 -11.83 -17.33
N LYS B 319 25.95 -13.15 -17.47
CA LYS B 319 25.99 -13.78 -18.79
C LYS B 319 24.69 -13.63 -19.60
N ARG B 320 23.72 -12.90 -19.07
CA ARG B 320 22.48 -12.65 -19.80
C ARG B 320 22.52 -11.27 -20.45
N GLN B 321 23.72 -10.78 -20.73
CA GLN B 321 23.92 -9.51 -21.42
C GLN B 321 23.33 -8.35 -20.65
N SER B 322 23.40 -8.41 -19.32
CA SER B 322 22.88 -7.33 -18.50
C SER B 322 23.71 -7.23 -17.22
N TYR B 323 23.15 -6.58 -16.21
CA TYR B 323 23.87 -6.37 -14.95
C TYR B 323 23.00 -6.71 -13.76
N ASP B 324 23.64 -7.27 -12.74
CA ASP B 324 23.03 -7.38 -11.43
C ASP B 324 23.37 -6.08 -10.72
N ILE B 325 22.34 -5.35 -10.28
CA ILE B 325 22.55 -4.03 -9.69
C ILE B 325 22.35 -4.07 -8.19
N SER B 326 23.38 -3.67 -7.48
CA SER B 326 23.31 -3.54 -6.03
C SER B 326 23.33 -2.07 -5.66
N ILE B 327 22.29 -1.62 -4.98
CA ILE B 327 22.23 -0.25 -4.51
C ILE B 327 22.16 -0.26 -2.99
N VAL B 328 23.08 0.47 -2.39
CA VAL B 328 23.08 0.66 -0.95
C VAL B 328 23.10 2.16 -0.70
N ALA B 329 22.17 2.63 0.12
CA ALA B 329 22.03 4.04 0.38
C ALA B 329 21.81 4.27 1.87
N GLN B 330 22.30 5.41 2.35
CA GLN B 330 22.22 5.70 3.76
C GLN B 330 22.06 7.20 4.00
N VAL B 331 21.16 7.55 4.92
CA VAL B 331 21.05 8.92 5.39
C VAL B 331 22.11 9.07 6.47
N ASP B 332 23.16 9.82 6.17
CA ASP B 332 24.32 9.88 7.04
C ASP B 332 23.98 10.35 8.45
N GLN B 333 23.07 11.32 8.54
CA GLN B 333 22.73 11.93 9.82
C GLN B 333 21.93 11.02 10.76
N THR B 334 21.25 10.02 10.21
CA THR B 334 20.38 9.16 11.01
C THR B 334 20.81 7.70 10.98
N GLY B 335 21.60 7.32 9.97
CA GLY B 335 21.99 5.94 9.81
C GLY B 335 20.94 5.06 9.18
N SER B 336 19.87 5.66 8.67
CA SER B 336 18.81 4.90 7.99
C SER B 336 19.39 4.39 6.68
N LYS B 337 19.32 3.08 6.50
CA LYS B 337 20.01 2.41 5.40
C LYS B 337 19.01 1.60 4.59
N SER B 338 19.20 1.57 3.27
CA SER B 338 18.38 0.75 2.42
C SER B 338 19.22 0.00 1.40
N SER B 339 18.76 -1.19 1.03
CA SER B 339 19.48 -2.03 0.09
C SER B 339 18.49 -2.63 -0.89
N ASN B 340 18.95 -2.89 -2.10
CA ASN B 340 18.14 -3.59 -3.06
C ASN B 340 19.01 -4.23 -4.13
N LEU B 341 18.49 -5.32 -4.70
CA LEU B 341 19.12 -5.96 -5.85
C LEU B 341 18.16 -5.89 -7.00
N LEU B 342 18.61 -5.33 -8.11
CA LEU B 342 17.74 -5.19 -9.27
C LEU B 342 18.35 -5.96 -10.42
N ASP B 343 17.48 -6.46 -11.28
CA ASP B 343 17.89 -7.22 -12.45
C ASP B 343 17.59 -6.37 -13.67
N LEU B 344 18.63 -5.75 -14.20
CA LEU B 344 18.47 -4.78 -15.28
C LEU B 344 17.98 -5.43 -16.58
N LYS B 345 18.14 -6.74 -16.69
CA LYS B 345 17.71 -7.47 -17.89
C LYS B 345 16.21 -7.38 -18.09
N ASN B 346 15.47 -7.43 -16.99
CA ASN B 346 14.01 -7.53 -17.03
C ASN B 346 13.31 -6.38 -16.33
N PRO B 347 13.36 -5.19 -16.92
CA PRO B 347 12.73 -4.02 -16.32
C PRO B 347 11.23 -4.01 -16.51
N PHE B 348 10.55 -3.16 -15.76
CA PHE B 348 9.12 -2.94 -15.94
C PHE B 348 8.91 -1.71 -16.81
N PHE B 349 8.40 -1.93 -18.01
N PHE B 349 8.39 -1.94 -18.01
CA PHE B 349 8.12 -0.84 -18.95
CA PHE B 349 8.11 -0.87 -18.95
C PHE B 349 6.76 -0.26 -18.61
C PHE B 349 6.75 -0.26 -18.62
N ARG B 350 6.78 0.94 -18.04
CA ARG B 350 5.58 1.54 -17.47
C ARG B 350 4.98 2.66 -18.34
N TYR B 351 5.80 3.23 -19.22
N TYR B 351 5.80 3.24 -19.21
CA TYR B 351 5.39 4.35 -20.06
CA TYR B 351 5.39 4.36 -20.04
C TYR B 351 4.13 4.08 -20.85
C TYR B 351 4.11 4.06 -20.83
N THR B 352 3.21 5.04 -20.85
CA THR B 352 1.96 4.94 -21.62
C THR B 352 1.59 6.31 -22.19
N SER C 10 4.83 1.12 46.73
CA SER C 10 5.93 1.78 46.02
C SER C 10 5.71 3.30 45.96
N VAL C 11 6.75 4.02 45.56
CA VAL C 11 6.67 5.47 45.42
C VAL C 11 5.66 5.86 44.34
N PHE C 12 5.65 5.10 43.24
CA PHE C 12 4.78 5.40 42.12
C PHE C 12 3.31 5.25 42.52
N SER C 13 2.98 4.10 43.09
CA SER C 13 1.59 3.80 43.43
C SER C 13 1.05 4.74 44.51
N GLU C 14 1.92 5.20 45.39
CA GLU C 14 1.51 6.12 46.46
C GLU C 14 1.11 7.49 45.92
N ARG C 15 1.69 7.89 44.79
CA ARG C 15 1.42 9.21 44.22
C ARG C 15 0.45 9.16 43.04
N THR C 16 -0.03 7.95 42.71
CA THR C 16 -0.88 7.78 41.53
C THR C 16 -2.12 6.95 41.86
N GLU C 17 -3.28 7.53 41.58
CA GLU C 17 -4.54 6.80 41.68
C GLU C 17 -4.54 5.74 40.58
N GLU C 18 -4.86 4.51 40.97
CA GLU C 18 -4.75 3.36 40.07
C GLU C 18 -5.44 3.52 38.72
N SER C 19 -6.67 4.04 38.71
CA SER C 19 -7.40 4.22 37.44
C SER C 19 -6.58 5.03 36.43
N SER C 20 -5.88 6.06 36.92
CA SER C 20 -5.06 6.90 36.06
C SER C 20 -3.88 6.09 35.53
N ALA C 21 -3.25 5.30 36.40
CA ALA C 21 -2.11 4.49 36.02
C ALA C 21 -2.51 3.46 34.96
N VAL C 22 -3.65 2.81 35.15
CA VAL C 22 -4.17 1.85 34.19
C VAL C 22 -4.27 2.50 32.82
N GLN C 23 -5.03 3.59 32.76
CA GLN C 23 -5.22 4.32 31.50
C GLN C 23 -3.88 4.76 30.91
N TYR C 24 -2.99 5.24 31.77
CA TYR C 24 -1.70 5.76 31.34
C TYR C 24 -0.85 4.72 30.61
N PHE C 25 -0.70 3.55 31.22
CA PHE C 25 0.17 2.53 30.64
C PHE C 25 -0.53 1.74 29.53
N GLN C 26 -1.85 1.73 29.54
CA GLN C 26 -2.59 1.17 28.42
C GLN C 26 -2.34 2.01 27.17
N PHE C 27 -2.32 3.33 27.37
CA PHE C 27 -2.07 4.28 26.29
C PHE C 27 -0.74 3.98 25.58
N TYR C 28 0.31 3.78 26.36
CA TYR C 28 1.64 3.56 25.80
C TYR C 28 1.88 2.12 25.37
N GLY C 29 0.89 1.27 25.58
CA GLY C 29 0.98 -0.12 25.13
C GLY C 29 0.69 -0.26 23.64
N TYR C 30 0.22 0.83 23.03
CA TYR C 30 -0.10 0.84 21.60
C TYR C 30 1.10 1.19 20.74
N LEU C 31 1.33 0.39 19.70
CA LEU C 31 2.40 0.64 18.76
C LEU C 31 2.15 1.94 18.02
N SER C 32 0.89 2.27 17.81
CA SER C 32 0.54 3.51 17.11
C SER C 32 0.97 4.76 17.89
N GLN C 33 0.90 4.70 19.22
CA GLN C 33 1.33 5.83 20.04
C GLN C 33 2.86 5.92 20.08
N GLN C 34 3.53 4.79 20.17
CA GLN C 34 4.98 4.77 20.10
C GLN C 34 5.39 5.34 18.75
N GLN C 35 4.70 4.91 17.69
CA GLN C 35 4.97 5.37 16.34
C GLN C 35 4.86 6.89 16.22
N ASN C 36 3.79 7.46 16.77
CA ASN C 36 3.57 8.89 16.70
C ASN C 36 4.75 9.67 17.28
N MET C 37 5.27 9.18 18.40
CA MET C 37 6.42 9.81 19.04
C MET C 37 7.67 9.60 18.18
N MET C 38 7.82 8.38 17.66
CA MET C 38 8.99 8.04 16.86
C MET C 38 9.03 8.83 15.55
N GLN C 39 7.86 9.17 15.03
CA GLN C 39 7.77 9.89 13.75
C GLN C 39 7.99 11.39 13.91
N ASP C 40 8.04 11.86 15.16
CA ASP C 40 8.42 13.23 15.45
C ASP C 40 9.93 13.35 15.25
N TYR C 41 10.34 13.78 14.07
CA TYR C 41 11.75 13.73 13.69
C TYR C 41 12.62 14.62 14.58
N VAL C 42 12.08 15.76 15.01
CA VAL C 42 12.82 16.65 15.90
C VAL C 42 13.20 15.90 17.16
N ARG C 43 12.21 15.29 17.80
CA ARG C 43 12.41 14.57 19.05
C ARG C 43 13.40 13.43 18.89
N THR C 44 13.11 12.54 17.95
CA THR C 44 13.89 11.32 17.76
C THR C 44 15.29 11.60 17.21
N GLY C 45 15.38 12.52 16.26
CA GLY C 45 16.65 12.86 15.65
C GLY C 45 17.59 13.54 16.64
N THR C 46 17.05 14.40 17.48
CA THR C 46 17.87 15.13 18.44
C THR C 46 18.40 14.21 19.52
N TYR C 47 17.56 13.28 19.99
CA TYR C 47 18.02 12.29 20.96
C TYR C 47 19.17 11.47 20.37
N GLN C 48 19.02 11.04 19.11
CA GLN C 48 20.06 10.27 18.44
C GLN C 48 21.35 11.07 18.31
N ARG C 49 21.23 12.33 17.88
CA ARG C 49 22.37 13.22 17.74
C ARG C 49 23.08 13.45 19.07
N ALA C 50 22.30 13.68 20.11
CA ALA C 50 22.85 13.94 21.44
C ALA C 50 23.66 12.76 21.94
N ILE C 51 23.17 11.55 21.67
CA ILE C 51 23.80 10.35 22.17
C ILE C 51 25.05 10.01 21.35
N LEU C 52 24.92 10.03 20.03
CA LEU C 52 26.02 9.64 19.15
C LEU C 52 27.16 10.66 19.13
N GLN C 53 26.83 11.95 19.15
CA GLN C 53 27.84 12.99 19.14
C GLN C 53 28.58 13.09 20.48
N ASN C 54 28.00 12.46 21.50
CA ASN C 54 28.65 12.35 22.81
C ASN C 54 28.99 10.88 23.10
N HIS C 55 29.54 10.20 22.10
CA HIS C 55 29.81 8.78 22.17
C HIS C 55 30.73 8.40 23.32
N THR C 56 31.58 9.34 23.75
CA THR C 56 32.51 9.09 24.83
C THR C 56 31.77 8.91 26.15
N ASP C 57 30.57 9.49 26.23
CA ASP C 57 29.73 9.33 27.41
C ASP C 57 29.01 7.98 27.45
N PHE C 58 29.17 7.18 26.39
CA PHE C 58 28.46 5.89 26.28
C PHE C 58 29.40 4.71 26.05
N LYS C 59 30.51 4.93 25.36
CA LYS C 59 31.46 3.87 25.02
C LYS C 59 31.82 3.03 26.26
N ASP C 60 31.50 1.74 26.22
CA ASP C 60 31.83 0.82 27.31
C ASP C 60 31.19 1.21 28.64
N LYS C 61 30.07 1.94 28.58
CA LYS C 61 29.39 2.40 29.78
C LYS C 61 28.18 1.54 30.11
N ILE C 62 27.74 1.62 31.36
CA ILE C 62 26.52 0.96 31.79
C ILE C 62 25.41 2.00 31.69
N VAL C 63 24.30 1.66 31.05
CA VAL C 63 23.24 2.62 30.78
C VAL C 63 21.91 2.16 31.36
N LEU C 64 21.12 3.12 31.82
CA LEU C 64 19.74 2.87 32.23
C LEU C 64 18.80 3.71 31.37
N ASP C 65 17.84 3.03 30.72
CA ASP C 65 16.83 3.72 29.92
C ASP C 65 15.48 3.66 30.63
N VAL C 66 15.03 4.79 31.16
CA VAL C 66 13.81 4.86 31.94
C VAL C 66 12.59 5.03 31.04
N GLY C 67 11.76 4.00 30.97
CA GLY C 67 10.60 4.03 30.11
C GLY C 67 11.01 3.89 28.66
N CYS C 68 11.56 2.73 28.32
CA CYS C 68 12.23 2.55 27.05
C CYS C 68 11.25 2.51 25.89
N GLY C 69 9.97 2.31 26.18
CA GLY C 69 8.97 2.19 25.13
C GLY C 69 9.33 1.11 24.12
N SER C 70 9.44 1.50 22.86
CA SER C 70 9.84 0.59 21.80
C SER C 70 11.28 0.13 21.96
N GLY C 71 12.06 0.94 22.67
CA GLY C 71 13.45 0.64 22.92
C GLY C 71 14.40 1.52 22.12
N ILE C 72 13.82 2.48 21.40
CA ILE C 72 14.56 3.28 20.42
C ILE C 72 15.80 3.96 21.02
N LEU C 73 15.68 4.52 22.23
CA LEU C 73 16.80 5.22 22.85
C LEU C 73 17.90 4.26 23.31
N SER C 74 17.50 3.05 23.69
CA SER C 74 18.48 2.02 24.06
C SER C 74 19.31 1.61 22.85
N PHE C 75 18.69 1.55 21.67
CA PHE C 75 19.42 1.21 20.45
C PHE C 75 20.42 2.30 20.10
N PHE C 76 20.03 3.56 20.30
CA PHE C 76 20.95 4.67 20.09
C PHE C 76 22.16 4.53 21.03
N ALA C 77 21.89 4.19 22.29
CA ALA C 77 22.96 3.98 23.26
C ALA C 77 23.86 2.84 22.80
N ALA C 78 23.27 1.84 22.16
CA ALA C 78 24.01 0.71 21.63
C ALA C 78 24.89 1.17 20.47
N GLN C 79 24.33 2.03 19.61
CA GLN C 79 25.08 2.60 18.50
C GLN C 79 26.28 3.38 19.01
N ALA C 80 26.17 3.93 20.21
CA ALA C 80 27.24 4.74 20.78
C ALA C 80 28.29 3.90 21.52
N GLY C 81 28.04 2.60 21.65
CA GLY C 81 29.05 1.71 22.20
C GLY C 81 28.85 1.30 23.65
N ALA C 82 27.63 1.49 24.17
CA ALA C 82 27.36 1.12 25.56
C ALA C 82 27.69 -0.35 25.78
N ARG C 83 28.25 -0.66 26.93
CA ARG C 83 28.65 -2.04 27.23
C ARG C 83 27.41 -2.85 27.61
N LYS C 84 26.51 -2.24 28.38
CA LYS C 84 25.27 -2.90 28.77
C LYS C 84 24.17 -1.88 29.07
N ILE C 85 22.97 -2.12 28.56
CA ILE C 85 21.85 -1.20 28.73
C ILE C 85 20.65 -1.86 29.42
N TYR C 86 20.23 -1.29 30.55
CA TYR C 86 19.00 -1.70 31.21
C TYR C 86 17.81 -0.88 30.72
N ALA C 87 16.88 -1.53 30.03
CA ALA C 87 15.73 -0.85 29.47
C ALA C 87 14.47 -1.20 30.25
N VAL C 88 13.98 -0.25 31.05
CA VAL C 88 12.85 -0.48 31.94
C VAL C 88 11.57 0.07 31.33
N GLU C 89 10.51 -0.75 31.30
CA GLU C 89 9.23 -0.34 30.73
C GLU C 89 8.08 -1.04 31.44
N ALA C 90 7.08 -0.27 31.85
CA ALA C 90 6.00 -0.77 32.68
C ALA C 90 4.78 -1.22 31.87
N SER C 91 4.61 -0.67 30.68
CA SER C 91 3.48 -1.06 29.83
C SER C 91 3.80 -2.36 29.10
N THR C 92 2.82 -2.91 28.40
CA THR C 92 3.00 -4.14 27.65
C THR C 92 3.94 -3.93 26.45
N MET C 93 4.30 -2.69 26.18
CA MET C 93 5.26 -2.38 25.13
C MET C 93 6.61 -3.07 25.40
N ALA C 94 6.85 -3.44 26.66
CA ALA C 94 8.08 -4.13 27.04
C ALA C 94 8.28 -5.40 26.23
N GLN C 95 7.18 -6.08 25.91
CA GLN C 95 7.23 -7.31 25.11
C GLN C 95 7.73 -7.03 23.71
N HIS C 96 7.30 -5.91 23.14
CA HIS C 96 7.67 -5.55 21.78
C HIS C 96 9.12 -5.09 21.71
N ALA C 97 9.56 -4.38 22.74
CA ALA C 97 10.96 -3.98 22.83
C ALA C 97 11.86 -5.21 22.83
N GLU C 98 11.47 -6.21 23.62
CA GLU C 98 12.23 -7.44 23.72
C GLU C 98 12.35 -8.11 22.34
N VAL C 99 11.26 -8.09 21.59
CA VAL C 99 11.26 -8.63 20.24
C VAL C 99 12.30 -7.91 19.38
N LEU C 100 12.35 -6.58 19.48
CA LEU C 100 13.28 -5.80 18.67
C LEU C 100 14.73 -6.04 19.11
N VAL C 101 14.93 -6.23 20.41
CA VAL C 101 16.26 -6.49 20.93
C VAL C 101 16.79 -7.78 20.33
N LYS C 102 15.91 -8.78 20.25
CA LYS C 102 16.25 -10.08 19.69
C LYS C 102 16.50 -9.98 18.19
N SER C 103 15.56 -9.36 17.47
CA SER C 103 15.65 -9.26 16.03
C SER C 103 16.82 -8.39 15.58
N ASN C 104 17.32 -7.54 16.46
CA ASN C 104 18.47 -6.69 16.15
C ASN C 104 19.75 -7.24 16.76
N ASN C 105 19.71 -8.50 17.20
CA ASN C 105 20.88 -9.22 17.71
C ASN C 105 21.65 -8.45 18.77
N LEU C 106 20.93 -7.90 19.75
CA LEU C 106 21.56 -7.10 20.81
C LEU C 106 21.16 -7.59 22.19
N THR C 107 20.80 -8.87 22.30
CA THR C 107 20.39 -9.46 23.56
C THR C 107 21.53 -9.48 24.58
N ASP C 108 22.76 -9.50 24.08
CA ASP C 108 23.94 -9.55 24.94
C ASP C 108 24.25 -8.19 25.55
N ARG C 109 23.57 -7.15 25.08
CA ARG C 109 23.89 -5.78 25.47
C ARG C 109 22.70 -5.04 26.05
N ILE C 110 21.51 -5.33 25.52
CA ILE C 110 20.28 -4.70 26.00
C ILE C 110 19.43 -5.68 26.80
N VAL C 111 19.07 -5.29 28.02
CA VAL C 111 18.22 -6.11 28.87
C VAL C 111 16.91 -5.39 29.14
N VAL C 112 15.82 -5.90 28.57
CA VAL C 112 14.50 -5.34 28.82
C VAL C 112 13.99 -5.82 30.17
N ILE C 113 13.53 -4.87 30.99
CA ILE C 113 13.02 -5.18 32.31
C ILE C 113 11.58 -4.71 32.45
N PRO C 114 10.61 -5.63 32.37
CA PRO C 114 9.23 -5.17 32.50
C PRO C 114 8.90 -4.72 33.93
N GLY C 115 8.21 -3.60 34.06
CA GLY C 115 7.82 -3.08 35.36
C GLY C 115 8.11 -1.59 35.53
N LYS C 116 7.64 -1.03 36.63
CA LYS C 116 7.87 0.38 36.92
C LYS C 116 9.26 0.54 37.54
N VAL C 117 9.96 1.62 37.16
CA VAL C 117 11.33 1.83 37.60
C VAL C 117 11.39 2.00 39.13
N GLU C 118 10.27 2.41 39.71
CA GLU C 118 10.18 2.56 41.16
C GLU C 118 10.00 1.21 41.85
N GLU C 119 9.76 0.16 41.08
CA GLU C 119 9.36 -1.12 41.65
C GLU C 119 10.30 -2.27 41.26
N VAL C 120 10.92 -2.19 40.09
CA VAL C 120 11.81 -3.26 39.65
C VAL C 120 13.09 -3.22 40.46
N SER C 121 13.90 -4.27 40.32
CA SER C 121 15.21 -4.31 40.95
C SER C 121 16.28 -4.36 39.89
N LEU C 122 17.23 -3.44 39.97
CA LEU C 122 18.38 -3.46 39.06
C LEU C 122 19.57 -4.02 39.83
N PRO C 123 20.39 -4.84 39.15
CA PRO C 123 21.53 -5.51 39.80
C PRO C 123 22.74 -4.61 40.10
N GLU C 124 22.89 -3.50 39.39
CA GLU C 124 24.07 -2.65 39.56
C GLU C 124 23.81 -1.17 39.28
N GLN C 125 24.76 -0.34 39.69
CA GLN C 125 24.72 1.09 39.42
C GLN C 125 25.11 1.38 37.97
N VAL C 126 24.65 2.51 37.45
CA VAL C 126 24.86 2.85 36.04
C VAL C 126 25.67 4.13 35.91
N ASP C 127 26.29 4.31 34.75
CA ASP C 127 27.12 5.49 34.47
C ASP C 127 26.28 6.66 33.97
N ILE C 128 25.17 6.36 33.31
CA ILE C 128 24.34 7.41 32.71
C ILE C 128 22.91 6.92 32.54
N ILE C 129 21.95 7.81 32.81
CA ILE C 129 20.55 7.50 32.60
C ILE C 129 20.04 8.27 31.40
N ILE C 130 19.35 7.57 30.50
CA ILE C 130 18.69 8.20 29.36
C ILE C 130 17.20 8.02 29.52
N SER C 131 16.42 9.01 29.06
CA SER C 131 14.97 8.92 29.12
C SER C 131 14.31 10.06 28.34
N GLU C 132 13.03 9.88 28.05
CA GLU C 132 12.23 10.94 27.47
C GLU C 132 10.95 11.07 28.30
N PRO C 133 11.06 11.70 29.49
CA PRO C 133 9.97 11.81 30.45
C PRO C 133 9.15 13.11 30.37
N MET C 134 9.37 13.92 29.33
CA MET C 134 8.73 15.22 29.24
C MET C 134 7.30 15.11 28.69
N GLY C 135 6.38 15.81 29.33
CA GLY C 135 5.01 15.94 28.86
C GLY C 135 4.68 17.37 28.45
N TYR C 136 3.40 17.65 28.23
CA TYR C 136 2.95 19.00 27.95
C TYR C 136 3.50 19.97 28.99
N MET C 137 3.97 21.12 28.51
CA MET C 137 4.62 22.13 29.33
C MET C 137 5.61 21.46 30.28
N LEU C 138 6.29 20.45 29.75
CA LEU C 138 7.36 19.70 30.42
C LEU C 138 6.89 18.73 31.52
N PHE C 139 6.09 19.23 32.46
CA PHE C 139 5.84 18.47 33.68
C PHE C 139 4.66 17.51 33.61
N ASN C 140 3.79 17.65 32.61
CA ASN C 140 2.60 16.79 32.55
C ASN C 140 3.00 15.32 32.49
N GLU C 141 2.16 14.47 33.10
CA GLU C 141 2.35 13.01 33.23
C GLU C 141 3.21 12.64 34.44
N ARG C 142 3.96 13.61 34.96
CA ARG C 142 4.76 13.42 36.16
C ARG C 142 5.80 12.31 36.00
N MET C 143 6.23 12.06 34.78
CA MET C 143 7.24 11.03 34.54
C MET C 143 8.64 11.53 34.91
N LEU C 144 8.82 12.84 35.00
CA LEU C 144 10.10 13.39 35.44
C LEU C 144 10.47 12.88 36.82
N GLU C 145 9.47 12.61 37.66
CA GLU C 145 9.72 12.11 39.01
C GLU C 145 10.25 10.67 38.96
N SER C 146 9.80 9.91 37.97
CA SER C 146 10.32 8.56 37.76
C SER C 146 11.77 8.63 37.28
N TYR C 147 12.06 9.65 36.47
CA TYR C 147 13.40 9.88 35.94
C TYR C 147 14.38 10.22 37.07
N LEU C 148 13.97 11.14 37.94
CA LEU C 148 14.80 11.54 39.07
C LEU C 148 14.90 10.41 40.10
N HIS C 149 13.79 9.70 40.31
CA HIS C 149 13.78 8.57 41.21
C HIS C 149 14.84 7.53 40.83
N ALA C 150 15.06 7.37 39.53
CA ALA C 150 16.00 6.37 39.03
C ALA C 150 17.46 6.67 39.38
N LYS C 151 17.74 7.87 39.87
CA LYS C 151 19.13 8.21 40.23
C LYS C 151 19.62 7.38 41.40
N LYS C 152 18.73 6.66 42.07
CA LYS C 152 19.14 5.74 43.13
C LYS C 152 20.02 4.64 42.53
N TYR C 153 19.96 4.48 41.21
CA TYR C 153 20.80 3.51 40.51
C TYR C 153 21.99 4.16 39.81
N LEU C 154 22.14 5.48 39.97
CA LEU C 154 23.19 6.24 39.29
C LEU C 154 24.45 6.39 40.13
N LYS C 155 25.61 6.16 39.52
CA LYS C 155 26.88 6.38 40.21
C LYS C 155 27.00 7.85 40.55
N PRO C 156 27.74 8.18 41.63
CA PRO C 156 27.96 9.59 42.02
C PRO C 156 28.50 10.47 40.89
N SER C 157 29.38 9.92 40.06
CA SER C 157 29.94 10.66 38.95
C SER C 157 29.11 10.52 37.68
N GLY C 158 27.94 9.91 37.81
CA GLY C 158 27.07 9.64 36.67
C GLY C 158 26.44 10.86 36.01
N ASN C 159 25.96 10.68 34.78
CA ASN C 159 25.32 11.76 34.03
C ASN C 159 23.84 11.45 33.72
N MET C 160 23.12 12.46 33.25
CA MET C 160 21.70 12.33 32.93
C MET C 160 21.44 12.94 31.55
N PHE C 161 20.77 12.18 30.69
CA PHE C 161 20.43 12.63 29.34
C PHE C 161 18.91 12.53 29.13
N PRO C 162 18.21 13.68 29.15
CA PRO C 162 18.69 15.07 29.24
C PRO C 162 19.23 15.44 30.61
N THR C 163 20.05 16.49 30.64
CA THR C 163 20.71 16.90 31.87
C THR C 163 19.90 17.95 32.61
N ILE C 164 19.29 18.87 31.85
CA ILE C 164 18.47 19.91 32.45
C ILE C 164 17.21 20.11 31.63
N GLY C 165 16.18 20.68 32.25
CA GLY C 165 14.96 21.03 31.56
C GLY C 165 14.54 22.45 31.87
N ASP C 166 14.24 23.22 30.83
CA ASP C 166 13.76 24.59 30.97
C ASP C 166 12.29 24.74 30.56
N VAL C 167 11.45 25.22 31.46
CA VAL C 167 10.09 25.60 31.10
C VAL C 167 10.05 27.11 30.90
N HIS C 168 9.50 27.54 29.77
CA HIS C 168 9.39 28.97 29.44
C HIS C 168 7.96 29.45 29.56
N LEU C 169 7.81 30.65 30.11
CA LEU C 169 6.51 31.31 30.21
C LEU C 169 6.56 32.68 29.57
N ALA C 170 5.49 33.05 28.87
CA ALA C 170 5.42 34.37 28.25
C ALA C 170 3.96 34.81 28.13
N PRO C 171 3.69 36.11 28.33
CA PRO C 171 2.33 36.61 28.17
C PRO C 171 1.94 36.72 26.70
N PHE C 172 0.68 36.44 26.38
CA PHE C 172 0.23 36.51 24.99
C PHE C 172 -1.08 37.27 24.87
N THR C 173 -1.33 37.76 23.66
CA THR C 173 -2.62 38.35 23.32
C THR C 173 -3.22 37.53 22.18
N ASP C 174 -4.46 37.11 22.35
CA ASP C 174 -5.18 36.36 21.32
C ASP C 174 -6.67 36.58 21.52
N GLU C 175 -7.16 37.68 20.98
CA GLU C 175 -8.54 38.09 21.20
C GLU C 175 -9.50 36.99 20.74
N GLN C 176 -9.19 36.36 19.62
CA GLN C 176 -10.06 35.32 19.08
C GLN C 176 -10.16 34.12 20.02
N LEU C 177 -9.03 33.70 20.58
CA LEU C 177 -9.01 32.58 21.52
C LEU C 177 -9.87 32.90 22.75
N TYR C 178 -9.70 34.11 23.28
CA TYR C 178 -10.45 34.52 24.46
C TYR C 178 -11.96 34.54 24.18
N MET C 179 -12.35 35.20 23.08
N MET C 179 -12.34 35.19 23.09
CA MET C 179 -13.76 35.34 22.71
CA MET C 179 -13.75 35.34 22.75
C MET C 179 -14.38 33.98 22.39
C MET C 179 -14.37 33.99 22.39
N GLU C 180 -13.56 33.09 21.86
CA GLU C 180 -14.00 31.75 21.50
C GLU C 180 -14.65 31.02 22.67
N GLN C 181 -14.14 31.24 23.88
CA GLN C 181 -14.65 30.54 25.04
C GLN C 181 -16.11 30.92 25.30
N PHE C 182 -16.42 32.19 25.10
CA PHE C 182 -17.77 32.68 25.35
C PHE C 182 -18.71 32.31 24.21
N THR C 183 -18.21 32.25 23.00
CA THR C 183 -19.03 31.86 21.86
C THR C 183 -19.57 30.45 22.07
N LYS C 184 -18.69 29.55 22.53
CA LYS C 184 -19.07 28.17 22.80
C LYS C 184 -20.02 28.08 24.00
N ALA C 185 -19.67 28.80 25.07
CA ALA C 185 -20.47 28.77 26.29
C ALA C 185 -21.84 29.40 26.06
N ASN C 186 -21.92 30.33 25.13
CA ASN C 186 -23.17 31.05 24.88
C ASN C 186 -24.21 30.16 24.20
N PHE C 187 -23.81 28.95 23.83
CA PHE C 187 -24.79 27.98 23.40
C PHE C 187 -25.87 27.83 24.45
N TRP C 188 -25.46 27.89 25.72
CA TRP C 188 -26.39 27.69 26.82
C TRP C 188 -27.21 28.92 27.14
N TYR C 189 -26.90 30.04 26.49
CA TYR C 189 -27.63 31.26 26.80
C TYR C 189 -28.77 31.47 25.80
N GLN C 190 -29.79 30.64 25.92
CA GLN C 190 -30.96 30.73 25.06
C GLN C 190 -32.18 30.25 25.87
N PRO C 191 -33.32 30.97 25.75
CA PRO C 191 -34.48 30.67 26.60
C PRO C 191 -35.36 29.53 26.13
N SER C 192 -35.14 29.01 24.94
CA SER C 192 -35.99 27.92 24.46
C SER C 192 -35.27 27.05 23.46
N PHE C 193 -34.30 26.29 23.96
CA PHE C 193 -33.67 25.27 23.15
C PHE C 193 -34.61 24.06 23.12
N HIS C 194 -35.31 23.88 22.02
CA HIS C 194 -36.32 22.84 21.94
C HIS C 194 -37.27 22.96 23.13
N GLY C 195 -37.58 24.20 23.50
CA GLY C 195 -38.52 24.48 24.57
C GLY C 195 -37.92 24.58 25.96
N VAL C 196 -36.61 24.41 26.06
CA VAL C 196 -35.94 24.42 27.36
C VAL C 196 -35.08 25.66 27.53
N ASP C 197 -35.20 26.30 28.69
CA ASP C 197 -34.37 27.44 29.04
C ASP C 197 -33.05 26.92 29.60
N LEU C 198 -31.97 27.13 28.86
CA LEU C 198 -30.66 26.59 29.24
C LEU C 198 -29.80 27.61 29.98
N SER C 199 -30.28 28.84 30.09
CA SER C 199 -29.45 29.97 30.51
C SER C 199 -28.73 29.76 31.85
N ALA C 200 -29.36 28.99 32.73
CA ALA C 200 -28.84 28.81 34.09
C ALA C 200 -27.47 28.13 34.13
N LEU C 201 -27.11 27.42 33.06
CA LEU C 201 -25.85 26.69 33.03
C LEU C 201 -24.73 27.44 32.29
N ARG C 202 -25.00 28.66 31.83
CA ARG C 202 -24.02 29.39 31.04
C ARG C 202 -22.76 29.67 31.85
N GLY C 203 -22.93 30.10 33.10
CA GLY C 203 -21.80 30.36 33.98
C GLY C 203 -20.91 29.14 34.19
N ALA C 204 -21.53 28.01 34.46
CA ALA C 204 -20.80 26.76 34.68
C ALA C 204 -20.05 26.34 33.42
N ALA C 205 -20.66 26.58 32.26
CA ALA C 205 -20.05 26.26 30.98
C ALA C 205 -18.79 27.08 30.75
N VAL C 206 -18.88 28.39 30.96
CA VAL C 206 -17.74 29.28 30.85
C VAL C 206 -16.59 28.83 31.76
N ASP C 207 -16.89 28.59 33.03
CA ASP C 207 -15.87 28.15 33.99
C ASP C 207 -15.19 26.89 33.48
N GLU C 208 -15.98 25.97 32.94
CA GLU C 208 -15.46 24.69 32.48
C GLU C 208 -14.42 24.90 31.38
N TYR C 209 -14.74 25.78 30.43
CA TYR C 209 -13.83 26.02 29.31
C TYR C 209 -12.54 26.66 29.80
N PHE C 210 -12.62 27.57 30.77
CA PHE C 210 -11.45 28.28 31.24
C PHE C 210 -10.52 27.42 32.09
N ARG C 211 -11.02 26.31 32.63
CA ARG C 211 -10.17 25.41 33.40
C ARG C 211 -9.29 24.56 32.49
N GLN C 212 -9.55 24.57 31.20
CA GLN C 212 -8.77 23.77 30.26
C GLN C 212 -7.62 24.57 29.67
N PRO C 213 -6.37 24.13 29.93
CA PRO C 213 -5.28 24.74 29.14
C PRO C 213 -5.40 24.34 27.68
N VAL C 214 -5.01 25.25 26.79
CA VAL C 214 -5.19 25.02 25.37
C VAL C 214 -3.90 24.54 24.72
N VAL C 215 -3.94 23.31 24.20
CA VAL C 215 -2.80 22.73 23.52
C VAL C 215 -2.93 22.99 22.03
N ASP C 216 -2.04 23.83 21.52
CA ASP C 216 -1.89 24.03 20.08
C ASP C 216 -0.69 24.95 19.85
N THR C 217 -0.50 25.38 18.61
CA THR C 217 0.60 26.27 18.29
C THR C 217 0.05 27.64 17.93
N PHE C 218 0.93 28.59 17.74
CA PHE C 218 0.53 29.96 17.49
C PHE C 218 1.65 30.76 16.84
N ASP C 219 1.30 31.91 16.28
CA ASP C 219 2.30 32.79 15.70
C ASP C 219 3.04 33.50 16.81
N ILE C 220 4.37 33.53 16.71
CA ILE C 220 5.21 34.10 17.78
C ILE C 220 4.89 35.57 18.01
N ARG C 221 4.19 36.18 17.06
CA ARG C 221 3.87 37.60 17.14
C ARG C 221 2.82 37.93 18.19
N ILE C 222 2.13 36.91 18.73
CA ILE C 222 1.15 37.16 19.79
C ILE C 222 1.84 37.33 21.14
N LEU C 223 3.13 37.00 21.20
CA LEU C 223 3.89 37.11 22.45
C LEU C 223 4.29 38.55 22.69
N MET C 224 4.12 39.00 23.93
CA MET C 224 4.26 40.42 24.25
C MET C 224 5.47 40.72 25.16
N ALA C 225 6.23 39.68 25.47
CA ALA C 225 7.45 39.85 26.24
C ALA C 225 8.33 38.62 26.12
N LYS C 226 9.61 38.80 26.34
CA LYS C 226 10.54 37.68 26.39
C LYS C 226 10.16 36.77 27.56
N SER C 227 10.31 35.47 27.33
CA SER C 227 9.84 34.48 28.28
C SER C 227 10.65 34.51 29.56
N VAL C 228 10.01 34.05 30.63
CA VAL C 228 10.71 33.82 31.87
C VAL C 228 11.04 32.34 31.90
N LYS C 229 12.21 32.01 32.40
CA LYS C 229 12.71 30.66 32.35
C LYS C 229 12.80 30.06 33.75
N TYR C 230 12.34 28.80 33.87
CA TYR C 230 12.47 28.08 35.12
C TYR C 230 13.21 26.78 34.82
N THR C 231 14.37 26.61 35.45
CA THR C 231 15.27 25.52 35.12
C THR C 231 15.25 24.42 36.16
N VAL C 232 15.15 23.18 35.69
CA VAL C 232 15.30 22.02 36.55
C VAL C 232 16.59 21.31 36.14
N ASN C 233 17.52 21.20 37.08
CA ASN C 233 18.75 20.46 36.85
C ASN C 233 18.53 19.03 37.33
N PHE C 234 18.43 18.10 36.38
CA PHE C 234 18.06 16.72 36.72
C PHE C 234 19.18 16.01 37.50
N LEU C 235 20.40 16.52 37.38
CA LEU C 235 21.52 15.98 38.14
C LEU C 235 21.41 16.36 39.62
N GLU C 236 20.80 17.52 39.89
CA GLU C 236 20.78 18.07 41.24
C GLU C 236 19.42 17.88 41.92
N ALA C 237 18.35 17.92 41.12
CA ALA C 237 16.99 17.94 41.64
C ALA C 237 16.61 16.62 42.32
N LYS C 238 15.70 16.72 43.28
CA LYS C 238 15.13 15.54 43.92
C LYS C 238 13.71 15.36 43.42
N GLU C 239 13.23 14.12 43.48
CA GLU C 239 11.87 13.79 43.10
C GLU C 239 10.87 14.77 43.72
N GLY C 240 11.04 15.03 45.01
CA GLY C 240 10.16 15.90 45.76
C GLY C 240 10.09 17.34 45.27
N ASP C 241 11.11 17.77 44.54
CA ASP C 241 11.15 19.14 44.05
C ASP C 241 10.03 19.42 43.05
N LEU C 242 9.49 18.37 42.45
CA LEU C 242 8.49 18.52 41.40
C LEU C 242 7.06 18.36 41.91
N HIS C 243 6.89 18.18 43.22
CA HIS C 243 5.56 18.07 43.80
C HIS C 243 4.89 19.43 43.87
N ARG C 244 5.68 20.46 44.12
CA ARG C 244 5.21 21.84 44.16
C ARG C 244 6.21 22.72 43.43
N ILE C 245 5.82 23.20 42.25
CA ILE C 245 6.70 24.01 41.43
C ILE C 245 6.17 25.44 41.40
N GLU C 246 6.91 26.35 42.05
CA GLU C 246 6.50 27.75 42.10
C GLU C 246 7.37 28.55 41.14
N ILE C 247 6.73 29.13 40.13
CA ILE C 247 7.44 29.89 39.11
C ILE C 247 7.04 31.35 39.21
N PRO C 248 7.81 32.15 39.96
CA PRO C 248 7.51 33.58 39.95
C PRO C 248 7.93 34.19 38.62
N PHE C 249 7.25 35.26 38.20
CA PHE C 249 7.63 35.90 36.95
C PHE C 249 7.49 37.40 37.03
N LYS C 250 8.34 38.07 36.26
CA LYS C 250 8.27 39.51 36.06
C LYS C 250 8.56 39.76 34.59
N PHE C 251 7.52 40.04 33.82
CA PHE C 251 7.71 40.28 32.40
C PHE C 251 7.89 41.75 32.12
N HIS C 252 8.84 42.05 31.25
CA HIS C 252 9.03 43.41 30.78
C HIS C 252 8.35 43.50 29.43
N MET C 253 7.20 44.18 29.40
CA MET C 253 6.34 44.20 28.24
C MET C 253 7.05 44.88 27.08
N LEU C 254 7.16 44.15 25.98
CA LEU C 254 7.79 44.66 24.76
C LEU C 254 6.75 45.37 23.89
N HIS C 255 5.49 44.99 24.07
CA HIS C 255 4.39 45.56 23.30
C HIS C 255 3.25 46.02 24.20
N SER C 256 2.48 46.98 23.70
CA SER C 256 1.30 47.43 24.40
C SER C 256 0.09 46.64 23.92
N GLY C 257 -0.84 46.35 24.83
CA GLY C 257 -2.07 45.66 24.45
C GLY C 257 -2.69 44.86 25.58
N LEU C 258 -3.72 44.09 25.26
CA LEU C 258 -4.40 43.25 26.24
C LEU C 258 -3.74 41.88 26.33
N VAL C 259 -3.36 41.48 27.55
CA VAL C 259 -2.81 40.16 27.81
C VAL C 259 -3.91 39.18 28.21
N HIS C 260 -4.10 38.14 27.41
CA HIS C 260 -5.20 37.19 27.65
C HIS C 260 -4.75 35.95 28.42
N GLY C 261 -3.44 35.79 28.62
CA GLY C 261 -2.94 34.67 29.38
C GLY C 261 -1.45 34.42 29.21
N LEU C 262 -1.01 33.24 29.64
CA LEU C 262 0.38 32.85 29.55
C LEU C 262 0.57 31.67 28.62
N ALA C 263 1.61 31.76 27.79
CA ALA C 263 1.98 30.68 26.89
C ALA C 263 3.14 29.90 27.50
N PHE C 264 3.12 28.58 27.31
CA PHE C 264 4.13 27.69 27.88
C PHE C 264 4.82 26.87 26.79
N TRP C 265 6.12 26.64 26.98
CA TRP C 265 6.86 25.66 26.20
C TRP C 265 8.09 25.24 26.99
N PHE C 266 8.88 24.30 26.47
CA PHE C 266 10.06 23.85 27.20
C PHE C 266 11.23 23.43 26.31
N ASP C 267 12.42 23.48 26.90
CA ASP C 267 13.64 22.98 26.28
C ASP C 267 14.31 21.98 27.23
N VAL C 268 15.03 21.02 26.67
CA VAL C 268 15.91 20.17 27.48
C VAL C 268 17.29 20.21 26.84
N ALA C 269 18.33 20.06 27.68
CA ALA C 269 19.70 20.04 27.18
C ALA C 269 20.38 18.74 27.56
N PHE C 270 21.06 18.14 26.58
CA PHE C 270 21.90 16.99 26.82
C PHE C 270 23.33 17.47 26.94
N ILE C 271 23.80 17.62 28.18
CA ILE C 271 25.13 18.19 28.43
C ILE C 271 26.15 17.06 28.49
N GLY C 272 26.78 16.78 27.35
CA GLY C 272 27.74 15.70 27.27
C GLY C 272 29.18 16.17 27.37
N SER C 273 30.12 15.23 27.33
CA SER C 273 31.52 15.55 27.47
C SER C 273 32.09 16.21 26.22
N ILE C 274 31.48 15.94 25.07
CA ILE C 274 31.94 16.49 23.80
C ILE C 274 31.17 17.77 23.46
N MET C 275 29.87 17.76 23.70
CA MET C 275 29.05 18.93 23.38
C MET C 275 27.68 18.92 24.07
N THR C 276 27.06 20.09 24.10
CA THR C 276 25.69 20.23 24.59
C THR C 276 24.72 20.29 23.41
N VAL C 277 23.72 19.42 23.43
CA VAL C 277 22.70 19.38 22.38
C VAL C 277 21.36 19.79 22.98
N TRP C 278 20.66 20.68 22.28
CA TRP C 278 19.38 21.19 22.76
C TRP C 278 18.19 20.65 21.98
N LEU C 279 17.15 20.29 22.70
CA LEU C 279 15.87 19.96 22.10
C LEU C 279 14.84 20.99 22.56
N SER C 280 14.30 21.76 21.62
CA SER C 280 13.39 22.85 21.95
C SER C 280 12.00 22.64 21.35
N THR C 281 10.97 22.98 22.12
CA THR C 281 9.58 22.96 21.65
C THR C 281 9.04 24.40 21.56
N ALA C 282 9.95 25.35 21.41
CA ALA C 282 9.57 26.76 21.32
C ALA C 282 8.75 27.01 20.06
N PRO C 283 7.89 28.04 20.10
CA PRO C 283 7.07 28.36 18.92
C PRO C 283 7.93 28.95 17.79
N THR C 284 9.17 29.30 18.08
CA THR C 284 10.12 29.76 17.05
C THR C 284 10.78 28.59 16.34
N GLU C 285 10.52 27.38 16.81
CA GLU C 285 11.16 26.18 16.29
C GLU C 285 10.14 25.28 15.58
N PRO C 286 10.62 24.35 14.74
CA PRO C 286 9.72 23.41 14.08
C PRO C 286 8.79 22.71 15.07
N LEU C 287 7.54 22.50 14.67
CA LEU C 287 6.53 21.97 15.58
C LEU C 287 6.84 20.52 16.00
N THR C 288 6.55 20.22 17.27
CA THR C 288 6.65 18.86 17.77
C THR C 288 5.29 18.41 18.25
N HIS C 289 5.19 17.15 18.67
N HIS C 289 5.17 17.15 18.65
CA HIS C 289 3.94 16.59 19.17
CA HIS C 289 3.89 16.64 19.14
C HIS C 289 3.59 17.14 20.55
C HIS C 289 3.57 17.14 20.54
N TRP C 290 4.50 17.91 21.12
CA TRP C 290 4.24 18.59 22.40
C TRP C 290 3.52 19.92 22.14
N TYR C 291 3.63 20.42 20.91
CA TYR C 291 3.08 21.71 20.53
C TYR C 291 3.50 22.76 21.55
N GLN C 292 2.56 23.64 21.92
CA GLN C 292 2.73 24.55 23.04
C GLN C 292 1.44 24.56 23.85
N VAL C 293 1.46 25.23 25.00
CA VAL C 293 0.29 25.26 25.86
C VAL C 293 -0.01 26.70 26.26
N ARG C 294 -1.29 27.08 26.21
CA ARG C 294 -1.70 28.39 26.65
C ARG C 294 -2.77 28.31 27.74
N CYS C 295 -2.55 29.05 28.81
CA CYS C 295 -3.49 29.18 29.91
C CYS C 295 -4.05 30.59 29.94
N LEU C 296 -5.37 30.72 29.84
CA LEU C 296 -6.02 32.02 29.83
C LEU C 296 -6.17 32.62 31.23
N PHE C 297 -6.10 33.96 31.31
CA PHE C 297 -6.59 34.69 32.47
C PHE C 297 -8.10 34.75 32.35
N GLN C 298 -8.79 34.74 33.47
CA GLN C 298 -10.25 34.87 33.45
C GLN C 298 -10.66 36.24 32.91
N SER C 299 -9.81 37.23 33.15
CA SER C 299 -10.05 38.58 32.65
C SER C 299 -8.76 39.17 32.07
N PRO C 300 -8.85 39.77 30.88
CA PRO C 300 -7.60 40.31 30.32
C PRO C 300 -7.01 41.46 31.13
N LEU C 301 -5.70 41.61 31.04
CA LEU C 301 -5.00 42.72 31.70
C LEU C 301 -4.42 43.65 30.64
N PHE C 302 -4.69 44.95 30.75
CA PHE C 302 -4.07 45.90 29.84
C PHE C 302 -2.69 46.26 30.35
N ALA C 303 -1.71 46.25 29.45
CA ALA C 303 -0.36 46.63 29.80
C ALA C 303 0.27 47.45 28.69
N LYS C 304 1.11 48.40 29.07
CA LYS C 304 1.82 49.23 28.11
C LYS C 304 3.23 48.70 27.91
N ALA C 305 3.82 48.99 26.77
CA ALA C 305 5.23 48.63 26.58
C ALA C 305 6.01 49.32 27.67
N GLY C 306 6.91 48.58 28.33
CA GLY C 306 7.69 49.12 29.42
C GLY C 306 7.12 48.82 30.80
N ASP C 307 5.83 48.52 30.85
CA ASP C 307 5.22 48.10 32.11
C ASP C 307 5.76 46.72 32.48
N THR C 308 5.54 46.33 33.73
CA THR C 308 5.93 45.01 34.17
C THR C 308 4.71 44.20 34.61
N LEU C 309 4.63 42.98 34.09
CA LEU C 309 3.58 42.04 34.49
C LEU C 309 4.22 41.02 35.42
N SER C 310 3.85 41.08 36.70
CA SER C 310 4.46 40.23 37.70
C SER C 310 3.42 39.35 38.36
N GLY C 311 3.86 38.22 38.89
CA GLY C 311 2.97 37.29 39.54
C GLY C 311 3.59 35.92 39.69
N THR C 312 2.74 34.91 39.83
CA THR C 312 3.22 33.56 40.09
C THR C 312 2.41 32.52 39.33
N CYS C 313 3.13 31.53 38.81
CA CYS C 313 2.51 30.32 38.28
C CYS C 313 2.86 29.18 39.23
N LEU C 314 1.85 28.64 39.91
CA LEU C 314 2.08 27.60 40.90
C LEU C 314 1.54 26.28 40.37
N LEU C 315 2.43 25.30 40.23
CA LEU C 315 2.05 24.00 39.70
C LEU C 315 1.98 23.01 40.87
N ILE C 316 0.80 22.45 41.10
CA ILE C 316 0.61 21.50 42.19
C ILE C 316 0.29 20.11 41.67
N ALA C 317 1.17 19.16 41.96
CA ALA C 317 0.99 17.79 41.49
C ALA C 317 -0.22 17.13 42.13
N ASN C 318 -0.99 16.41 41.31
CA ASN C 318 -2.12 15.65 41.80
C ASN C 318 -1.96 14.17 41.47
N LYS C 319 -2.89 13.37 41.98
CA LYS C 319 -2.86 11.91 41.91
C LYS C 319 -3.22 11.36 40.54
N ARG C 320 -3.53 12.25 39.60
CA ARG C 320 -3.90 11.82 38.27
C ARG C 320 -2.72 12.00 37.32
N GLN C 321 -1.51 11.98 37.85
CA GLN C 321 -0.30 12.08 37.05
C GLN C 321 -0.28 13.39 36.28
N SER C 322 -0.81 14.44 36.90
CA SER C 322 -0.81 15.74 36.27
C SER C 322 -0.70 16.85 37.32
N TYR C 323 -1.05 18.06 36.91
CA TYR C 323 -0.92 19.23 37.79
C TYR C 323 -2.16 20.11 37.74
N ASP C 324 -2.48 20.69 38.89
CA ASP C 324 -3.40 21.82 38.96
C ASP C 324 -2.57 23.09 38.81
N ILE C 325 -2.95 23.94 37.86
CA ILE C 325 -2.18 25.12 37.53
C ILE C 325 -2.88 26.34 38.12
N SER C 326 -2.17 27.07 38.98
CA SER C 326 -2.69 28.32 39.54
C SER C 326 -1.85 29.49 39.03
N ILE C 327 -2.51 30.43 38.35
CA ILE C 327 -1.84 31.62 37.83
C ILE C 327 -2.43 32.90 38.41
N VAL C 328 -1.55 33.75 38.95
CA VAL C 328 -1.94 35.07 39.40
C VAL C 328 -0.99 36.09 38.77
N ALA C 329 -1.55 37.12 38.16
CA ALA C 329 -0.74 38.14 37.50
C ALA C 329 -1.30 39.53 37.73
N GLN C 330 -0.41 40.52 37.75
CA GLN C 330 -0.82 41.91 37.95
C GLN C 330 0.10 42.85 37.19
N VAL C 331 -0.49 43.90 36.61
CA VAL C 331 0.29 44.96 36.01
C VAL C 331 0.74 45.91 37.12
N ASP C 332 2.03 45.88 37.44
CA ASP C 332 2.55 46.61 38.59
C ASP C 332 2.25 48.11 38.52
N GLN C 333 2.37 48.67 37.32
CA GLN C 333 2.20 50.12 37.15
C GLN C 333 0.75 50.54 37.34
N THR C 334 -0.18 49.59 37.20
CA THR C 334 -1.60 49.90 37.25
C THR C 334 -2.33 49.20 38.39
N GLY C 335 -1.76 48.11 38.87
CA GLY C 335 -2.40 47.31 39.91
C GLY C 335 -3.53 46.45 39.39
N SER C 336 -3.68 46.39 38.07
CA SER C 336 -4.70 45.55 37.44
C SER C 336 -4.32 44.08 37.63
N LYS C 337 -5.24 43.30 38.21
CA LYS C 337 -4.91 41.94 38.64
C LYS C 337 -5.88 40.90 38.04
N SER C 338 -5.34 39.76 37.62
CA SER C 338 -6.17 38.64 37.15
C SER C 338 -5.58 37.30 37.58
N SER C 339 -6.45 36.29 37.64
CA SER C 339 -6.04 34.94 38.03
C SER C 339 -6.78 33.86 37.23
N ASN C 340 -6.25 32.64 37.25
CA ASN C 340 -7.00 31.49 36.76
C ASN C 340 -6.50 30.22 37.43
N LEU C 341 -7.38 29.24 37.54
CA LEU C 341 -7.03 27.91 38.03
C LEU C 341 -7.35 26.89 36.96
N LEU C 342 -6.34 26.12 36.53
CA LEU C 342 -6.53 25.19 35.42
C LEU C 342 -6.19 23.74 35.76
N ASP C 343 -6.82 22.84 35.03
CA ASP C 343 -6.62 21.40 35.21
C ASP C 343 -5.87 20.82 34.00
N LEU C 344 -4.57 20.59 34.17
CA LEU C 344 -3.71 20.17 33.07
C LEU C 344 -4.00 18.75 32.60
N LYS C 345 -4.66 17.96 33.43
CA LYS C 345 -5.00 16.57 33.09
C LYS C 345 -5.95 16.55 31.90
N ASN C 346 -6.82 17.54 31.82
CA ASN C 346 -7.87 17.58 30.79
C ASN C 346 -7.72 18.80 29.88
N PRO C 347 -6.67 18.81 29.04
CA PRO C 347 -6.48 19.97 28.17
C PRO C 347 -7.43 19.97 26.98
N PHE C 348 -7.58 21.13 26.34
CA PHE C 348 -8.37 21.24 25.13
C PHE C 348 -7.43 21.21 23.93
N PHE C 349 -7.53 20.18 23.09
CA PHE C 349 -6.67 20.10 21.92
C PHE C 349 -7.30 20.90 20.78
N ARG C 350 -6.68 22.04 20.49
CA ARG C 350 -7.26 23.03 19.59
C ARG C 350 -6.62 23.02 18.21
N TYR C 351 -5.40 22.48 18.12
CA TYR C 351 -4.61 22.52 16.89
C TYR C 351 -5.35 22.04 15.64
N THR C 352 -5.23 22.84 14.58
CA THR C 352 -5.83 22.54 13.28
C THR C 352 -4.75 22.29 12.24
N SER D 10 -23.58 -4.61 42.59
CA SER D 10 -24.67 -4.37 41.66
C SER D 10 -24.35 -4.96 40.28
N VAL D 11 -25.36 -5.01 39.42
CA VAL D 11 -25.20 -5.55 38.07
C VAL D 11 -24.16 -4.76 37.29
N PHE D 12 -24.17 -3.44 37.48
CA PHE D 12 -23.26 -2.57 36.73
C PHE D 12 -21.79 -2.82 37.11
N SER D 13 -21.50 -2.76 38.40
CA SER D 13 -20.11 -2.87 38.87
C SER D 13 -19.54 -4.26 38.59
N GLU D 14 -20.39 -5.27 38.62
CA GLU D 14 -19.96 -6.65 38.36
C GLU D 14 -19.50 -6.82 36.92
N ARG D 15 -20.07 -6.04 36.00
CA ARG D 15 -19.74 -6.16 34.58
C ARG D 15 -18.80 -5.05 34.11
N THR D 16 -18.38 -4.18 35.02
CA THR D 16 -17.60 -3.00 34.64
C THR D 16 -16.36 -2.80 35.50
N GLU D 17 -15.19 -2.69 34.86
CA GLU D 17 -13.97 -2.31 35.54
C GLU D 17 -14.09 -0.86 36.01
N GLU D 18 -13.79 -0.61 37.28
CA GLU D 18 -13.95 0.73 37.83
C GLU D 18 -13.22 1.77 36.99
N SER D 19 -12.00 1.46 36.57
CA SER D 19 -11.20 2.40 35.77
C SER D 19 -11.97 2.89 34.54
N SER D 20 -12.67 1.97 33.89
CA SER D 20 -13.48 2.31 32.74
C SER D 20 -14.67 3.18 33.16
N ALA D 21 -15.31 2.79 34.26
CA ALA D 21 -16.49 3.51 34.77
C ALA D 21 -16.13 4.94 35.16
N VAL D 22 -14.99 5.11 35.84
CA VAL D 22 -14.53 6.43 36.25
C VAL D 22 -14.45 7.32 35.01
N GLN D 23 -13.65 6.89 34.05
CA GLN D 23 -13.46 7.62 32.80
C GLN D 23 -14.80 7.86 32.09
N TYR D 24 -15.64 6.84 32.07
CA TYR D 24 -16.92 6.92 31.36
C TYR D 24 -17.82 8.04 31.91
N PHE D 25 -18.03 8.05 33.23
CA PHE D 25 -18.95 9.01 33.82
C PHE D 25 -18.31 10.39 33.98
N GLN D 26 -16.98 10.41 34.03
CA GLN D 26 -16.25 11.67 33.99
C GLN D 26 -16.49 12.36 32.66
N PHE D 27 -16.44 11.57 31.59
CA PHE D 27 -16.63 12.07 30.23
C PHE D 27 -17.97 12.78 30.08
N TYR D 28 -19.04 12.16 30.59
CA TYR D 28 -20.37 12.72 30.46
C TYR D 28 -20.66 13.79 31.51
N GLY D 29 -19.70 14.04 32.40
CA GLY D 29 -19.82 15.11 33.37
C GLY D 29 -19.50 16.48 32.81
N TYR D 30 -18.96 16.52 31.60
CA TYR D 30 -18.59 17.80 30.98
C TYR D 30 -19.75 18.40 30.20
N LEU D 31 -20.02 19.68 30.45
CA LEU D 31 -21.08 20.39 29.76
C LEU D 31 -20.80 20.48 28.26
N SER D 32 -19.53 20.55 27.88
CA SER D 32 -19.17 20.63 26.47
C SER D 32 -19.60 19.37 25.74
N GLN D 33 -19.56 18.24 26.43
CA GLN D 33 -19.95 16.98 25.81
C GLN D 33 -21.48 16.92 25.64
N GLN D 34 -22.21 17.39 26.65
CA GLN D 34 -23.66 17.47 26.55
C GLN D 34 -24.04 18.41 25.40
N GLN D 35 -23.34 19.53 25.30
CA GLN D 35 -23.57 20.49 24.23
C GLN D 35 -23.41 19.82 22.87
N ASN D 36 -22.34 19.04 22.72
CA ASN D 36 -22.06 18.37 21.46
C ASN D 36 -23.20 17.44 21.04
N MET D 37 -23.74 16.69 22.01
CA MET D 37 -24.85 15.79 21.72
C MET D 37 -26.13 16.56 21.45
N MET D 38 -26.36 17.61 22.22
CA MET D 38 -27.56 18.42 22.05
C MET D 38 -27.57 19.11 20.69
N GLN D 39 -26.39 19.43 20.17
CA GLN D 39 -26.32 20.12 18.89
C GLN D 39 -26.43 19.15 17.71
N ASP D 40 -26.46 17.85 17.98
CA ASP D 40 -26.82 16.90 16.93
C ASP D 40 -28.33 17.05 16.71
N TYR D 41 -28.70 17.90 15.75
CA TYR D 41 -30.10 18.29 15.57
C TYR D 41 -30.98 17.13 15.10
N VAL D 42 -30.43 16.24 14.29
CA VAL D 42 -31.15 15.05 13.86
C VAL D 42 -31.58 14.27 15.10
N ARG D 43 -30.61 14.00 15.98
CA ARG D 43 -30.86 13.24 17.19
C ARG D 43 -31.90 13.92 18.08
N THR D 44 -31.64 15.18 18.40
CA THR D 44 -32.45 15.91 19.35
C THR D 44 -33.85 16.17 18.79
N GLY D 45 -33.91 16.55 17.52
CA GLY D 45 -35.17 16.83 16.86
C GLY D 45 -36.04 15.60 16.72
N THR D 46 -35.43 14.47 16.40
CA THR D 46 -36.17 13.24 16.20
C THR D 46 -36.73 12.74 17.55
N TYR D 47 -35.94 12.87 18.60
CA TYR D 47 -36.41 12.50 19.93
C TYR D 47 -37.61 13.35 20.38
N GLN D 48 -37.52 14.66 20.18
CA GLN D 48 -38.63 15.54 20.54
C GLN D 48 -39.85 15.19 19.68
N ARG D 49 -39.62 14.96 18.40
N ARG D 49 -39.60 14.95 18.40
CA ARG D 49 -40.70 14.56 17.50
CA ARG D 49 -40.63 14.52 17.45
C ARG D 49 -41.33 13.24 17.95
C ARG D 49 -41.32 13.25 17.96
N ALA D 50 -40.51 12.27 18.33
CA ALA D 50 -41.00 10.96 18.77
C ALA D 50 -41.87 11.08 20.02
N ILE D 51 -41.46 11.95 20.95
CA ILE D 51 -42.17 12.08 22.22
C ILE D 51 -43.43 12.92 22.07
N LEU D 52 -43.32 14.08 21.43
CA LEU D 52 -44.45 15.01 21.35
C LEU D 52 -45.57 14.54 20.42
N GLN D 53 -45.22 13.91 19.30
CA GLN D 53 -46.24 13.41 18.38
C GLN D 53 -46.94 12.19 18.97
N ASN D 54 -46.34 11.58 19.98
CA ASN D 54 -46.97 10.49 20.71
C ASN D 54 -47.25 10.94 22.15
N HIS D 55 -47.74 12.17 22.28
CA HIS D 55 -47.97 12.78 23.58
C HIS D 55 -48.93 11.96 24.44
N THR D 56 -49.80 11.20 23.79
CA THR D 56 -50.79 10.39 24.51
C THR D 56 -50.12 9.27 25.29
N ASP D 57 -48.93 8.86 24.87
CA ASP D 57 -48.16 7.85 25.58
C ASP D 57 -47.48 8.43 26.83
N PHE D 58 -47.60 9.75 27.01
CA PHE D 58 -46.93 10.42 28.12
C PHE D 58 -47.93 11.17 29.01
N LYS D 59 -49.02 11.68 28.42
CA LYS D 59 -49.97 12.48 29.20
C LYS D 59 -50.45 11.80 30.48
N ASP D 60 -50.16 12.45 31.60
CA ASP D 60 -50.55 12.00 32.92
C ASP D 60 -49.94 10.65 33.28
N LYS D 61 -48.81 10.32 32.64
CA LYS D 61 -48.13 9.06 32.88
C LYS D 61 -46.91 9.25 33.78
N ILE D 62 -46.44 8.14 34.35
CA ILE D 62 -45.21 8.12 35.14
C ILE D 62 -44.07 7.71 34.20
N VAL D 63 -42.98 8.46 34.23
CA VAL D 63 -41.88 8.25 33.28
C VAL D 63 -40.54 7.99 33.96
N LEU D 64 -39.73 7.13 33.35
CA LEU D 64 -38.35 6.94 33.76
C LEU D 64 -37.40 7.33 32.63
N ASP D 65 -36.47 8.23 32.91
CA ASP D 65 -35.46 8.63 31.94
C ASP D 65 -34.12 8.05 32.38
N VAL D 66 -33.65 7.02 31.66
CA VAL D 66 -32.42 6.33 32.03
C VAL D 66 -31.22 7.07 31.44
N GLY D 67 -30.42 7.66 32.31
CA GLY D 67 -29.26 8.44 31.88
C GLY D 67 -29.70 9.77 31.29
N CYS D 68 -30.30 10.62 32.11
CA CYS D 68 -30.98 11.81 31.61
C CYS D 68 -30.01 12.88 31.13
N GLY D 69 -28.74 12.76 31.53
CA GLY D 69 -27.74 13.76 31.20
C GLY D 69 -28.18 15.14 31.62
N SER D 70 -28.27 16.06 30.67
CA SER D 70 -28.73 17.42 30.92
C SER D 70 -30.20 17.46 31.31
N GLY D 71 -30.94 16.41 30.94
CA GLY D 71 -32.35 16.30 31.27
C GLY D 71 -33.28 16.55 30.09
N ILE D 72 -32.69 16.74 28.92
CA ILE D 72 -33.41 17.19 27.74
C ILE D 72 -34.61 16.28 27.41
N LEU D 73 -34.44 14.97 27.54
CA LEU D 73 -35.52 14.05 27.21
C LEU D 73 -36.63 14.12 28.26
N SER D 74 -36.27 14.38 29.51
CA SER D 74 -37.27 14.56 30.57
C SER D 74 -38.11 15.79 30.31
N PHE D 75 -37.50 16.85 29.79
CA PHE D 75 -38.23 18.06 29.47
C PHE D 75 -39.20 17.82 28.33
N PHE D 76 -38.80 17.02 27.34
CA PHE D 76 -39.71 16.63 26.27
C PHE D 76 -40.90 15.87 26.85
N ALA D 77 -40.62 14.96 27.77
CA ALA D 77 -41.68 14.18 28.43
C ALA D 77 -42.62 15.11 29.20
N ALA D 78 -42.07 16.16 29.78
CA ALA D 78 -42.87 17.13 30.50
C ALA D 78 -43.74 17.93 29.54
N GLN D 79 -43.16 18.31 28.41
CA GLN D 79 -43.88 19.03 27.37
C GLN D 79 -45.04 18.20 26.82
N ALA D 80 -44.89 16.89 26.86
CA ALA D 80 -45.88 15.97 26.32
C ALA D 80 -46.96 15.67 27.34
N GLY D 81 -46.77 16.19 28.56
CA GLY D 81 -47.80 16.13 29.59
C GLY D 81 -47.60 15.07 30.67
N ALA D 82 -46.40 14.51 30.76
CA ALA D 82 -46.11 13.50 31.78
C ALA D 82 -46.39 14.08 33.16
N ARG D 83 -46.96 13.25 34.02
CA ARG D 83 -47.32 13.65 35.37
C ARG D 83 -46.11 13.71 36.29
N LYS D 84 -45.22 12.73 36.17
CA LYS D 84 -44.01 12.71 36.99
C LYS D 84 -42.92 11.97 36.24
N ILE D 85 -41.72 12.55 36.20
CA ILE D 85 -40.59 11.95 35.48
C ILE D 85 -39.44 11.72 36.45
N TYR D 86 -39.04 10.47 36.57
CA TYR D 86 -37.85 10.13 37.35
C TYR D 86 -36.66 10.13 36.39
N ALA D 87 -35.75 11.06 36.62
CA ALA D 87 -34.59 11.24 35.75
C ALA D 87 -33.34 10.74 36.45
N VAL D 88 -32.85 9.59 35.99
CA VAL D 88 -31.72 8.94 36.63
C VAL D 88 -30.43 9.25 35.86
N GLU D 89 -29.41 9.69 36.59
CA GLU D 89 -28.12 10.05 35.99
C GLU D 89 -27.00 9.81 37.00
N ALA D 90 -25.95 9.13 36.55
CA ALA D 90 -24.88 8.70 37.45
C ALA D 90 -23.70 9.68 37.50
N SER D 91 -23.50 10.45 36.44
CA SER D 91 -22.40 11.41 36.42
C SER D 91 -22.78 12.67 37.20
N THR D 92 -21.81 13.58 37.36
CA THR D 92 -22.04 14.82 38.07
C THR D 92 -22.99 15.75 37.29
N MET D 93 -23.29 15.37 36.05
CA MET D 93 -24.25 16.12 35.24
C MET D 93 -25.63 16.19 35.91
N ALA D 94 -25.89 15.26 36.83
CA ALA D 94 -27.15 15.23 37.55
C ALA D 94 -27.40 16.56 38.27
N GLN D 95 -26.32 17.18 38.75
CA GLN D 95 -26.40 18.46 39.43
C GLN D 95 -26.88 19.57 38.50
N HIS D 96 -26.37 19.55 37.26
CA HIS D 96 -26.72 20.58 36.29
C HIS D 96 -28.15 20.38 35.77
N ALA D 97 -28.55 19.13 35.61
CA ALA D 97 -29.91 18.84 35.21
C ALA D 97 -30.88 19.41 36.26
N GLU D 98 -30.55 19.22 37.53
CA GLU D 98 -31.39 19.73 38.61
C GLU D 98 -31.49 21.26 38.52
N VAL D 99 -30.38 21.92 38.23
CA VAL D 99 -30.40 23.38 38.06
C VAL D 99 -31.41 23.75 36.99
N LEU D 100 -31.41 23.02 35.88
CA LEU D 100 -32.30 23.33 34.77
C LEU D 100 -33.76 23.08 35.12
N VAL D 101 -34.01 22.05 35.93
CA VAL D 101 -35.36 21.73 36.35
C VAL D 101 -35.93 22.89 37.16
N LYS D 102 -35.13 23.47 38.05
CA LYS D 102 -35.58 24.59 38.84
C LYS D 102 -35.78 25.84 38.00
N SER D 103 -34.79 26.19 37.18
CA SER D 103 -34.88 27.42 36.39
C SER D 103 -36.02 27.33 35.38
N ASN D 104 -36.48 26.12 35.07
CA ASN D 104 -37.61 25.93 34.17
C ASN D 104 -38.92 25.65 34.93
N ASN D 105 -38.91 25.84 36.25
CA ASN D 105 -40.11 25.69 37.08
C ASN D 105 -40.84 24.37 36.85
N LEU D 106 -40.10 23.27 36.88
CA LEU D 106 -40.65 21.95 36.62
C LEU D 106 -40.36 20.97 37.76
N THR D 107 -40.14 21.53 38.95
CA THR D 107 -39.81 20.72 40.13
C THR D 107 -40.92 19.76 40.52
N ASP D 108 -42.15 20.11 40.18
CA ASP D 108 -43.30 19.27 40.49
C ASP D 108 -43.46 18.12 39.50
N ARG D 109 -42.69 18.14 38.42
CA ARG D 109 -42.87 17.17 37.34
C ARG D 109 -41.59 16.36 37.03
N ILE D 110 -40.42 16.99 37.13
CA ILE D 110 -39.16 16.26 36.90
C ILE D 110 -38.43 16.07 38.22
N VAL D 111 -38.13 14.81 38.54
CA VAL D 111 -37.40 14.48 39.75
C VAL D 111 -36.07 13.82 39.39
N VAL D 112 -34.98 14.55 39.61
CA VAL D 112 -33.66 13.98 39.34
C VAL D 112 -33.25 13.05 40.48
N ILE D 113 -32.80 11.87 40.09
CA ILE D 113 -32.33 10.87 41.04
C ILE D 113 -30.89 10.52 40.69
N PRO D 114 -29.92 11.07 41.44
CA PRO D 114 -28.52 10.76 41.14
C PRO D 114 -28.14 9.33 41.48
N GLY D 115 -27.38 8.70 40.59
CA GLY D 115 -26.93 7.34 40.77
C GLY D 115 -27.10 6.48 39.53
N LYS D 116 -26.56 5.27 39.59
CA LYS D 116 -26.69 4.34 38.48
C LYS D 116 -28.06 3.67 38.55
N VAL D 117 -28.68 3.47 37.38
CA VAL D 117 -30.04 2.97 37.33
C VAL D 117 -30.14 1.57 37.95
N GLU D 118 -29.01 0.88 37.99
CA GLU D 118 -28.95 -0.46 38.57
C GLU D 118 -28.89 -0.42 40.09
N GLU D 119 -28.73 0.77 40.67
CA GLU D 119 -28.46 0.88 42.09
C GLU D 119 -29.50 1.73 42.86
N VAL D 120 -30.10 2.71 42.19
CA VAL D 120 -31.02 3.62 42.86
C VAL D 120 -32.34 2.94 43.21
N SER D 121 -33.15 3.59 44.03
CA SER D 121 -34.50 3.11 44.35
C SER D 121 -35.53 4.13 43.87
N LEU D 122 -36.55 3.63 43.17
CA LEU D 122 -37.65 4.47 42.72
C LEU D 122 -38.88 4.27 43.60
N PRO D 123 -39.68 5.34 43.82
CA PRO D 123 -40.85 5.20 44.69
C PRO D 123 -41.98 4.36 44.09
N GLU D 124 -42.03 4.29 42.76
CA GLU D 124 -43.12 3.59 42.09
C GLU D 124 -42.71 3.01 40.74
N GLN D 125 -43.56 2.15 40.19
CA GLN D 125 -43.37 1.61 38.85
C GLN D 125 -43.78 2.68 37.84
N VAL D 126 -43.24 2.58 36.61
CA VAL D 126 -43.45 3.60 35.61
C VAL D 126 -44.23 3.04 34.43
N ASP D 127 -44.87 3.94 33.68
CA ASP D 127 -45.67 3.56 32.51
C ASP D 127 -44.80 3.44 31.27
N ILE D 128 -43.72 4.21 31.23
CA ILE D 128 -42.87 4.26 30.05
C ILE D 128 -41.46 4.66 30.42
N ILE D 129 -40.50 4.00 29.78
CA ILE D 129 -39.08 4.32 29.97
C ILE D 129 -38.58 5.01 28.71
N ILE D 130 -37.88 6.13 28.90
CA ILE D 130 -37.22 6.81 27.80
C ILE D 130 -35.72 6.82 28.06
N SER D 131 -34.94 6.77 26.98
CA SER D 131 -33.48 6.79 27.08
C SER D 131 -32.81 6.94 25.73
N GLU D 132 -31.53 7.29 25.77
CA GLU D 132 -30.69 7.31 24.58
C GLU D 132 -29.45 6.48 24.87
N PRO D 133 -29.58 5.16 24.82
CA PRO D 133 -28.49 4.25 25.19
C PRO D 133 -27.62 3.80 24.03
N MET D 134 -27.83 4.36 22.85
CA MET D 134 -27.14 3.89 21.66
C MET D 134 -25.75 4.48 21.56
N GLY D 135 -24.78 3.61 21.31
CA GLY D 135 -23.42 4.05 21.02
C GLY D 135 -23.02 3.71 19.60
N TYR D 136 -21.73 3.88 19.29
CA TYR D 136 -21.18 3.48 18.02
C TYR D 136 -21.56 2.04 17.71
N MET D 137 -21.90 1.77 16.46
CA MET D 137 -22.37 0.44 16.06
C MET D 137 -23.49 -0.03 16.98
N LEU D 138 -24.28 0.92 17.48
CA LEU D 138 -25.41 0.68 18.39
C LEU D 138 -24.98 0.23 19.79
N PHE D 139 -24.15 -0.80 19.88
CA PHE D 139 -23.92 -1.51 21.15
C PHE D 139 -22.80 -0.95 22.03
N ASN D 140 -21.93 -0.11 21.48
CA ASN D 140 -20.80 0.42 22.26
C ASN D 140 -21.31 1.15 23.51
N GLU D 141 -20.51 1.06 24.58
CA GLU D 141 -20.79 1.63 25.91
C GLU D 141 -21.63 0.70 26.77
N ARG D 142 -22.28 -0.28 26.16
CA ARG D 142 -23.07 -1.27 26.89
C ARG D 142 -24.18 -0.62 27.71
N MET D 143 -24.64 0.54 27.28
CA MET D 143 -25.71 1.23 28.00
C MET D 143 -27.06 0.60 27.71
N LEU D 144 -27.16 -0.15 26.62
CA LEU D 144 -28.39 -0.86 26.31
C LEU D 144 -28.78 -1.81 27.44
N GLU D 145 -27.78 -2.35 28.12
CA GLU D 145 -28.01 -3.26 29.23
C GLU D 145 -28.59 -2.53 30.44
N SER D 146 -28.20 -1.26 30.62
CA SER D 146 -28.76 -0.44 31.69
C SER D 146 -30.21 -0.11 31.37
N TYR D 147 -30.47 0.11 30.08
CA TYR D 147 -31.80 0.42 29.59
C TYR D 147 -32.73 -0.77 29.79
N LEU D 148 -32.26 -1.97 29.45
CA LEU D 148 -33.06 -3.19 29.62
C LEU D 148 -33.21 -3.53 31.09
N HIS D 149 -32.15 -3.32 31.86
CA HIS D 149 -32.16 -3.56 33.29
C HIS D 149 -33.28 -2.77 33.97
N ALA D 150 -33.52 -1.56 33.48
CA ALA D 150 -34.50 -0.65 34.06
C ALA D 150 -35.95 -1.15 33.93
N LYS D 151 -36.17 -2.20 33.14
CA LYS D 151 -37.54 -2.70 32.99
C LYS D 151 -38.08 -3.28 34.28
N LYS D 152 -37.21 -3.47 35.26
CA LYS D 152 -37.65 -3.92 36.57
C LYS D 152 -38.57 -2.86 37.20
N TYR D 153 -38.50 -1.64 36.68
CA TYR D 153 -39.37 -0.56 37.15
C TYR D 153 -40.55 -0.33 36.22
N LEU D 154 -40.69 -1.13 35.17
CA LEU D 154 -41.75 -0.91 34.21
C LEU D 154 -42.99 -1.73 34.54
N LYS D 155 -44.15 -1.09 34.51
CA LYS D 155 -45.42 -1.77 34.71
C LYS D 155 -45.66 -2.76 33.58
N PRO D 156 -46.44 -3.82 33.85
CA PRO D 156 -46.82 -4.67 32.72
C PRO D 156 -47.46 -3.84 31.62
N SER D 157 -47.23 -4.20 30.36
CA SER D 157 -47.81 -3.48 29.22
C SER D 157 -47.24 -2.06 29.08
N GLY D 158 -46.21 -1.76 29.86
CA GLY D 158 -45.56 -0.46 29.79
C GLY D 158 -44.83 -0.37 28.46
N ASN D 159 -44.45 0.83 28.04
CA ASN D 159 -43.77 1.00 26.75
C ASN D 159 -42.34 1.49 26.91
N MET D 160 -41.57 1.44 25.83
CA MET D 160 -40.18 1.90 25.83
C MET D 160 -39.84 2.74 24.60
N PHE D 161 -39.20 3.87 24.85
CA PHE D 161 -38.80 4.80 23.82
C PHE D 161 -37.29 5.03 23.85
N PRO D 162 -36.54 4.46 22.90
CA PRO D 162 -36.94 3.70 21.70
C PRO D 162 -37.45 2.30 22.02
N THR D 163 -38.23 1.74 21.10
CA THR D 163 -38.87 0.45 21.32
C THR D 163 -38.05 -0.70 20.73
N ILE D 164 -37.47 -0.49 19.57
CA ILE D 164 -36.64 -1.50 18.92
C ILE D 164 -35.40 -0.86 18.31
N GLY D 165 -34.38 -1.68 18.07
CA GLY D 165 -33.17 -1.25 17.40
C GLY D 165 -32.76 -2.21 16.29
N ASP D 166 -32.46 -1.66 15.12
CA ASP D 166 -31.99 -2.45 13.99
C ASP D 166 -30.51 -2.17 13.72
N VAL D 167 -29.70 -3.21 13.72
CA VAL D 167 -28.31 -3.08 13.29
C VAL D 167 -28.21 -3.56 11.85
N HIS D 168 -27.64 -2.72 11.00
CA HIS D 168 -27.44 -3.08 9.59
C HIS D 168 -25.96 -3.29 9.30
N LEU D 169 -25.65 -4.35 8.56
CA LEU D 169 -24.30 -4.57 8.07
C LEU D 169 -24.32 -4.87 6.56
N ALA D 170 -23.30 -4.38 5.87
CA ALA D 170 -23.18 -4.58 4.43
C ALA D 170 -21.71 -4.54 4.01
N PRO D 171 -21.32 -5.36 3.00
CA PRO D 171 -19.94 -5.33 2.52
C PRO D 171 -19.63 -4.09 1.69
N PHE D 172 -18.42 -3.55 1.81
CA PHE D 172 -18.06 -2.33 1.10
C PHE D 172 -16.70 -2.47 0.41
N THR D 173 -16.48 -1.64 -0.60
CA THR D 173 -15.18 -1.54 -1.24
C THR D 173 -14.68 -0.10 -1.07
N ASP D 174 -13.47 0.04 -0.54
CA ASP D 174 -12.85 1.34 -0.36
C ASP D 174 -11.34 1.15 -0.27
N GLU D 175 -10.71 1.03 -1.44
CA GLU D 175 -9.29 0.72 -1.52
C GLU D 175 -8.49 1.80 -0.79
N GLN D 176 -8.94 3.05 -0.91
CA GLN D 176 -8.23 4.18 -0.31
C GLN D 176 -8.18 4.06 1.21
N LEU D 177 -9.29 3.70 1.83
CA LEU D 177 -9.31 3.51 3.28
C LEU D 177 -8.36 2.38 3.67
N TYR D 178 -8.41 1.29 2.92
CA TYR D 178 -7.58 0.13 3.21
C TYR D 178 -6.10 0.49 3.19
N MET D 179 -5.65 1.11 2.11
CA MET D 179 -4.25 1.46 2.00
C MET D 179 -3.85 2.51 3.03
N GLU D 180 -4.79 3.37 3.41
CA GLU D 180 -4.51 4.37 4.43
C GLU D 180 -4.11 3.72 5.75
N GLN D 181 -4.87 2.70 6.16
CA GLN D 181 -4.61 1.95 7.39
C GLN D 181 -3.38 1.06 7.25
N PHE D 182 -3.22 0.49 6.07
CA PHE D 182 -2.11 -0.43 5.80
C PHE D 182 -0.81 0.36 5.75
N THR D 183 -0.87 1.59 5.23
CA THR D 183 0.30 2.47 5.17
C THR D 183 0.81 2.81 6.57
N LYS D 184 -0.12 3.05 7.49
CA LYS D 184 0.24 3.38 8.86
C LYS D 184 0.94 2.20 9.52
N ALA D 185 0.41 1.00 9.31
CA ALA D 185 0.97 -0.20 9.92
C ALA D 185 2.34 -0.48 9.32
N ASN D 186 2.54 -0.06 8.07
CA ASN D 186 3.78 -0.33 7.36
C ASN D 186 4.97 0.50 7.86
N PHE D 187 4.72 1.41 8.80
CA PHE D 187 5.80 2.11 9.49
C PHE D 187 6.73 1.07 10.11
N TRP D 188 6.11 0.00 10.61
CA TRP D 188 6.80 -1.08 11.31
C TRP D 188 7.42 -2.07 10.32
N TYR D 189 7.37 -1.72 9.04
CA TYR D 189 7.98 -2.51 7.98
C TYR D 189 9.43 -2.07 7.77
N GLN D 190 9.77 -0.89 8.27
CA GLN D 190 11.11 -0.36 8.05
C GLN D 190 12.23 -1.24 8.61
N PRO D 191 13.23 -1.55 7.77
CA PRO D 191 14.37 -2.35 8.23
C PRO D 191 15.48 -1.51 8.86
N SER D 192 15.38 -0.18 8.73
CA SER D 192 16.43 0.69 9.25
C SER D 192 15.89 2.08 9.59
N PHE D 193 15.00 2.13 10.58
CA PHE D 193 14.51 3.39 11.14
C PHE D 193 15.56 3.95 12.11
N HIS D 194 16.26 4.99 11.68
CA HIS D 194 17.39 5.53 12.43
C HIS D 194 18.36 4.40 12.77
N GLY D 195 18.52 3.46 11.83
CA GLY D 195 19.45 2.36 12.00
C GLY D 195 18.87 1.13 12.70
N VAL D 196 17.58 1.18 13.03
CA VAL D 196 16.93 0.10 13.78
C VAL D 196 15.96 -0.67 12.91
N ASP D 197 16.05 -2.00 12.97
CA ASP D 197 15.14 -2.87 12.23
C ASP D 197 13.84 -3.08 13.00
N LEU D 198 12.75 -2.55 12.46
CA LEU D 198 11.46 -2.64 13.14
C LEU D 198 10.60 -3.79 12.61
N SER D 199 11.04 -4.41 11.50
CA SER D 199 10.20 -5.32 10.72
C SER D 199 9.60 -6.46 11.53
N ALA D 200 10.27 -6.86 12.60
CA ALA D 200 9.80 -7.98 13.40
C ALA D 200 8.43 -7.68 14.03
N LEU D 201 8.07 -6.40 14.15
CA LEU D 201 6.82 -6.01 14.79
C LEU D 201 5.68 -5.67 13.82
N ARG D 202 5.92 -5.85 12.52
CA ARG D 202 4.91 -5.50 11.53
C ARG D 202 3.62 -6.29 11.68
N GLY D 203 3.72 -7.58 11.94
CA GLY D 203 2.54 -8.38 12.16
C GLY D 203 1.72 -7.81 13.30
N ALA D 204 2.39 -7.46 14.39
CA ALA D 204 1.73 -6.88 15.56
C ALA D 204 1.12 -5.52 15.23
N ALA D 205 1.79 -4.74 14.39
CA ALA D 205 1.28 -3.43 13.97
C ALA D 205 0.02 -3.59 13.14
N VAL D 206 0.08 -4.45 12.13
CA VAL D 206 -1.07 -4.73 11.27
C VAL D 206 -2.25 -5.16 12.12
N ASP D 207 -2.01 -6.10 13.03
N ASP D 207 -2.00 -6.08 13.05
CA ASP D 207 -3.07 -6.57 13.92
CA ASP D 207 -3.04 -6.58 13.94
C ASP D 207 -3.68 -5.41 14.71
C ASP D 207 -3.67 -5.46 14.76
N GLU D 208 -2.83 -4.53 15.23
CA GLU D 208 -3.31 -3.43 16.08
C GLU D 208 -4.16 -2.42 15.29
N TYR D 209 -3.67 -1.98 14.14
CA TYR D 209 -4.37 -0.97 13.36
C TYR D 209 -5.70 -1.46 12.79
N PHE D 210 -5.73 -2.71 12.32
CA PHE D 210 -6.93 -3.26 11.73
C PHE D 210 -7.95 -3.66 12.79
N ARG D 211 -7.50 -3.66 14.04
CA ARG D 211 -8.39 -3.94 15.16
C ARG D 211 -9.29 -2.74 15.43
N GLN D 212 -8.99 -1.61 14.79
CA GLN D 212 -9.74 -0.37 15.00
C GLN D 212 -10.90 -0.22 14.02
N PRO D 213 -12.14 -0.20 14.54
CA PRO D 213 -13.22 0.18 13.62
C PRO D 213 -13.06 1.63 13.20
N VAL D 214 -13.43 1.94 11.96
CA VAL D 214 -13.26 3.28 11.41
C VAL D 214 -14.60 4.03 11.50
N VAL D 215 -14.64 5.08 12.32
CA VAL D 215 -15.84 5.88 12.46
C VAL D 215 -15.76 7.08 11.51
N ASP D 216 -16.63 7.08 10.52
CA ASP D 216 -16.79 8.21 9.62
C ASP D 216 -17.96 7.90 8.70
N THR D 217 -18.17 8.74 7.70
CA THR D 217 -19.24 8.49 6.75
C THR D 217 -18.65 8.16 5.38
N PHE D 218 -19.51 7.76 4.46
CA PHE D 218 -19.07 7.34 3.13
C PHE D 218 -20.24 7.42 2.14
N ASP D 219 -19.90 7.42 0.86
CA ASP D 219 -20.90 7.39 -0.20
C ASP D 219 -21.47 5.99 -0.28
N ILE D 220 -22.79 5.89 -0.39
CA ILE D 220 -23.48 4.61 -0.41
C ILE D 220 -23.04 3.72 -1.57
N ARG D 221 -22.36 4.29 -2.55
CA ARG D 221 -21.93 3.54 -3.74
C ARG D 221 -20.80 2.56 -3.45
N ILE D 222 -20.18 2.68 -2.27
CA ILE D 222 -19.12 1.76 -1.90
C ILE D 222 -19.71 0.43 -1.42
N LEU D 223 -21.02 0.40 -1.18
CA LEU D 223 -21.68 -0.81 -0.70
C LEU D 223 -21.93 -1.78 -1.86
N MET D 224 -21.66 -3.05 -1.61
CA MET D 224 -21.63 -4.06 -2.67
C MET D 224 -22.78 -5.06 -2.58
N ALA D 225 -23.64 -4.89 -1.60
CA ALA D 225 -24.81 -5.75 -1.45
C ALA D 225 -25.83 -5.10 -0.52
N LYS D 226 -27.08 -5.51 -0.64
CA LYS D 226 -28.12 -5.03 0.25
C LYS D 226 -27.76 -5.44 1.67
N SER D 227 -28.07 -4.58 2.63
CA SER D 227 -27.69 -4.80 4.02
C SER D 227 -28.46 -5.95 4.64
N VAL D 228 -27.84 -6.59 5.63
CA VAL D 228 -28.50 -7.57 6.47
C VAL D 228 -28.90 -6.87 7.75
N LYS D 229 -30.08 -7.22 8.27
CA LYS D 229 -30.62 -6.54 9.43
C LYS D 229 -30.69 -7.47 10.63
N TYR D 230 -30.27 -6.96 11.77
CA TYR D 230 -30.37 -7.67 13.03
C TYR D 230 -31.14 -6.80 14.02
N THR D 231 -32.26 -7.33 14.52
CA THR D 231 -33.17 -6.53 15.33
C THR D 231 -33.13 -6.91 16.80
N VAL D 232 -33.04 -5.90 17.65
CA VAL D 232 -33.18 -6.10 19.09
C VAL D 232 -34.50 -5.45 19.53
N ASN D 233 -35.40 -6.26 20.08
CA ASN D 233 -36.66 -5.77 20.61
C ASN D 233 -36.52 -5.46 22.09
N PHE D 234 -36.49 -4.17 22.44
CA PHE D 234 -36.21 -3.74 23.80
C PHE D 234 -37.33 -4.12 24.77
N LEU D 235 -38.54 -4.31 24.24
CA LEU D 235 -39.66 -4.73 25.06
C LEU D 235 -39.49 -6.19 25.48
N GLU D 236 -38.81 -6.98 24.64
CA GLU D 236 -38.70 -8.42 24.87
C GLU D 236 -37.32 -8.83 25.39
N ALA D 237 -36.28 -8.14 24.96
CA ALA D 237 -34.93 -8.57 25.27
C ALA D 237 -34.59 -8.40 26.74
N LYS D 238 -33.72 -9.27 27.25
CA LYS D 238 -33.14 -9.09 28.59
C LYS D 238 -31.67 -8.71 28.44
N GLU D 239 -31.15 -7.98 29.43
CA GLU D 239 -29.76 -7.52 29.42
C GLU D 239 -28.80 -8.65 29.10
N GLY D 240 -29.05 -9.83 29.64
CA GLY D 240 -28.14 -10.94 29.41
C GLY D 240 -28.02 -11.30 27.93
N ASP D 241 -29.01 -10.94 27.13
CA ASP D 241 -29.00 -11.23 25.69
C ASP D 241 -27.88 -10.48 24.97
N LEU D 242 -27.39 -9.42 25.59
CA LEU D 242 -26.41 -8.55 24.95
C LEU D 242 -24.97 -8.90 25.37
N HIS D 243 -24.80 -9.97 26.13
CA HIS D 243 -23.47 -10.40 26.57
C HIS D 243 -22.72 -11.05 25.41
N ARG D 244 -23.46 -11.79 24.59
CA ARG D 244 -22.93 -12.45 23.41
C ARG D 244 -23.93 -12.28 22.27
N ILE D 245 -23.57 -11.48 21.28
CA ILE D 245 -24.46 -11.19 20.16
C ILE D 245 -23.89 -11.83 18.90
N GLU D 246 -24.59 -12.85 18.40
CA GLU D 246 -24.15 -13.55 17.20
C GLU D 246 -25.04 -13.17 16.01
N ILE D 247 -24.43 -12.54 15.01
CA ILE D 247 -25.14 -12.07 13.82
C ILE D 247 -24.69 -12.81 12.57
N PRO D 248 -25.44 -13.87 12.19
CA PRO D 248 -25.09 -14.51 10.92
C PRO D 248 -25.50 -13.63 9.73
N PHE D 249 -24.79 -13.74 8.62
CA PHE D 249 -25.14 -12.97 7.43
C PHE D 249 -24.89 -13.75 6.17
N LYS D 250 -25.71 -13.47 5.16
CA LYS D 250 -25.52 -14.02 3.83
C LYS D 250 -25.85 -12.92 2.81
N PHE D 251 -24.81 -12.36 2.21
CA PHE D 251 -24.97 -11.29 1.24
C PHE D 251 -25.00 -11.84 -0.18
N HIS D 252 -25.91 -11.29 -0.99
CA HIS D 252 -25.92 -11.60 -2.41
C HIS D 252 -25.26 -10.42 -3.14
N MET D 253 -24.04 -10.66 -3.62
CA MET D 253 -23.21 -9.60 -4.18
C MET D 253 -23.86 -9.01 -5.42
N LEU D 254 -24.07 -7.70 -5.39
CA LEU D 254 -24.66 -6.98 -6.51
C LEU D 254 -23.59 -6.49 -7.49
N HIS D 255 -22.37 -6.32 -6.98
CA HIS D 255 -21.26 -5.82 -7.80
C HIS D 255 -20.03 -6.70 -7.65
N SER D 256 -19.19 -6.70 -8.68
CA SER D 256 -17.92 -7.40 -8.64
C SER D 256 -16.84 -6.47 -8.12
N GLY D 257 -15.89 -7.02 -7.38
CA GLY D 257 -14.78 -6.22 -6.88
C GLY D 257 -14.20 -6.74 -5.59
N LEU D 258 -13.33 -5.94 -4.99
CA LEU D 258 -12.71 -6.29 -3.72
C LEU D 258 -13.59 -5.86 -2.56
N VAL D 259 -13.87 -6.78 -1.65
CA VAL D 259 -14.59 -6.45 -0.43
C VAL D 259 -13.54 -6.18 0.62
N HIS D 260 -13.49 -4.95 1.13
CA HIS D 260 -12.47 -4.55 2.08
C HIS D 260 -12.95 -4.67 3.52
N GLY D 261 -14.24 -4.92 3.70
CA GLY D 261 -14.78 -5.11 5.05
C GLY D 261 -16.28 -4.99 5.10
N LEU D 262 -16.81 -4.85 6.31
CA LEU D 262 -18.25 -4.69 6.51
C LEU D 262 -18.54 -3.31 7.09
N ALA D 263 -19.56 -2.67 6.57
CA ALA D 263 -20.00 -1.39 7.10
C ALA D 263 -21.18 -1.63 8.02
N PHE D 264 -21.23 -0.88 9.13
CA PHE D 264 -22.29 -1.01 10.12
C PHE D 264 -23.00 0.32 10.35
N TRP D 265 -24.31 0.25 10.56
CA TRP D 265 -25.07 1.39 11.06
C TRP D 265 -26.32 0.86 11.74
N PHE D 266 -27.12 1.75 12.31
CA PHE D 266 -28.31 1.29 13.03
C PHE D 266 -29.47 2.28 12.95
N ASP D 267 -30.66 1.74 13.14
CA ASP D 267 -31.88 2.55 13.25
C ASP D 267 -32.54 2.18 14.58
N VAL D 268 -33.24 3.13 15.20
CA VAL D 268 -34.12 2.83 16.31
C VAL D 268 -35.50 3.38 15.97
N ALA D 269 -36.54 2.71 16.47
CA ALA D 269 -37.90 3.12 16.21
C ALA D 269 -38.62 3.41 17.52
N PHE D 270 -39.31 4.54 17.54
CA PHE D 270 -40.17 4.88 18.66
C PHE D 270 -41.60 4.54 18.25
N ILE D 271 -42.06 3.37 18.70
CA ILE D 271 -43.35 2.85 18.30
C ILE D 271 -44.41 3.32 19.29
N GLY D 272 -45.01 4.46 19.00
CA GLY D 272 -46.01 5.06 19.87
C GLY D 272 -47.43 4.77 19.44
N SER D 273 -48.38 5.23 20.24
CA SER D 273 -49.79 4.99 19.99
C SER D 273 -50.31 5.79 18.80
N ILE D 274 -49.70 6.94 18.54
CA ILE D 274 -50.16 7.81 17.47
C ILE D 274 -49.41 7.55 16.18
N MET D 275 -48.10 7.33 16.27
CA MET D 275 -47.29 7.05 15.08
C MET D 275 -45.93 6.46 15.43
N THR D 276 -45.30 5.83 14.43
CA THR D 276 -43.96 5.29 14.60
C THR D 276 -42.95 6.29 14.03
N VAL D 277 -41.99 6.67 14.86
CA VAL D 277 -40.95 7.60 14.45
C VAL D 277 -39.59 6.89 14.44
N TRP D 278 -38.86 7.07 13.34
CA TRP D 278 -37.58 6.40 13.18
C TRP D 278 -36.41 7.37 13.33
N LEU D 279 -35.38 6.92 14.02
CA LEU D 279 -34.11 7.62 14.08
C LEU D 279 -33.07 6.73 13.41
N SER D 280 -32.54 7.20 12.27
CA SER D 280 -31.62 6.40 11.46
C SER D 280 -30.25 7.04 11.34
N THR D 281 -29.21 6.20 11.41
CA THR D 281 -27.84 6.65 11.19
C THR D 281 -27.29 6.04 9.91
N ALA D 282 -28.19 5.65 9.01
CA ALA D 282 -27.79 5.06 7.74
C ALA D 282 -27.07 6.09 6.87
N PRO D 283 -26.19 5.62 5.98
CA PRO D 283 -25.45 6.54 5.10
C PRO D 283 -26.35 7.20 4.05
N THR D 284 -27.57 6.70 3.92
CA THR D 284 -28.55 7.32 3.03
C THR D 284 -29.28 8.48 3.70
N GLU D 285 -29.03 8.67 4.99
CA GLU D 285 -29.74 9.66 5.78
C GLU D 285 -28.81 10.79 6.23
N PRO D 286 -29.40 11.92 6.67
CA PRO D 286 -28.55 12.99 7.20
C PRO D 286 -27.63 12.50 8.31
N LEU D 287 -26.42 13.03 8.33
CA LEU D 287 -25.39 12.56 9.25
C LEU D 287 -25.74 12.89 10.70
N THR D 288 -25.41 11.95 11.60
CA THR D 288 -25.54 12.17 13.03
C THR D 288 -24.14 12.04 13.64
N HIS D 289 -24.03 12.28 14.94
N HIS D 289 -24.02 12.30 14.93
CA HIS D 289 -22.74 12.20 15.62
CA HIS D 289 -22.73 12.20 15.59
C HIS D 289 -22.32 10.74 15.78
C HIS D 289 -22.32 10.75 15.81
N TRP D 290 -23.19 9.82 15.41
CA TRP D 290 -22.88 8.40 15.42
C TRP D 290 -22.18 8.02 14.11
N TYR D 291 -22.35 8.84 13.09
CA TYR D 291 -21.79 8.57 11.77
C TYR D 291 -22.13 7.13 11.35
N GLN D 292 -21.16 6.43 10.76
CA GLN D 292 -21.26 5.01 10.52
C GLN D 292 -19.97 4.34 10.97
N VAL D 293 -19.95 3.02 10.98
CA VAL D 293 -18.77 2.28 11.44
C VAL D 293 -18.39 1.23 10.42
N ARG D 294 -17.10 1.14 10.15
CA ARG D 294 -16.60 0.13 9.22
C ARG D 294 -15.50 -0.71 9.86
N CYS D 295 -15.63 -2.02 9.69
CA CYS D 295 -14.61 -2.95 10.15
C CYS D 295 -13.87 -3.50 8.94
N LEU D 296 -12.57 -3.22 8.87
CA LEU D 296 -11.73 -3.64 7.75
C LEU D 296 -11.26 -5.09 7.88
N PHE D 297 -11.16 -5.77 6.74
CA PHE D 297 -10.42 -7.02 6.66
C PHE D 297 -8.93 -6.68 6.51
N GLN D 298 -8.06 -7.51 7.08
CA GLN D 298 -6.62 -7.29 6.92
C GLN D 298 -6.23 -7.49 5.47
N SER D 299 -6.96 -8.36 4.79
CA SER D 299 -6.78 -8.58 3.35
C SER D 299 -8.16 -8.70 2.69
N PRO D 300 -8.40 -7.92 1.62
CA PRO D 300 -9.72 -7.95 0.97
C PRO D 300 -10.06 -9.28 0.29
N LEU D 301 -11.36 -9.51 0.11
CA LEU D 301 -11.87 -10.69 -0.57
C LEU D 301 -12.43 -10.31 -1.93
N PHE D 302 -12.03 -11.01 -2.97
CA PHE D 302 -12.58 -10.76 -4.31
C PHE D 302 -13.88 -11.53 -4.53
N ALA D 303 -14.89 -10.87 -5.07
CA ALA D 303 -16.14 -11.52 -5.42
C ALA D 303 -16.73 -10.96 -6.70
N LYS D 304 -17.41 -11.79 -7.47
CA LYS D 304 -18.13 -11.30 -8.65
C LYS D 304 -19.61 -11.14 -8.29
N ALA D 305 -20.30 -10.30 -9.05
CA ALA D 305 -21.74 -10.16 -8.87
C ALA D 305 -22.41 -11.53 -8.98
N GLY D 306 -23.34 -11.81 -8.08
CA GLY D 306 -24.01 -13.10 -8.07
C GLY D 306 -23.47 -14.07 -7.05
N ASP D 307 -22.23 -13.84 -6.60
CA ASP D 307 -21.65 -14.65 -5.53
C ASP D 307 -22.38 -14.38 -4.23
N THR D 308 -22.19 -15.25 -3.26
CA THR D 308 -22.72 -15.04 -1.92
C THR D 308 -21.58 -14.92 -0.93
N LEU D 309 -21.66 -13.89 -0.09
CA LEU D 309 -20.70 -13.69 0.99
C LEU D 309 -21.36 -14.06 2.32
N SER D 310 -20.87 -15.13 2.94
CA SER D 310 -21.48 -15.65 4.15
C SER D 310 -20.52 -15.65 5.31
N GLY D 311 -21.07 -15.59 6.51
CA GLY D 311 -20.27 -15.63 7.70
C GLY D 311 -21.00 -15.15 8.93
N THR D 312 -20.23 -14.77 9.93
CA THR D 312 -20.81 -14.39 11.21
C THR D 312 -20.07 -13.21 11.80
N CYS D 313 -20.83 -12.30 12.38
CA CYS D 313 -20.27 -11.23 13.18
C CYS D 313 -20.61 -11.52 14.65
N LEU D 314 -19.57 -11.80 15.43
CA LEU D 314 -19.73 -12.17 16.84
C LEU D 314 -19.22 -11.07 17.77
N LEU D 315 -20.13 -10.52 18.56
CA LEU D 315 -19.85 -9.46 19.53
C LEU D 315 -19.88 -9.97 20.96
N ILE D 316 -18.74 -9.86 21.63
CA ILE D 316 -18.61 -10.31 23.00
C ILE D 316 -18.41 -9.11 23.92
N ALA D 317 -19.34 -8.87 24.81
CA ALA D 317 -19.24 -7.74 25.72
C ALA D 317 -18.04 -7.92 26.65
N ASN D 318 -17.28 -6.84 26.87
CA ASN D 318 -16.14 -6.89 27.77
C ASN D 318 -16.37 -5.97 28.97
N LYS D 319 -15.50 -6.06 29.96
CA LYS D 319 -15.72 -5.32 31.19
C LYS D 319 -15.31 -3.84 31.04
N ARG D 320 -14.90 -3.45 29.84
CA ARG D 320 -14.54 -2.06 29.56
C ARG D 320 -15.68 -1.32 28.87
N GLN D 321 -16.90 -1.80 29.08
CA GLN D 321 -18.10 -1.18 28.54
C GLN D 321 -18.11 -1.14 27.01
N SER D 322 -17.54 -2.17 26.40
CA SER D 322 -17.49 -2.24 24.95
C SER D 322 -17.59 -3.68 24.50
N TYR D 323 -17.18 -3.94 23.26
CA TYR D 323 -17.27 -5.28 22.71
C TYR D 323 -15.99 -5.69 22.01
N ASP D 324 -15.66 -6.96 22.12
CA ASP D 324 -14.68 -7.57 21.26
C ASP D 324 -15.44 -8.09 20.06
N ILE D 325 -15.04 -7.66 18.87
CA ILE D 325 -15.75 -8.01 17.64
C ILE D 325 -14.97 -9.05 16.86
N SER D 326 -15.64 -10.17 16.58
CA SER D 326 -15.08 -11.19 15.73
C SER D 326 -15.89 -11.25 14.43
N ILE D 327 -15.23 -11.04 13.30
CA ILE D 327 -15.88 -11.14 12.01
C ILE D 327 -15.21 -12.24 11.19
N VAL D 328 -16.03 -13.18 10.72
CA VAL D 328 -15.55 -14.20 9.81
C VAL D 328 -16.45 -14.16 8.59
N ALA D 329 -15.85 -14.08 7.41
CA ALA D 329 -16.62 -13.96 6.18
C ALA D 329 -16.00 -14.83 5.09
N GLN D 330 -16.84 -15.31 4.20
CA GLN D 330 -16.38 -16.23 3.18
C GLN D 330 -17.14 -16.05 1.87
N VAL D 331 -16.42 -16.07 0.75
CA VAL D 331 -17.03 -16.12 -0.56
C VAL D 331 -17.35 -17.58 -0.85
N ASP D 332 -18.63 -17.93 -0.81
CA ASP D 332 -19.04 -19.34 -0.85
C ASP D 332 -18.57 -20.07 -2.10
N GLN D 333 -18.59 -19.37 -3.23
CA GLN D 333 -18.26 -19.99 -4.51
C GLN D 333 -16.78 -20.36 -4.66
N THR D 334 -15.91 -19.69 -3.90
CA THR D 334 -14.47 -19.89 -4.08
C THR D 334 -13.82 -20.42 -2.81
N GLY D 335 -14.50 -20.25 -1.68
CA GLY D 335 -13.93 -20.61 -0.39
C GLY D 335 -12.96 -19.58 0.17
N SER D 336 -12.89 -18.41 -0.45
CA SER D 336 -12.02 -17.36 0.05
C SER D 336 -12.59 -16.83 1.37
N LYS D 337 -11.75 -16.90 2.40
CA LYS D 337 -12.18 -16.67 3.77
C LYS D 337 -11.36 -15.58 4.41
N SER D 338 -12.02 -14.75 5.22
CA SER D 338 -11.32 -13.70 5.95
C SER D 338 -11.82 -13.63 7.38
N SER D 339 -10.91 -13.25 8.28
CA SER D 339 -11.24 -13.12 9.69
C SER D 339 -10.58 -11.87 10.23
N ASN D 340 -11.19 -11.27 11.25
CA ASN D 340 -10.58 -10.15 11.92
C ASN D 340 -11.13 -10.05 13.31
N LEU D 341 -10.32 -9.51 14.21
CA LEU D 341 -10.72 -9.24 15.57
C LEU D 341 -10.61 -7.75 15.78
N LEU D 342 -11.72 -7.12 16.18
CA LEU D 342 -11.74 -5.69 16.35
C LEU D 342 -12.11 -5.30 17.77
N ASP D 343 -11.57 -4.16 18.21
CA ASP D 343 -11.82 -3.65 19.54
C ASP D 343 -12.65 -2.37 19.41
N LEU D 344 -13.93 -2.50 19.66
CA LEU D 344 -14.87 -1.40 19.46
C LEU D 344 -14.60 -0.24 20.43
N LYS D 345 -13.87 -0.51 21.50
CA LYS D 345 -13.60 0.50 22.52
C LYS D 345 -12.71 1.63 22.00
N ASN D 346 -11.79 1.27 21.11
N ASN D 346 -11.74 1.30 21.16
CA ASN D 346 -10.77 2.19 20.60
CA ASN D 346 -10.79 2.28 20.64
C ASN D 346 -10.86 2.37 19.08
C ASN D 346 -10.87 2.37 19.11
N PRO D 347 -11.90 3.06 18.61
CA PRO D 347 -12.07 3.27 17.17
C PRO D 347 -11.16 4.37 16.63
N PHE D 348 -11.00 4.38 15.31
CA PHE D 348 -10.28 5.43 14.63
C PHE D 348 -11.26 6.46 14.07
N PHE D 349 -11.20 7.69 14.58
CA PHE D 349 -12.05 8.77 14.12
C PHE D 349 -11.44 9.44 12.90
N ARG D 350 -12.05 9.20 11.74
CA ARG D 350 -11.48 9.61 10.45
C ARG D 350 -12.17 10.82 9.83
N TYR D 351 -13.41 11.07 10.25
N TYR D 351 -13.42 11.07 10.25
CA TYR D 351 -14.23 12.13 9.65
CA TYR D 351 -14.24 12.11 9.62
C TYR D 351 -13.50 13.47 9.60
C TYR D 351 -13.55 13.49 9.60
N THR D 352 -13.54 14.10 8.42
CA THR D 352 -12.91 15.40 8.18
C THR D 352 -11.55 15.52 8.88
O1 6D3 E . -3.14 -23.36 -13.41
C1 6D3 E . -2.01 -22.88 -13.15
C2 6D3 E . -0.80 -23.77 -13.36
N1 6D3 E . -1.15 -25.07 -12.99
C3 6D3 E . -0.41 -23.76 -14.85
C4 6D3 E . 0.77 -22.78 -15.13
N2 6D3 E . 1.23 -22.81 -16.48
C5 6D3 E . 1.82 -24.05 -16.86
C6 6D3 E . 3.04 -24.46 -16.06
O2 6D3 E . 3.51 -25.71 -16.60
C7 6D3 E . 4.95 -25.68 -16.60
C8 6D3 E . 5.29 -24.27 -16.86
O3 6D3 E . 6.56 -23.96 -16.29
C9 6D3 E . 4.19 -23.51 -16.18
O4 6D3 E . 4.62 -23.15 -14.87
N3 6D3 E . 5.39 -26.59 -17.59
C10 6D3 E . 5.27 -26.48 -18.91
N4 6D3 E . 5.79 -27.55 -19.52
C11 6D3 E . 6.26 -28.39 -18.55
C12 6D3 E . 6.89 -29.66 -18.56
N5 6D3 E . 7.17 -30.30 -19.77
C13 6D3 E . 5.99 -27.79 -17.31
N6 6D3 E . 6.36 -28.44 -16.18
C14 6D3 E . 6.95 -29.63 -16.23
N7 6D3 E . 7.21 -30.23 -17.37
O5 6D3 E . -1.83 -21.70 -12.73
C15 6D3 E . 0.11 -22.51 -17.37
C16 6D3 E . 0.59 -21.81 -18.65
C17 6D3 E . -0.38 -21.95 -19.83
N8 6D3 E . -0.65 -20.66 -20.51
C18 6D3 E . -0.79 -20.47 -21.83
C19 6D3 E . -1.03 -19.06 -22.06
N9 6D3 E . -1.03 -18.50 -20.82
N10 6D3 E . -0.79 -19.46 -19.94
C20 6D3 E . -1.28 -18.37 -23.41
C21 6D3 E . -0.10 -17.71 -24.07
N11 6D3 E . 0.67 -18.61 -24.86
C22 6D3 E . 0.75 -17.04 -22.97
O6 6D3 E . 2.02 -17.17 -23.00
O7 6D3 E . 0.13 -16.37 -22.06
H1 6D3 E . -0.06 -23.44 -12.82
H2 6D3 E . -1.34 -25.09 -12.10
H3 6D3 E . -0.45 -25.63 -13.16
H5 6D3 E . -0.14 -24.67 -15.12
H6 6D3 E . -1.19 -23.48 -15.38
H7 6D3 E . 1.50 -23.02 -14.57
H8 6D3 E . 0.49 -21.91 -14.92
H10 6D3 E . 1.13 -24.75 -16.76
H11 6D3 E . 2.07 -23.99 -17.83
H12 6D3 E . 2.80 -24.56 -15.13
H13 6D3 E . 5.28 -25.96 -15.72
H14 6D3 E . 5.30 -24.08 -17.83
H15 6D3 E . 6.45 -23.79 -15.45
H16 6D3 E . 3.92 -22.69 -16.72
H17 6D3 E . 4.67 -23.88 -14.35
H18 6D3 E . 4.87 -25.71 -19.38
H19 6D3 E . 7.27 -31.21 -19.80
H20 6D3 E . 7.26 -29.81 -20.54
H21 6D3 E . 7.20 -30.08 -15.38
H23 6D3 E . -0.55 -21.93 -16.89
H24 6D3 E . -0.35 -23.40 -17.63
H25 6D3 E . 0.70 -20.85 -18.46
H26 6D3 E . 1.45 -22.16 -18.91
H27 6D3 E . 0.05 -22.53 -20.47
H28 6D3 E . -1.26 -22.38 -19.54
H29 6D3 E . -0.74 -21.20 -22.55
H30 6D3 E . -2.01 -17.68 -23.29
H31 6D3 E . -1.62 -19.05 -24.04
H32 6D3 E . -0.44 -16.99 -24.66
H33 6D3 E . 0.09 -19.13 -25.37
H34 6D3 E . 1.23 -18.15 -25.40
C1 EDO F . 6.39 -17.97 -23.62
O1 EDO F . 5.36 -17.59 -22.74
C2 EDO F . 7.72 -17.45 -23.08
O2 EDO F . 7.94 -16.16 -23.59
H11 EDO F . 6.43 -18.94 -23.69
H12 EDO F . 6.22 -17.58 -24.50
HO1 EDO F . 4.61 -17.83 -23.08
H21 EDO F . 8.43 -18.03 -23.35
H22 EDO F . 7.68 -17.40 -22.11
HO2 EDO F . 8.76 -16.04 -23.73
C1 EDO G . -19.84 -24.99 -25.61
O1 EDO G . -19.57 -23.78 -24.93
C2 EDO G . -20.83 -25.79 -24.77
O2 EDO G . -21.45 -26.74 -25.59
H11 EDO G . -20.24 -24.79 -26.48
H12 EDO G . -19.02 -25.49 -25.72
HO1 EDO G . -18.74 -23.63 -24.96
H21 EDO G . -20.36 -26.25 -24.05
H22 EDO G . -21.50 -25.20 -24.39
HO2 EDO G . -22.22 -26.91 -25.29
C1 EDO H . -7.97 -9.20 -19.60
O1 EDO H . -9.08 -8.46 -20.01
C2 EDO H . -8.46 -10.57 -19.14
O2 EDO H . -7.77 -10.93 -17.98
H11 EDO H . -7.53 -8.75 -18.86
H12 EDO H . -7.35 -9.30 -20.34
HO1 EDO H . -8.85 -7.64 -20.12
H21 EDO H . -9.41 -10.53 -18.95
H22 EDO H . -8.29 -11.23 -19.84
HO2 EDO H . -7.88 -11.76 -17.83
C1 EDO I . 16.05 -25.76 -18.27
O1 EDO I . 15.18 -26.43 -17.39
C2 EDO I . 15.50 -25.92 -19.68
O2 EDO I . 16.17 -26.99 -20.30
C1 EDO J . 1.49 -1.33 -53.14
O1 EDO J . 0.61 -1.55 -52.07
C2 EDO J . 1.66 -2.63 -53.92
O2 EDO J . 0.43 -2.98 -54.51
C1 PEG K . -18.34 -25.93 -3.17
O1 PEG K . -17.63 -27.11 -2.88
C2 PEG K . -17.35 -24.78 -3.28
O2 PEG K . -16.56 -24.75 -2.13
C3 PEG K . -15.25 -24.25 -2.29
C4 PEG K . -14.59 -24.16 -0.92
O4 PEG K . -13.45 -24.97 -0.93
H11 PEG K . -18.83 -26.03 -3.99
H12 PEG K . -18.96 -25.75 -2.43
HO1 PEG K . -18.17 -27.71 -2.62
H21 PEG K . -16.78 -24.91 -4.07
H22 PEG K . -17.83 -23.94 -3.38
H31 PEG K . -15.29 -23.37 -2.69
H32 PEG K . -14.75 -24.83 -2.86
H41 PEG K . -14.34 -23.24 -0.73
H42 PEG K . -15.22 -24.47 -0.24
HO4 PEG K . -13.02 -24.86 -0.19
C1 PEG L . 1.99 -10.07 -48.52
O1 PEG L . 2.49 -10.75 -47.39
C2 PEG L . 0.87 -9.15 -48.05
O2 PEG L . -0.01 -8.90 -49.11
C3 PEG L . 0.56 -8.42 -50.29
C4 PEG L . -0.47 -7.51 -50.95
O4 PEG L . -1.03 -8.19 -52.05
H11 PEG L . 2.70 -9.56 -48.93
H12 PEG L . 1.63 -10.72 -49.15
HO1 PEG L . 3.31 -10.56 -47.29
H21 PEG L . 0.39 -9.57 -47.32
H22 PEG L . 1.26 -8.30 -47.75
H31 PEG L . 1.36 -7.91 -50.08
H32 PEG L . 0.79 -9.16 -50.87
H41 PEG L . -0.04 -6.70 -51.26
H42 PEG L . -1.17 -7.29 -50.32
HO4 PEG L . -1.88 -8.07 -52.06
C4 DXE M . -17.78 -39.84 -16.92
O2 DXE M . -16.65 -40.45 -16.34
C3 DXE M . -15.71 -40.89 -17.28
C2 DXE M . -14.56 -41.63 -16.58
O1 DXE M . -13.39 -41.54 -17.37
C1 DXE M . -13.41 -42.26 -18.58
H41 DXE M . -17.52 -39.01 -17.35
H42 DXE M . -18.16 -40.44 -17.57
H43 DXE M . -18.43 -39.65 -16.22
H31 DXE M . -16.14 -41.50 -17.90
H32 DXE M . -15.36 -40.14 -17.76
H21 DXE M . -14.79 -42.56 -16.46
H22 DXE M . -14.38 -41.21 -15.72
H11 DXE M . -13.46 -43.21 -18.39
H12 DXE M . -14.18 -41.99 -19.10
H13 DXE M . -12.59 -42.08 -19.07
C4 DXE N . 8.65 -18.08 -52.36
O2 DXE N . 7.63 -18.40 -53.28
C3 DXE N . 6.49 -18.91 -52.67
C2 DXE N . 5.30 -18.87 -53.64
O1 DXE N . 4.12 -18.65 -52.91
C1 DXE N . 3.02 -19.44 -53.27
H41 DXE N . 8.37 -17.33 -51.81
H42 DXE N . 8.85 -18.85 -51.80
H43 DXE N . 9.45 -17.83 -52.84
H31 DXE N . 6.65 -19.84 -52.40
H32 DXE N . 6.27 -18.39 -51.89
H21 DXE N . 5.23 -19.72 -54.11
H22 DXE N . 5.43 -18.16 -54.28
H11 DXE N . 2.28 -19.27 -52.68
H12 DXE N . 2.75 -19.21 -54.18
H13 DXE N . 3.26 -20.37 -53.23
O1 PG4 O . -0.26 -20.10 -54.20
C1 PG4 O . 0.25 -20.39 -55.47
C2 PG4 O . -0.78 -21.20 -56.24
O2 PG4 O . -1.30 -20.46 -57.31
C3 PG4 O . -2.10 -21.20 -58.22
C4 PG4 O . -3.55 -21.14 -57.76
O3 PG4 O . -4.08 -22.44 -57.70
C5 PG4 O . -5.47 -22.52 -57.84
C6 PG4 O . -5.99 -23.79 -57.17
O4 PG4 O . -5.69 -23.77 -55.81
C7 PG4 O . -6.19 -24.86 -55.09
C8 PG4 O . -6.02 -24.60 -53.59
O5 PG4 O . -4.71 -24.97 -53.22
HO1 PG4 O . 0.32 -19.51 -53.75
H11 PG4 O . 1.18 -20.96 -55.38
H12 PG4 O . 0.45 -19.47 -56.00
H21 PG4 O . -1.59 -21.48 -55.58
H22 PG4 O . -0.31 -22.11 -56.63
H31 PG4 O . -1.76 -22.22 -58.23
H32 PG4 O . -2.01 -20.76 -59.20
H41 PG4 O . -3.61 -20.68 -56.77
H42 PG4 O . -4.14 -20.54 -58.46
H51 PG4 O . -5.93 -21.65 -57.39
H52 PG4 O . -5.71 -22.54 -58.90
H61 PG4 O . -5.53 -24.66 -57.63
H62 PG4 O . -7.07 -23.85 -57.30
H71 PG4 O . -5.65 -25.76 -55.37
H72 PG4 O . -7.24 -24.99 -55.32
H81 PG4 O . -6.17 -23.55 -53.38
H82 PG4 O . -6.73 -25.19 -53.03
HO5 PG4 O . -4.74 -25.76 -52.70
O1 6D3 P . 20.91 2.22 -36.26
C1 6D3 P . 20.97 1.02 -35.86
C2 6D3 P . 22.21 0.56 -35.14
N1 6D3 P . 23.19 1.57 -35.23
C3 6D3 P . 21.92 0.30 -33.67
C4 6D3 P . 20.97 -0.91 -33.43
N2 6D3 P . 21.17 -1.54 -32.17
C5 6D3 P . 22.38 -2.27 -32.06
C6 6D3 P . 22.65 -3.31 -33.15
O2 6D3 P . 23.92 -3.92 -32.82
C7 6D3 P . 23.82 -5.32 -33.07
C8 6D3 P . 22.41 -5.66 -32.76
O3 6D3 P . 22.00 -6.78 -33.50
C9 6D3 P . 21.67 -4.44 -33.18
O4 6D3 P . 21.21 -4.63 -34.53
N3 6D3 P . 24.78 -5.94 -32.23
C10 6D3 P . 24.74 -6.02 -30.90
N4 6D3 P . 25.83 -6.65 -30.45
C11 6D3 P . 26.59 -6.98 -31.52
C12 6D3 P . 27.84 -7.65 -31.70
N5 6D3 P . 28.54 -8.12 -30.58
C13 6D3 P . 25.93 -6.51 -32.68
N6 6D3 P . 26.50 -6.72 -33.90
C14 6D3 P . 27.68 -7.35 -34.01
N7 6D3 P . 28.33 -7.79 -32.95
O5 6D3 P . 20.04 0.20 -36.04
C15 6D3 P . 21.15 -0.49 -31.14
C16 6D3 P . 20.74 -1.06 -29.76
C17 6D3 P . 20.79 0.03 -28.68
N8 6D3 P . 19.46 0.18 -28.04
C18 6D3 P . 19.12 -0.21 -26.77
C19 6D3 P . 17.73 0.12 -26.59
N9 6D3 P . 17.34 0.70 -27.77
N10 6D3 P . 18.37 0.71 -28.59
C20 6D3 P . 16.84 -0.09 -25.35
C21 6D3 P . 16.94 -1.41 -24.62
N11 6D3 P . 18.26 -1.64 -24.12
C22 6D3 P . 16.47 -2.56 -25.52
O6 6D3 P . 16.89 -3.75 -25.29
O7 6D3 P . 15.64 -2.28 -26.48
H1 6D3 P . 22.55 -0.24 -35.56
H2 6D3 P . 23.88 1.36 -34.70
H3 6D3 P . 23.47 1.66 -36.09
H5 6D3 P . 22.76 0.13 -33.20
H6 6D3 P . 21.51 1.10 -33.28
H7 6D3 P . 21.13 -1.57 -34.11
H8 6D3 P . 20.07 -0.62 -33.49
H10 6D3 P . 23.13 -1.63 -32.07
H11 6D3 P . 22.39 -2.74 -31.17
H12 6D3 P . 22.70 -2.88 -34.01
H13 6D3 P . 24.01 -5.51 -34.02
H14 6D3 P . 22.30 -5.81 -31.78
H15 6D3 P . 22.27 -6.71 -34.32
H16 6D3 P . 20.88 -4.25 -32.55
H17 6D3 P . 21.91 -4.55 -35.09
H18 6D3 P . 24.01 -5.67 -30.33
H19 6D3 P . 29.25 -8.67 -30.70
H20 6D3 P . 28.27 -7.88 -29.74
H21 6D3 P . 28.06 -7.48 -34.91
H23 6D3 P . 20.49 0.21 -31.41
H24 6D3 P . 22.08 -0.10 -31.07
H25 6D3 P . 19.82 -1.40 -29.81
H26 6D3 P . 21.33 -1.77 -29.51
H27 6D3 P . 21.03 0.86 -29.10
H28 6D3 P . 21.48 -0.23 -27.97
H29 6D3 P . 19.73 -0.66 -26.10
H30 6D3 P . 17.06 0.64 -24.69
H31 6D3 P . 15.90 0.04 -25.62
H32 6D3 P . 16.34 -1.37 -23.85
H33 6D3 P . 18.22 -1.92 -23.24
H34 6D3 P . 18.66 -2.30 -24.63
C1 EDO Q . 16.80 -7.51 -26.49
O1 EDO Q . 16.60 -6.28 -25.85
C2 EDO Q . 16.47 -8.63 -25.51
O2 EDO Q . 15.14 -9.02 -25.70
H11 EDO Q . 17.72 -7.58 -26.77
H12 EDO Q . 16.22 -7.57 -27.27
HO1 EDO Q . 17.25 -5.76 -26.03
H21 EDO Q . 16.59 -8.30 -24.60
H22 EDO Q . 17.05 -9.38 -25.66
HO2 EDO Q . 14.78 -9.19 -24.95
C1 EDO R . 8.12 8.94 -26.83
O1 EDO R . 7.60 7.68 -27.13
C2 EDO R . 9.28 9.19 -27.78
O2 EDO R . 9.93 7.97 -27.99
C1 EDO S . 44.17 2.15 -30.12
O1 EDO S . 43.25 1.11 -29.91
C2 EDO S . 43.45 3.50 -30.05
O2 EDO S . 42.90 3.66 -28.77
C1 PEG T . 27.34 20.61 -21.30
O1 PEG T . 28.05 20.62 -20.09
C2 PEG T . 27.01 19.15 -21.63
O2 PEG T . 25.63 18.96 -21.45
C3 PEG T . 25.28 17.66 -21.07
C4 PEG T . 23.92 17.39 -21.67
O4 PEG T . 23.77 18.25 -22.76
H11 PEG T . 27.88 20.99 -22.01
H12 PEG T . 26.52 21.12 -21.21
HO1 PEG T . 28.17 21.43 -19.85
H21 PEG T . 27.51 18.57 -21.04
H22 PEG T . 27.25 18.96 -22.55
H31 PEG T . 25.25 17.59 -20.11
H32 PEG T . 25.93 17.02 -21.43
H41 PEG T . 23.86 16.47 -21.97
H42 PEG T . 23.23 17.57 -21.01
HO4 PEG T . 22.95 18.49 -22.82
C1 M2M U . 22.58 -5.21 -2.14
O1 M2M U . 21.75 -5.63 -1.07
C2 M2M U . 20.94 -6.74 -1.40
C3 M2M U . 20.47 -7.49 -0.14
O2 M2M U . 19.19 -7.02 0.24
C4 M2M U . 18.08 -7.79 -0.20
C5 M2M U . 17.11 -6.88 -0.97
O3 M2M U . 16.77 -7.48 -2.21
C6 M2M U . 15.92 -8.61 -2.09
H11 M2M U . 23.41 -5.47 -1.74
H12 M2M U . 22.82 -5.44 -3.05
H13 M2M U . 22.05 -4.43 -2.38
H21 M2M U . 20.16 -6.43 -1.88
H22 M2M U . 21.44 -7.35 -1.96
H31 M2M U . 21.09 -7.33 0.59
H32 M2M U . 20.42 -8.44 -0.32
H41 M2M U . 18.39 -8.50 -0.79
H42 M2M U . 17.63 -8.18 0.57
H51 M2M U . 16.29 -6.76 -0.45
H52 M2M U . 17.52 -6.01 -1.12
H61 M2M U . 16.32 -9.25 -1.50
H62 M2M U . 15.07 -8.32 -1.74
H63 M2M U . 15.80 -9.00 -2.97
O1 6D3 V . 11.78 8.07 23.44
C1 6D3 V . 11.02 7.10 23.27
C2 6D3 V . 10.66 6.28 24.49
N1 6D3 V . 11.85 5.85 25.10
C3 6D3 V . 9.83 7.13 25.46
C4 6D3 V . 8.36 6.61 25.55
N2 6D3 V . 7.52 7.31 26.46
C5 6D3 V . 7.85 7.07 27.82
C6 6D3 V . 7.62 5.64 28.28
O2 6D3 V . 7.86 5.62 29.71
C7 6D3 V . 6.99 4.61 30.25
C8 6D3 V . 5.75 4.76 29.46
O3 6D3 V . 5.02 3.54 29.44
C9 6D3 V . 6.24 5.12 28.10
O4 6D3 V . 6.27 3.95 27.27
N3 6D3 V . 6.89 4.88 31.62
C10 6D3 V . 6.31 5.94 32.20
N4 6D3 V . 6.45 5.87 33.54
C11 6D3 V . 7.15 4.73 33.83
C12 6D3 V . 7.61 4.12 35.03
N5 6D3 V . 7.36 4.68 36.28
C13 6D3 V . 7.44 4.10 32.60
N6 6D3 V . 8.15 2.94 32.62
C14 6D3 V . 8.56 2.40 33.76
N7 6D3 V . 8.30 2.95 34.94
O5 6D3 V . 10.52 6.77 22.16
C15 6D3 V . 7.59 8.75 26.22
C16 6D3 V . 6.25 9.40 26.60
C17 6D3 V . 6.34 10.84 27.12
N8 6D3 V . 5.54 11.76 26.28
C18 6D3 V . 4.85 12.85 26.72
C19 6D3 V . 4.21 13.44 25.55
N9 6D3 V . 4.59 12.66 24.50
N10 6D3 V . 5.36 11.69 24.97
C20 6D3 V . 3.33 14.70 25.49
C21 6D3 V . 1.90 14.60 26.00
N11 6D3 V . 1.85 14.53 27.41
C22 6D3 V . 1.20 13.40 25.35
O6 6D3 V . 1.34 12.25 25.87
O7 6D3 V . 0.46 13.63 24.31
H1 6D3 V . 10.15 5.49 24.21
H2 6D3 V . 12.24 5.21 24.61
H3 6D3 V . 11.66 5.52 25.93
H5 6D3 V . 10.23 7.10 26.35
H6 6D3 V . 9.82 8.07 25.14
H7 6D3 V . 8.38 5.70 25.81
H8 6D3 V . 7.97 6.67 24.69
H10 6D3 V . 7.31 7.66 28.38
H11 6D3 V . 8.83 7.30 27.95
H12 6D3 V . 8.25 5.05 27.84
H13 6D3 V . 7.38 3.72 30.10
H14 6D3 V . 5.20 5.48 29.83
H15 6D3 V . 5.56 2.90 29.22
H16 6D3 V . 5.65 5.84 27.67
H17 6D3 V . 6.88 3.37 27.60
H18 6D3 V . 5.84 6.67 31.72
H19 6D3 V . 7.81 4.39 37.01
H20 6D3 V . 6.73 5.35 36.35
H21 6D3 V . 9.07 1.54 33.74
H23 6D3 V . 7.78 8.91 25.24
H24 6D3 V . 8.34 9.15 26.79
H25 6D3 V . 5.66 9.39 25.81
H26 6D3 V . 5.83 8.86 27.29
H27 6D3 V . 5.96 10.85 28.00
H28 6D3 V . 7.30 11.15 27.18
H29 6D3 V . 4.78 13.18 27.67
H30 6D3 V . 3.80 15.43 26.01
H31 6D3 V . 3.28 14.98 24.55
H32 6D3 V . 1.43 15.41 25.72
H33 6D3 V . 2.16 15.33 27.78
H34 6D3 V . 1.00 14.39 27.68
C1 EDO W . -2.89 9.14 29.38
O1 EDO W . -4.12 8.91 28.74
C2 EDO W . -1.82 9.41 28.32
O2 EDO W . -1.21 10.64 28.58
H11 EDO W . -2.96 9.91 29.96
H12 EDO W . -2.64 8.35 29.90
HO1 EDO W . -4.63 8.48 29.26
H21 EDO W . -2.23 9.42 27.44
H22 EDO W . -1.15 8.70 28.35
HO2 EDO W . -0.78 10.89 27.90
C1 EDO X . 18.67 27.05 23.96
O1 EDO X . 19.89 27.71 24.09
C2 EDO X . 18.01 27.49 22.66
O2 EDO X . 17.35 26.39 22.10
H11 EDO X . 18.82 26.09 23.95
H12 EDO X . 18.09 27.26 24.71
HO1 EDO X . 20.26 27.50 24.83
H21 EDO X . 18.70 27.81 22.04
H22 EDO X . 17.38 28.20 22.84
HO2 EDO X . 17.32 26.47 21.26
C1 EDO Y . 24.43 7.77 12.76
O1 EDO Y . 25.56 8.58 12.99
C2 EDO Y . 24.84 6.31 12.91
O2 EDO Y . 23.72 5.56 13.33
H11 EDO Y . 23.74 7.99 13.42
H12 EDO Y . 24.09 7.93 11.87
HO1 EDO Y . 25.36 9.39 12.89
H21 EDO Y . 25.15 5.97 12.06
H22 EDO Y . 25.54 6.23 13.57
HO2 EDO Y . 23.83 4.75 13.12
C1 EDO Z . 30.52 18.35 31.65
O1 EDO Z . 31.41 19.22 31.01
C2 EDO Z . 30.70 16.95 31.06
O2 EDO Z . 30.12 16.03 31.94
C1 EDO AA . 3.58 17.37 14.92
O1 EDO AA . 2.84 18.14 14.01
C2 EDO AA . 4.75 16.74 14.17
O2 EDO AA . 5.11 15.57 14.86
O1 6D3 BA . -29.70 13.61 26.14
C1 6D3 BA . -28.95 13.14 27.04
C2 6D3 BA . -29.30 11.79 27.62
N1 6D3 BA . -30.59 11.44 27.24
C3 6D3 BA . -28.31 10.74 27.11
C4 6D3 BA . -26.81 11.09 27.34
N2 6D3 BA . -25.92 9.98 27.21
C5 6D3 BA . -26.13 8.96 28.19
C6 6D3 BA . -26.16 9.42 29.64
O2 6D3 BA . -26.54 8.27 30.46
C7 6D3 BA . -25.66 8.23 31.58
C8 6D3 BA . -24.38 8.82 31.11
O3 6D3 BA . -23.68 9.38 32.19
C9 6D3 BA . -24.83 9.86 30.14
O4 6D3 BA . -24.94 11.12 30.80
N3 6D3 BA . -25.57 6.87 31.98
C10 6D3 BA . -24.97 5.88 31.31
N4 6D3 BA . -25.10 4.73 31.98
C11 6D3 BA . -25.81 4.98 33.11
C12 6D3 BA . -26.27 4.19 34.21
N5 6D3 BA . -26.01 2.83 34.27
C13 6D3 BA . -26.12 6.36 33.11
N6 6D3 BA . -26.83 6.87 34.15
C14 6D3 BA . -27.25 6.09 35.16
N7 6D3 BA . -26.98 4.80 35.20
O5 6D3 BA . -27.94 13.73 27.48
C15 6D3 BA . -26.07 9.42 25.87
C16 6D3 BA . -24.97 8.41 25.51
C17 6D3 BA . -25.15 7.75 24.13
N8 6D3 BA . -24.07 8.19 23.21
C18 6D3 BA . -23.16 7.39 22.59
C19 6D3 BA . -22.31 8.26 21.82
N9 6D3 BA . -22.79 9.52 22.02
N10 6D3 BA . -23.82 9.44 22.85
C20 6D3 BA . -21.11 7.89 20.91
C21 6D3 BA . -19.98 7.09 21.53
N11 6D3 BA . -20.41 5.77 21.85
C22 6D3 BA . -19.40 7.80 22.79
O6 6D3 BA . -18.40 7.25 23.38
O7 6D3 BA . -19.91 8.91 23.19
H1 6D3 BA . -29.25 11.84 28.59
H2 6D3 BA . -30.79 10.60 27.55
H3 6D3 BA . -30.66 11.43 26.34
H5 6D3 BA . -28.50 9.88 27.56
H6 6D3 BA . -28.46 10.62 26.14
H7 6D3 BA . -26.55 11.75 26.72
H8 6D3 BA . -26.71 11.44 28.22
H10 6D3 BA . -26.99 8.52 28.00
H11 6D3 BA . -25.40 8.27 28.10
H12 6D3 BA . -26.80 10.13 29.75
H13 6D3 BA . -26.02 8.76 32.31
H14 6D3 BA . -23.83 8.13 30.65
H15 6D3 BA . -24.24 9.80 32.71
H16 6D3 BA . -24.17 9.92 29.36
H17 6D3 BA . -25.66 11.12 31.33
H18 6D3 BA . -24.49 5.98 30.44
H19 6D3 BA . -26.50 2.29 34.83
H20 6D3 BA . -25.35 2.46 33.74
H21 6D3 BA . -27.76 6.50 35.89
H23 6D3 BA . -26.96 8.98 25.79
H24 6D3 BA . -26.02 10.20 25.20
H25 6D3 BA . -24.10 8.86 25.52
H26 6D3 BA . -24.96 7.71 26.18
H27 6D3 BA . -25.06 6.80 24.26
H28 6D3 BA . -26.07 7.96 23.74
H29 6D3 BA . -23.08 6.39 22.68
H30 6D3 BA . -21.47 7.36 20.14
H31 6D3 BA . -20.73 8.73 20.55
H32 6D3 BA . -19.27 7.03 20.87
H33 6D3 BA . -20.68 5.74 22.73
H34 6D3 BA . -21.10 5.54 21.31
C1 EDO CA . -35.49 3.49 7.83
O1 EDO CA . -35.73 4.82 8.22
C2 EDO CA . -36.36 2.56 8.67
O2 EDO CA . -37.62 2.43 8.06
H11 EDO CA . -35.71 3.38 6.89
H12 EDO CA . -34.55 3.27 7.97
HO1 EDO CA . -35.31 5.35 7.70
H21 EDO CA . -36.48 2.95 9.56
H22 EDO CA . -35.94 1.69 8.75
HO2 EDO CA . -37.95 1.67 8.24
C1 EDO DA . -6.08 -11.22 13.98
O1 EDO DA . -7.25 -10.45 14.04
C2 EDO DA . -6.44 -12.60 13.41
O2 EDO DA . -7.79 -12.86 13.66
H11 EDO DA . -5.71 -11.32 14.87
H12 EDO DA . -5.43 -10.78 13.41
HO1 EDO DA . -7.19 -9.79 13.51
H21 EDO DA . -6.28 -12.60 12.46
H22 EDO DA . -5.88 -13.27 13.83
HO2 EDO DA . -7.85 -13.56 14.15
C1 EDO EA . -15.89 6.78 27.73
O1 EDO EA . -14.81 7.67 27.60
C2 EDO EA . -17.06 7.30 26.90
O2 EDO EA . -16.63 7.51 25.58
C1 PEG FA . -4.12 -13.47 10.88
O1 PEG FA . -4.01 -12.54 11.93
C2 PEG FA . -4.48 -12.69 9.61
O2 PEG FA . -5.83 -12.92 9.31
C3 PEG FA . -6.52 -11.82 8.75
C4 PEG FA . -7.02 -12.20 7.36
O4 PEG FA . -7.89 -13.29 7.44
H11 PEG FA . -3.28 -13.93 10.76
H12 PEG FA . -4.82 -14.10 11.08
HO1 PEG FA . -3.31 -12.70 12.38
H21 PEG FA . -3.93 -13.00 8.89
H22 PEG FA . -4.34 -11.74 9.76
H31 PEG FA . -5.92 -11.07 8.68
H32 PEG FA . -7.28 -11.59 9.32
H41 PEG FA . -7.49 -11.45 6.97
H42 PEG FA . -6.26 -12.43 6.79
HO4 PEG FA . -7.56 -13.96 7.00
#